data_7NC5
#
_entry.id   7NC5
#
_cell.length_a   53.570
_cell.length_b   85.860
_cell.length_c   345.870
_cell.angle_alpha   90.000
_cell.angle_beta   90.000
_cell.angle_gamma   90.000
#
_symmetry.space_group_name_H-M   'P 21 21 21'
#
loop_
_entity.id
_entity.type
_entity.pdbx_description
1 polymer 'Glutathione S-transferase GliG'
2 non-polymer GLUTATHIONE
3 non-polymer 1,2-ETHANEDIOL
4 water water
#
_entity_poly.entity_id   1
_entity_poly.type   'polypeptide(L)'
_entity_poly.pdbx_seq_one_letter_code
;MSGSHHHHHHSGSMSERPSDLVVNRLVLFVVKGTATSTHNTVKPLILLEELGVPHDIYVVEKVSAPWFSEINPHKMVPAI
LDRSPDGRDTLRAWESTSTLMYIADAYDKDGTFGGRNVQERSEINNWLTLHTAALGPTAKYWLYFYKLHPEKLPKTIEKL
RSNITVQYDILERRLNEPGQQYLALKDRPTIADIATLPFAMKSTAELFGLEFEKWPKLQEWSVRMGEREAVKRAWQRVAG
FGHGEKEYGMLEA
;
_entity_poly.pdbx_strand_id   A,B,C,D,E,F
#
loop_
_chem_comp.id
_chem_comp.type
_chem_comp.name
_chem_comp.formula
EDO non-polymer 1,2-ETHANEDIOL 'C2 H6 O2'
GSH non-polymer GLUTATHIONE 'C10 H17 N3 O6 S'
#
# COMPACT_ATOMS: atom_id res chain seq x y z
N SER A 15 -35.04 -6.51 -37.30
CA SER A 15 -36.44 -6.82 -36.84
C SER A 15 -36.45 -7.98 -35.85
N GLU A 16 -35.51 -8.92 -35.95
CA GLU A 16 -35.33 -10.04 -34.98
C GLU A 16 -34.89 -9.45 -33.64
N ARG A 17 -35.44 -9.95 -32.54
CA ARG A 17 -35.12 -9.48 -31.15
C ARG A 17 -33.66 -9.81 -30.85
N PRO A 18 -32.93 -8.97 -30.08
CA PRO A 18 -31.56 -9.28 -29.68
C PRO A 18 -31.50 -10.62 -28.93
N SER A 19 -30.36 -11.32 -29.04
CA SER A 19 -30.11 -12.66 -28.45
C SER A 19 -30.42 -12.65 -26.94
N ASP A 20 -30.08 -11.55 -26.25
CA ASP A 20 -30.12 -11.44 -24.77
C ASP A 20 -31.50 -10.97 -24.28
N LEU A 21 -32.47 -10.75 -25.17
CA LEU A 21 -33.86 -10.36 -24.77
C LEU A 21 -34.70 -11.62 -24.55
N VAL A 22 -34.98 -11.93 -23.28
CA VAL A 22 -35.90 -13.02 -22.84
C VAL A 22 -36.83 -12.47 -21.75
N VAL A 23 -38.05 -13.00 -21.67
CA VAL A 23 -39.11 -12.54 -20.71
C VAL A 23 -39.42 -13.70 -19.75
N ASN A 24 -38.61 -13.86 -18.70
CA ASN A 24 -38.83 -14.80 -17.57
C ASN A 24 -39.49 -14.08 -16.39
N ARG A 25 -39.58 -12.75 -16.48
N ARG A 25 -39.59 -12.74 -16.48
CA ARG A 25 -40.24 -11.86 -15.49
CA ARG A 25 -40.17 -11.83 -15.47
C ARG A 25 -40.42 -10.48 -16.16
C ARG A 25 -40.40 -10.49 -16.15
N LEU A 26 -40.91 -9.48 -15.42
CA LEU A 26 -41.12 -8.11 -15.96
C LEU A 26 -39.77 -7.55 -16.44
N VAL A 27 -39.71 -7.10 -17.70
CA VAL A 27 -38.52 -6.45 -18.31
C VAL A 27 -38.86 -4.98 -18.55
N LEU A 28 -38.15 -4.06 -17.89
CA LEU A 28 -38.30 -2.60 -18.08
C LEU A 28 -37.23 -2.12 -19.06
N PHE A 29 -37.67 -1.56 -20.19
CA PHE A 29 -36.79 -0.97 -21.25
C PHE A 29 -36.48 0.49 -20.89
N VAL A 30 -35.19 0.81 -20.83
CA VAL A 30 -34.64 2.16 -20.49
C VAL A 30 -33.60 2.53 -21.56
N VAL A 31 -33.05 3.75 -21.47
CA VAL A 31 -31.89 4.20 -22.27
C VAL A 31 -30.76 4.59 -21.30
N LYS A 32 -29.59 4.89 -21.86
CA LYS A 32 -28.39 5.32 -21.09
C LYS A 32 -28.78 6.51 -20.21
N GLY A 33 -28.46 6.44 -18.91
CA GLY A 33 -28.88 7.44 -17.89
C GLY A 33 -28.23 8.79 -18.12
N THR A 34 -29.04 9.83 -18.27
CA THR A 34 -28.62 11.26 -18.22
C THR A 34 -29.69 12.06 -17.47
N ALA A 35 -29.42 13.32 -17.14
CA ALA A 35 -30.32 14.23 -16.41
C ALA A 35 -31.66 14.37 -17.15
N THR A 36 -31.68 14.23 -18.48
CA THR A 36 -32.88 14.47 -19.34
C THR A 36 -33.36 13.18 -20.02
N SER A 37 -32.89 11.99 -19.62
CA SER A 37 -33.28 10.70 -20.25
C SER A 37 -34.00 9.76 -19.27
N THR A 38 -34.26 10.21 -18.04
CA THR A 38 -34.68 9.32 -16.92
C THR A 38 -36.00 9.75 -16.27
N HIS A 39 -36.59 10.89 -16.66
CA HIS A 39 -37.74 11.49 -15.94
C HIS A 39 -39.05 10.74 -16.25
N ASN A 40 -39.07 9.91 -17.31
CA ASN A 40 -40.23 9.05 -17.65
C ASN A 40 -39.96 7.60 -17.21
N THR A 41 -38.75 7.08 -17.43
CA THR A 41 -38.38 5.68 -17.09
C THR A 41 -38.34 5.49 -15.57
N VAL A 42 -38.02 6.54 -14.81
CA VAL A 42 -37.95 6.47 -13.32
C VAL A 42 -39.34 6.15 -12.74
N LYS A 43 -40.41 6.51 -13.45
CA LYS A 43 -41.82 6.41 -12.95
C LYS A 43 -42.18 4.96 -12.65
N PRO A 44 -42.18 4.03 -13.63
CA PRO A 44 -42.43 2.62 -13.34
C PRO A 44 -41.40 2.04 -12.35
N LEU A 45 -40.13 2.46 -12.43
CA LEU A 45 -39.04 1.96 -11.56
C LEU A 45 -39.36 2.29 -10.10
N ILE A 46 -39.87 3.49 -9.81
CA ILE A 46 -40.32 3.88 -8.44
C ILE A 46 -41.38 2.88 -7.95
N LEU A 47 -42.40 2.59 -8.75
CA LEU A 47 -43.53 1.70 -8.34
C LEU A 47 -43.01 0.26 -8.14
N LEU A 48 -42.12 -0.21 -9.03
CA LEU A 48 -41.48 -1.54 -8.92
C LEU A 48 -40.73 -1.64 -7.58
N GLU A 49 -40.02 -0.59 -7.20
CA GLU A 49 -39.23 -0.52 -5.94
C GLU A 49 -40.18 -0.45 -4.73
N GLU A 50 -41.28 0.31 -4.84
CA GLU A 50 -42.29 0.47 -3.75
C GLU A 50 -42.92 -0.90 -3.43
N LEU A 51 -43.25 -1.68 -4.47
CA LEU A 51 -43.99 -2.96 -4.36
C LEU A 51 -43.01 -4.14 -4.23
N GLY A 52 -41.73 -3.93 -4.53
CA GLY A 52 -40.69 -4.98 -4.50
C GLY A 52 -40.93 -6.04 -5.57
N VAL A 53 -41.36 -5.60 -6.76
CA VAL A 53 -41.68 -6.49 -7.93
C VAL A 53 -40.36 -6.98 -8.51
N PRO A 54 -40.18 -8.32 -8.70
CA PRO A 54 -38.99 -8.84 -9.37
C PRO A 54 -39.00 -8.40 -10.84
N HIS A 55 -37.86 -7.92 -11.36
CA HIS A 55 -37.78 -7.33 -12.72
C HIS A 55 -36.34 -7.32 -13.24
N ASP A 56 -36.19 -7.28 -14.57
CA ASP A 56 -34.92 -7.09 -15.30
C ASP A 56 -34.92 -5.69 -15.92
N ILE A 57 -33.72 -5.15 -16.19
CA ILE A 57 -33.51 -3.85 -16.89
C ILE A 57 -32.85 -4.13 -18.24
N TYR A 58 -33.43 -3.60 -19.32
CA TYR A 58 -32.87 -3.71 -20.69
C TYR A 58 -32.56 -2.30 -21.22
N VAL A 59 -31.28 -2.02 -21.44
CA VAL A 59 -30.78 -0.70 -21.93
C VAL A 59 -30.82 -0.71 -23.46
N VAL A 60 -31.74 0.05 -24.07
CA VAL A 60 -31.94 0.12 -25.54
C VAL A 60 -30.91 1.09 -26.12
N GLU A 61 -30.12 0.65 -27.09
CA GLU A 61 -29.09 1.48 -27.77
C GLU A 61 -29.80 2.45 -28.73
N LYS A 62 -30.73 1.93 -29.54
CA LYS A 62 -31.47 2.71 -30.57
C LYS A 62 -32.97 2.37 -30.47
N VAL A 63 -33.77 3.32 -30.00
CA VAL A 63 -35.26 3.19 -29.92
C VAL A 63 -35.84 3.19 -31.34
N SER A 64 -35.04 3.55 -32.35
CA SER A 64 -35.42 3.56 -33.80
C SER A 64 -35.33 2.15 -34.40
N ALA A 65 -34.74 1.19 -33.69
CA ALA A 65 -34.55 -0.22 -34.14
C ALA A 65 -35.91 -0.86 -34.37
N PRO A 66 -36.14 -1.50 -35.55
CA PRO A 66 -37.42 -2.14 -35.85
C PRO A 66 -37.96 -3.10 -34.77
N TRP A 67 -37.08 -3.89 -34.14
CA TRP A 67 -37.45 -4.88 -33.10
C TRP A 67 -38.12 -4.16 -31.92
N PHE A 68 -37.66 -2.95 -31.58
CA PHE A 68 -38.19 -2.16 -30.43
C PHE A 68 -39.57 -1.58 -30.78
N SER A 69 -39.81 -1.21 -32.04
CA SER A 69 -41.10 -0.63 -32.50
C SER A 69 -42.22 -1.69 -32.44
N GLU A 70 -41.86 -2.98 -32.48
CA GLU A 70 -42.80 -4.12 -32.30
C GLU A 70 -43.26 -4.18 -30.85
N ILE A 71 -42.46 -3.68 -29.91
CA ILE A 71 -42.80 -3.56 -28.46
C ILE A 71 -43.56 -2.23 -28.25
N ASN A 72 -42.93 -1.10 -28.58
CA ASN A 72 -43.55 0.26 -28.45
C ASN A 72 -43.60 0.91 -29.83
N PRO A 73 -44.79 1.00 -30.48
CA PRO A 73 -44.92 1.65 -31.78
C PRO A 73 -44.55 3.14 -31.75
N HIS A 74 -44.55 3.75 -30.56
CA HIS A 74 -44.21 5.18 -30.33
C HIS A 74 -42.68 5.35 -30.19
N LYS A 75 -41.93 4.24 -30.16
CA LYS A 75 -40.44 4.21 -30.26
C LYS A 75 -39.81 5.06 -29.15
N MET A 76 -40.26 4.86 -27.91
CA MET A 76 -39.72 5.60 -26.73
C MET A 76 -39.68 4.66 -25.52
N VAL A 77 -38.88 5.05 -24.51
CA VAL A 77 -38.84 4.40 -23.17
C VAL A 77 -39.55 5.33 -22.18
N PRO A 78 -40.19 4.80 -21.11
CA PRO A 78 -40.17 3.38 -20.81
C PRO A 78 -41.12 2.52 -21.66
N ALA A 79 -40.77 1.23 -21.79
CA ALA A 79 -41.64 0.14 -22.27
C ALA A 79 -41.44 -1.07 -21.34
N ILE A 80 -42.44 -1.96 -21.29
CA ILE A 80 -42.40 -3.21 -20.49
C ILE A 80 -42.82 -4.39 -21.37
N LEU A 81 -42.10 -5.51 -21.26
CA LEU A 81 -42.59 -6.86 -21.62
C LEU A 81 -42.68 -7.66 -20.32
N ASP A 82 -43.76 -8.43 -20.15
CA ASP A 82 -43.98 -9.27 -18.95
C ASP A 82 -44.77 -10.52 -19.36
N ARG A 83 -44.67 -11.58 -18.55
CA ARG A 83 -45.51 -12.79 -18.67
C ARG A 83 -46.93 -12.45 -18.23
N SER A 84 -47.94 -13.02 -18.89
CA SER A 84 -49.38 -12.93 -18.50
C SER A 84 -49.56 -13.57 -17.13
N PRO A 85 -50.64 -13.24 -16.39
CA PRO A 85 -50.89 -13.85 -15.07
C PRO A 85 -50.74 -15.37 -15.01
N ASP A 86 -51.25 -16.10 -16.01
CA ASP A 86 -51.22 -17.59 -16.08
C ASP A 86 -49.84 -18.06 -16.55
N GLY A 87 -49.03 -17.17 -17.11
CA GLY A 87 -47.61 -17.42 -17.47
C GLY A 87 -47.46 -18.10 -18.83
N ARG A 88 -48.55 -18.17 -19.61
CA ARG A 88 -48.59 -18.90 -20.91
C ARG A 88 -48.31 -17.93 -22.06
N ASP A 89 -48.50 -16.61 -21.85
CA ASP A 89 -48.41 -15.58 -22.92
C ASP A 89 -47.49 -14.44 -22.44
N THR A 90 -47.12 -13.54 -23.37
CA THR A 90 -46.36 -12.30 -23.12
C THR A 90 -47.26 -11.10 -23.46
N LEU A 91 -47.23 -10.05 -22.63
CA LEU A 91 -47.97 -8.79 -22.86
C LEU A 91 -46.99 -7.61 -22.76
N ARG A 92 -47.45 -6.41 -23.10
CA ARG A 92 -46.60 -5.20 -23.20
C ARG A 92 -47.33 -4.00 -22.58
N ALA A 93 -46.55 -3.07 -22.00
CA ALA A 93 -47.02 -1.74 -21.56
C ALA A 93 -46.02 -0.71 -22.09
N TRP A 94 -46.52 0.42 -22.59
CA TRP A 94 -45.70 1.55 -23.11
C TRP A 94 -46.49 2.85 -22.98
N GLU A 95 -45.77 3.98 -22.90
CA GLU A 95 -46.19 5.25 -22.26
C GLU A 95 -46.06 5.09 -20.75
N SER A 96 -45.28 5.97 -20.11
CA SER A 96 -44.96 5.92 -18.65
C SER A 96 -46.25 5.74 -17.82
N THR A 97 -47.30 6.50 -18.13
CA THR A 97 -48.59 6.43 -17.37
C THR A 97 -49.17 5.01 -17.51
N SER A 98 -49.09 4.41 -18.70
CA SER A 98 -49.59 3.04 -18.96
C SER A 98 -48.76 1.99 -18.20
N THR A 99 -47.44 2.18 -18.11
CA THR A 99 -46.54 1.27 -17.36
C THR A 99 -46.94 1.29 -15.87
N LEU A 100 -47.35 2.46 -15.35
CA LEU A 100 -47.81 2.62 -13.94
C LEU A 100 -49.14 1.88 -13.75
N MET A 101 -50.08 2.05 -14.68
N MET A 101 -50.08 2.06 -14.67
CA MET A 101 -51.42 1.41 -14.64
CA MET A 101 -51.42 1.41 -14.67
C MET A 101 -51.27 -0.12 -14.70
C MET A 101 -51.24 -0.11 -14.68
N TYR A 102 -50.38 -0.62 -15.57
CA TYR A 102 -50.11 -2.07 -15.72
C TYR A 102 -49.56 -2.66 -14.42
N ILE A 103 -48.46 -2.09 -13.90
CA ILE A 103 -47.75 -2.61 -12.69
C ILE A 103 -48.75 -2.65 -11.52
N ALA A 104 -49.57 -1.61 -11.37
CA ALA A 104 -50.62 -1.52 -10.32
C ALA A 104 -51.66 -2.64 -10.51
N ASP A 105 -52.09 -2.86 -11.76
CA ASP A 105 -53.09 -3.91 -12.12
C ASP A 105 -52.54 -5.29 -11.76
N ALA A 106 -51.30 -5.58 -12.15
CA ALA A 106 -50.67 -6.92 -12.10
C ALA A 106 -50.10 -7.23 -10.71
N TYR A 107 -49.61 -6.23 -9.98
CA TYR A 107 -48.75 -6.43 -8.78
C TYR A 107 -49.25 -5.67 -7.54
N ASP A 108 -50.19 -4.73 -7.67
CA ASP A 108 -50.73 -3.96 -6.51
C ASP A 108 -52.17 -4.42 -6.24
N LYS A 109 -52.33 -5.62 -5.68
CA LYS A 109 -53.66 -6.25 -5.45
C LYS A 109 -54.35 -5.61 -4.23
N ASP A 110 -53.58 -5.01 -3.32
CA ASP A 110 -54.12 -4.28 -2.13
C ASP A 110 -54.55 -2.86 -2.51
N GLY A 111 -54.24 -2.40 -3.74
CA GLY A 111 -54.59 -1.06 -4.23
C GLY A 111 -53.92 0.04 -3.42
N THR A 112 -52.73 -0.24 -2.86
CA THR A 112 -51.94 0.69 -2.02
C THR A 112 -51.58 1.94 -2.83
N PHE A 113 -51.25 1.77 -4.11
CA PHE A 113 -50.85 2.87 -5.04
C PHE A 113 -51.88 3.06 -6.15
N GLY A 114 -52.71 2.05 -6.43
CA GLY A 114 -53.67 2.05 -7.55
C GLY A 114 -55.06 2.51 -7.13
N GLY A 115 -55.38 2.45 -5.83
CA GLY A 115 -56.68 2.84 -5.27
C GLY A 115 -57.53 1.63 -4.91
N ARG A 116 -58.13 1.63 -3.72
CA ARG A 116 -58.82 0.45 -3.11
C ARG A 116 -60.31 0.46 -3.43
N ASN A 117 -60.86 1.58 -3.91
CA ASN A 117 -62.31 1.72 -4.21
C ASN A 117 -62.53 2.80 -5.27
N VAL A 118 -63.79 2.97 -5.70
CA VAL A 118 -64.20 3.91 -6.77
C VAL A 118 -63.85 5.35 -6.35
N GLN A 119 -64.08 5.71 -5.08
CA GLN A 119 -63.77 7.06 -4.54
C GLN A 119 -62.28 7.36 -4.74
N GLU A 120 -61.40 6.51 -4.21
CA GLU A 120 -59.92 6.69 -4.28
C GLU A 120 -59.50 6.78 -5.76
N ARG A 121 -59.95 5.84 -6.59
CA ARG A 121 -59.54 5.74 -8.02
C ARG A 121 -60.03 6.97 -8.80
N SER A 122 -61.17 7.57 -8.42
CA SER A 122 -61.69 8.80 -9.09
C SER A 122 -60.66 9.93 -8.98
N GLU A 123 -60.11 10.18 -7.79
CA GLU A 123 -59.12 11.27 -7.56
C GLU A 123 -57.75 10.85 -8.11
N ILE A 124 -57.34 9.59 -7.94
CA ILE A 124 -56.04 9.07 -8.48
C ILE A 124 -56.03 9.32 -10.00
N ASN A 125 -57.10 8.97 -10.70
CA ASN A 125 -57.19 9.06 -12.18
C ASN A 125 -57.24 10.52 -12.62
N ASN A 126 -57.90 11.39 -11.84
CA ASN A 126 -57.96 12.86 -12.11
C ASN A 126 -56.54 13.43 -12.16
N TRP A 127 -55.75 13.22 -11.11
CA TRP A 127 -54.40 13.83 -10.96
C TRP A 127 -53.39 13.10 -11.84
N LEU A 128 -53.54 11.79 -12.06
CA LEU A 128 -52.69 11.01 -13.00
C LEU A 128 -52.91 11.53 -14.43
N THR A 129 -54.17 11.68 -14.85
CA THR A 129 -54.54 12.13 -16.22
C THR A 129 -54.11 13.59 -16.42
N LEU A 130 -54.28 14.44 -15.40
CA LEU A 130 -53.84 15.86 -15.47
C LEU A 130 -52.37 15.90 -15.87
N HIS A 131 -51.53 15.08 -15.22
CA HIS A 131 -50.08 15.00 -15.55
C HIS A 131 -49.90 14.47 -16.97
N THR A 132 -50.62 13.41 -17.34
CA THR A 132 -50.47 12.70 -18.65
C THR A 132 -50.84 13.64 -19.79
N ALA A 133 -51.83 14.52 -19.60
CA ALA A 133 -52.43 15.38 -20.66
C ALA A 133 -51.77 16.77 -20.69
N ALA A 134 -51.39 17.31 -19.53
CA ALA A 134 -50.98 18.73 -19.37
C ALA A 134 -49.46 18.84 -19.12
N LEU A 135 -48.99 18.71 -17.88
CA LEU A 135 -47.59 19.02 -17.50
C LEU A 135 -46.62 18.12 -18.29
N GLY A 136 -46.90 16.82 -18.37
CA GLY A 136 -46.06 15.83 -19.07
C GLY A 136 -45.79 16.21 -20.52
N PRO A 137 -46.83 16.29 -21.39
CA PRO A 137 -46.65 16.70 -22.78
C PRO A 137 -46.10 18.13 -22.97
N THR A 138 -46.47 19.07 -22.11
CA THR A 138 -45.99 20.48 -22.13
C THR A 138 -44.48 20.49 -21.85
N ALA A 139 -44.04 19.77 -20.82
CA ALA A 139 -42.61 19.64 -20.42
C ALA A 139 -41.81 19.02 -21.57
N LYS A 140 -42.37 18.00 -22.23
CA LYS A 140 -41.72 17.27 -23.36
C LYS A 140 -41.53 18.22 -24.55
N TYR A 141 -42.57 18.99 -24.89
CA TYR A 141 -42.52 20.00 -25.99
C TYR A 141 -41.51 21.09 -25.62
N TRP A 142 -41.49 21.54 -24.36
CA TRP A 142 -40.53 22.57 -23.88
C TRP A 142 -39.10 22.08 -24.15
N LEU A 143 -38.76 20.86 -23.71
CA LEU A 143 -37.39 20.29 -23.86
C LEU A 143 -37.09 20.14 -25.36
N TYR A 144 -38.06 19.70 -26.16
CA TYR A 144 -37.91 19.47 -27.62
C TYR A 144 -37.46 20.77 -28.31
N PHE A 145 -38.21 21.86 -28.10
CA PHE A 145 -37.94 23.18 -28.77
C PHE A 145 -36.69 23.82 -28.19
N TYR A 146 -36.41 23.61 -26.89
CA TYR A 146 -35.25 24.20 -26.17
C TYR A 146 -33.94 23.57 -26.65
N LYS A 147 -33.90 22.23 -26.83
CA LYS A 147 -32.64 21.46 -27.03
C LYS A 147 -32.61 20.73 -28.37
N LEU A 148 -33.74 20.18 -28.85
CA LEU A 148 -33.76 19.16 -29.93
C LEU A 148 -34.10 19.77 -31.29
N HIS A 149 -35.04 20.73 -31.37
CA HIS A 149 -35.50 21.34 -32.66
C HIS A 149 -34.31 22.05 -33.31
N PRO A 150 -34.12 21.91 -34.66
CA PRO A 150 -32.95 22.48 -35.34
C PRO A 150 -32.82 24.01 -35.24
N GLU A 151 -33.95 24.71 -35.06
CA GLU A 151 -34.02 26.19 -34.91
C GLU A 151 -34.66 26.51 -33.56
N LYS A 152 -34.10 27.49 -32.84
CA LYS A 152 -34.62 27.98 -31.53
C LYS A 152 -35.83 28.88 -31.79
N LEU A 153 -36.98 28.54 -31.22
CA LEU A 153 -38.25 29.32 -31.33
C LEU A 153 -38.60 29.87 -29.96
N PRO A 154 -37.94 30.96 -29.51
CA PRO A 154 -38.05 31.42 -28.12
C PRO A 154 -39.47 31.78 -27.67
N LYS A 155 -40.31 32.28 -28.59
CA LYS A 155 -41.72 32.65 -28.31
C LYS A 155 -42.52 31.39 -27.94
N THR A 156 -42.30 30.29 -28.67
CA THR A 156 -42.91 28.96 -28.40
C THR A 156 -42.41 28.44 -27.04
N ILE A 157 -41.09 28.47 -26.83
CA ILE A 157 -40.43 27.98 -25.58
C ILE A 157 -41.02 28.76 -24.39
N GLU A 158 -41.14 30.09 -24.53
CA GLU A 158 -41.65 30.99 -23.46
C GLU A 158 -43.10 30.63 -23.11
N LYS A 159 -43.95 30.37 -24.11
CA LYS A 159 -45.38 30.04 -23.88
C LYS A 159 -45.48 28.70 -23.13
N LEU A 160 -44.69 27.70 -23.54
CA LEU A 160 -44.66 26.36 -22.89
C LEU A 160 -44.21 26.50 -21.43
N ARG A 161 -43.18 27.33 -21.19
N ARG A 161 -43.18 27.33 -21.19
CA ARG A 161 -42.66 27.64 -19.82
CA ARG A 161 -42.66 27.65 -19.83
C ARG A 161 -43.79 28.26 -18.97
C ARG A 161 -43.78 28.26 -18.98
N SER A 162 -44.53 29.22 -19.55
CA SER A 162 -45.69 29.87 -18.88
C SER A 162 -46.74 28.81 -18.50
N ASN A 163 -47.03 27.88 -19.42
CA ASN A 163 -48.02 26.79 -19.22
C ASN A 163 -47.56 25.87 -18.08
N ILE A 164 -46.25 25.64 -17.92
CA ILE A 164 -45.69 24.83 -16.80
C ILE A 164 -46.05 25.53 -15.47
N THR A 165 -45.88 26.86 -15.38
CA THR A 165 -46.18 27.64 -14.15
C THR A 165 -47.67 27.51 -13.80
N VAL A 166 -48.55 27.44 -14.81
CA VAL A 166 -50.02 27.27 -14.61
C VAL A 166 -50.27 25.89 -13.97
N GLN A 167 -49.58 24.85 -14.44
CA GLN A 167 -49.72 23.47 -13.90
C GLN A 167 -49.21 23.44 -12.45
N TYR A 168 -48.09 24.11 -12.17
CA TYR A 168 -47.52 24.27 -10.80
C TYR A 168 -48.56 24.97 -9.90
N ASP A 169 -49.24 25.99 -10.41
CA ASP A 169 -50.30 26.75 -9.68
C ASP A 169 -51.43 25.79 -9.27
N ILE A 170 -51.85 24.91 -10.18
CA ILE A 170 -52.95 23.91 -9.94
C ILE A 170 -52.50 22.95 -8.82
N LEU A 171 -51.30 22.39 -8.93
CA LEU A 171 -50.75 21.43 -7.94
C LEU A 171 -50.64 22.13 -6.57
N GLU A 172 -50.18 23.38 -6.56
CA GLU A 172 -50.01 24.19 -5.33
C GLU A 172 -51.37 24.40 -4.65
N ARG A 173 -52.41 24.72 -5.42
CA ARG A 173 -53.80 24.92 -4.92
C ARG A 173 -54.27 23.64 -4.21
N ARG A 174 -54.10 22.48 -4.84
CA ARG A 174 -54.50 21.15 -4.32
C ARG A 174 -53.80 20.89 -2.97
N LEU A 175 -52.49 21.13 -2.91
CA LEU A 175 -51.65 20.80 -1.72
C LEU A 175 -51.80 21.88 -0.63
N ASN A 176 -52.60 22.92 -0.89
CA ASN A 176 -52.97 23.95 0.13
C ASN A 176 -54.32 23.59 0.77
N GLU A 177 -55.03 22.59 0.26
CA GLU A 177 -56.33 22.12 0.81
C GLU A 177 -56.07 21.43 2.15
N PRO A 178 -56.97 21.60 3.15
CA PRO A 178 -56.76 21.02 4.48
C PRO A 178 -56.51 19.49 4.47
N GLY A 179 -55.35 19.08 4.98
CA GLY A 179 -54.98 17.66 5.19
C GLY A 179 -54.52 16.97 3.91
N GLN A 180 -54.42 17.71 2.79
CA GLN A 180 -54.08 17.14 1.46
C GLN A 180 -52.56 17.01 1.34
N GLN A 181 -52.00 15.98 1.96
N GLN A 181 -51.99 15.97 1.97
CA GLN A 181 -50.54 15.70 2.04
CA GLN A 181 -50.53 15.72 2.04
C GLN A 181 -50.01 15.24 0.68
C GLN A 181 -50.00 15.23 0.68
N TYR A 182 -50.84 14.55 -0.11
CA TYR A 182 -50.49 14.03 -1.46
C TYR A 182 -51.54 14.52 -2.47
N LEU A 183 -51.28 14.33 -3.76
CA LEU A 183 -52.07 14.97 -4.86
C LEU A 183 -53.49 14.37 -4.92
N ALA A 184 -53.62 13.04 -4.89
CA ALA A 184 -54.91 12.33 -5.05
C ALA A 184 -55.54 12.09 -3.67
N LEU A 185 -54.85 11.37 -2.79
CA LEU A 185 -55.34 10.95 -1.46
C LEU A 185 -54.64 11.77 -0.37
N LYS A 186 -55.32 12.02 0.74
CA LYS A 186 -54.79 12.78 1.90
C LYS A 186 -53.74 11.95 2.65
N ASP A 187 -53.89 10.62 2.64
CA ASP A 187 -53.25 9.69 3.62
C ASP A 187 -51.93 9.12 3.06
N ARG A 188 -51.84 8.85 1.75
CA ARG A 188 -50.66 8.13 1.18
C ARG A 188 -50.45 8.53 -0.28
N PRO A 189 -49.21 8.36 -0.80
CA PRO A 189 -48.93 8.62 -2.22
C PRO A 189 -49.49 7.50 -3.11
N THR A 190 -49.81 7.83 -4.35
CA THR A 190 -50.40 6.92 -5.37
C THR A 190 -49.62 7.08 -6.68
N ILE A 191 -50.02 6.36 -7.73
CA ILE A 191 -49.38 6.44 -9.08
C ILE A 191 -49.53 7.85 -9.66
N ALA A 192 -50.49 8.65 -9.16
CA ALA A 192 -50.65 10.07 -9.51
C ALA A 192 -49.43 10.87 -9.03
N ASP A 193 -49.01 10.64 -7.78
CA ASP A 193 -47.83 11.30 -7.16
C ASP A 193 -46.55 10.86 -7.87
N ILE A 194 -46.42 9.56 -8.16
CA ILE A 194 -45.22 8.97 -8.82
C ILE A 194 -45.06 9.58 -10.21
N ALA A 195 -46.17 9.73 -10.95
CA ALA A 195 -46.20 10.28 -12.33
C ALA A 195 -45.81 11.76 -12.35
N THR A 196 -46.19 12.52 -11.32
CA THR A 196 -46.02 13.99 -11.25
C THR A 196 -44.60 14.35 -10.80
N LEU A 197 -44.03 13.60 -9.84
CA LEU A 197 -42.79 13.99 -9.09
C LEU A 197 -41.66 14.40 -10.04
N PRO A 198 -41.30 13.61 -11.09
CA PRO A 198 -40.13 13.93 -11.91
C PRO A 198 -40.21 15.28 -12.65
N PHE A 199 -41.40 15.84 -12.82
CA PHE A 199 -41.63 17.13 -13.53
C PHE A 199 -42.00 18.24 -12.54
N ALA A 200 -42.05 17.92 -11.24
CA ALA A 200 -42.41 18.84 -10.15
C ALA A 200 -41.46 18.63 -8.96
N MET A 201 -40.17 18.90 -9.19
CA MET A 201 -39.10 18.90 -8.16
C MET A 201 -38.09 20.00 -8.50
N LYS A 202 -37.27 20.41 -7.52
CA LYS A 202 -36.43 21.63 -7.61
C LYS A 202 -35.50 21.56 -8.83
N SER A 203 -34.83 20.41 -9.05
CA SER A 203 -33.86 20.21 -10.15
C SER A 203 -34.53 20.46 -11.51
N THR A 204 -35.73 19.92 -11.71
CA THR A 204 -36.50 20.06 -12.99
C THR A 204 -36.99 21.52 -13.13
N ALA A 205 -37.46 22.12 -12.05
CA ALA A 205 -37.90 23.54 -12.00
C ALA A 205 -36.74 24.46 -12.43
N GLU A 206 -35.53 24.18 -11.92
CA GLU A 206 -34.28 24.93 -12.25
C GLU A 206 -33.98 24.79 -13.74
N LEU A 207 -34.12 23.58 -14.30
CA LEU A 207 -33.92 23.30 -15.75
C LEU A 207 -34.88 24.18 -16.58
N PHE A 208 -36.13 24.34 -16.14
CA PHE A 208 -37.17 25.15 -16.82
C PHE A 208 -36.93 26.66 -16.61
N GLY A 209 -35.98 27.03 -15.74
CA GLY A 209 -35.64 28.42 -15.42
C GLY A 209 -36.64 29.04 -14.46
N LEU A 210 -37.18 28.24 -13.54
CA LEU A 210 -38.22 28.65 -12.55
C LEU A 210 -37.64 28.57 -11.14
N GLU A 211 -38.13 29.44 -10.24
CA GLU A 211 -37.78 29.42 -8.79
C GLU A 211 -38.85 28.60 -8.06
N PHE A 212 -38.52 27.36 -7.70
CA PHE A 212 -39.47 26.34 -7.18
C PHE A 212 -40.04 26.77 -5.82
N GLU A 213 -39.37 27.72 -5.14
CA GLU A 213 -39.77 28.28 -3.82
C GLU A 213 -41.10 29.03 -3.93
N LYS A 214 -41.46 29.51 -5.13
CA LYS A 214 -42.72 30.26 -5.41
C LYS A 214 -43.94 29.35 -5.21
N TRP A 215 -43.74 28.03 -5.15
CA TRP A 215 -44.80 27.02 -4.87
C TRP A 215 -44.42 26.22 -3.63
N PRO A 216 -44.59 26.80 -2.41
CA PRO A 216 -44.04 26.20 -1.19
C PRO A 216 -44.60 24.82 -0.83
N LYS A 217 -45.92 24.61 -0.94
CA LYS A 217 -46.58 23.32 -0.60
C LYS A 217 -46.17 22.25 -1.63
N LEU A 218 -46.01 22.63 -2.89
CA LEU A 218 -45.53 21.74 -3.98
C LEU A 218 -44.09 21.31 -3.69
N GLN A 219 -43.23 22.25 -3.27
CA GLN A 219 -41.81 21.97 -2.92
C GLN A 219 -41.78 21.01 -1.73
N GLU A 220 -42.55 21.29 -0.68
CA GLU A 220 -42.66 20.45 0.55
C GLU A 220 -43.09 19.03 0.16
N TRP A 221 -44.05 18.91 -0.75
CA TRP A 221 -44.58 17.60 -1.26
C TRP A 221 -43.45 16.84 -1.97
N SER A 222 -42.68 17.53 -2.82
CA SER A 222 -41.57 16.94 -3.62
C SER A 222 -40.50 16.36 -2.69
N VAL A 223 -40.22 17.04 -1.56
CA VAL A 223 -39.23 16.60 -0.53
C VAL A 223 -39.80 15.39 0.22
N ARG A 224 -41.10 15.40 0.55
CA ARG A 224 -41.82 14.29 1.24
C ARG A 224 -41.72 13.02 0.39
N MET A 225 -42.01 13.14 -0.92
CA MET A 225 -41.90 12.02 -1.90
C MET A 225 -40.43 11.57 -2.00
N GLY A 226 -39.50 12.53 -2.07
CA GLY A 226 -38.06 12.28 -2.23
C GLY A 226 -37.45 11.52 -1.06
N GLU A 227 -38.05 11.62 0.13
CA GLU A 227 -37.55 10.98 1.38
C GLU A 227 -37.88 9.49 1.38
N ARG A 228 -38.82 9.04 0.54
CA ARG A 228 -39.24 7.61 0.44
C ARG A 228 -38.05 6.78 -0.08
N GLU A 229 -37.75 5.67 0.59
CA GLU A 229 -36.58 4.79 0.27
C GLU A 229 -36.68 4.26 -1.16
N ALA A 230 -37.89 3.89 -1.61
CA ALA A 230 -38.15 3.36 -2.96
C ALA A 230 -37.82 4.42 -4.03
N VAL A 231 -38.15 5.69 -3.75
CA VAL A 231 -37.89 6.84 -4.67
C VAL A 231 -36.36 7.08 -4.74
N LYS A 232 -35.67 7.03 -3.60
CA LYS A 232 -34.19 7.17 -3.52
C LYS A 232 -33.54 6.08 -4.37
N ARG A 233 -33.95 4.82 -4.20
CA ARG A 233 -33.38 3.64 -4.90
C ARG A 233 -33.58 3.80 -6.42
N ALA A 234 -34.77 4.24 -6.85
CA ALA A 234 -35.15 4.42 -8.28
C ALA A 234 -34.21 5.46 -8.93
N TRP A 235 -34.04 6.63 -8.31
CA TRP A 235 -33.20 7.74 -8.85
C TRP A 235 -31.74 7.29 -8.96
N GLN A 236 -31.22 6.59 -7.94
CA GLN A 236 -29.81 6.13 -7.90
C GLN A 236 -29.56 5.11 -9.02
N ARG A 237 -30.50 4.19 -9.25
CA ARG A 237 -30.36 3.10 -10.24
C ARG A 237 -30.50 3.64 -11.66
N VAL A 238 -31.50 4.48 -11.93
CA VAL A 238 -31.87 4.94 -13.29
C VAL A 238 -30.71 5.76 -13.88
N ALA A 239 -29.97 6.49 -13.05
CA ALA A 239 -28.80 7.31 -13.46
C ALA A 239 -27.66 6.41 -13.98
N GLY A 240 -27.54 5.19 -13.44
CA GLY A 240 -26.40 4.28 -13.68
C GLY A 240 -26.59 3.38 -14.90
N PHE A 241 -27.83 3.15 -15.34
CA PHE A 241 -28.13 2.23 -16.46
C PHE A 241 -27.33 2.66 -17.70
N GLY A 242 -26.52 1.74 -18.24
CA GLY A 242 -25.70 1.96 -19.45
C GLY A 242 -24.30 2.47 -19.16
N HIS A 243 -23.99 2.76 -17.90
CA HIS A 243 -22.66 3.28 -17.45
C HIS A 243 -21.89 2.19 -16.70
N GLY A 244 -22.48 1.00 -16.53
CA GLY A 244 -21.87 -0.15 -15.82
C GLY A 244 -20.97 -0.96 -16.73
N GLU A 245 -20.67 -2.21 -16.33
CA GLU A 245 -19.79 -3.14 -17.08
C GLU A 245 -20.43 -3.50 -18.43
N LYS A 246 -21.76 -3.48 -18.51
CA LYS A 246 -22.54 -3.71 -19.76
C LYS A 246 -23.22 -2.39 -20.16
N GLU A 247 -22.90 -1.89 -21.36
CA GLU A 247 -23.38 -0.58 -21.88
C GLU A 247 -24.84 -0.72 -22.36
N TYR A 248 -25.11 -1.66 -23.27
CA TYR A 248 -26.45 -1.88 -23.88
C TYR A 248 -26.87 -3.34 -23.70
N GLY A 249 -28.17 -3.59 -23.76
CA GLY A 249 -28.77 -4.94 -23.70
C GLY A 249 -29.27 -5.27 -22.30
N MET A 250 -29.46 -6.56 -22.01
CA MET A 250 -30.02 -7.07 -20.73
C MET A 250 -28.94 -6.94 -19.65
N LEU A 251 -29.19 -6.12 -18.63
CA LEU A 251 -28.25 -5.91 -17.50
C LEU A 251 -28.26 -7.16 -16.61
N GLU A 252 -27.10 -7.53 -16.08
CA GLU A 252 -26.93 -8.70 -15.18
C GLU A 252 -27.30 -8.28 -13.75
N ALA A 253 -28.31 -8.94 -13.17
CA ALA A 253 -28.82 -8.69 -11.81
C ALA A 253 -27.84 -9.28 -10.78
N GLU B 16 -70.15 29.21 -3.74
CA GLU B 16 -71.59 28.78 -3.80
C GLU B 16 -71.90 28.28 -5.22
N ARG B 17 -72.54 27.10 -5.31
CA ARG B 17 -72.97 26.48 -6.59
C ARG B 17 -74.26 27.14 -7.06
N PRO B 18 -74.55 27.17 -8.38
CA PRO B 18 -75.85 27.63 -8.87
C PRO B 18 -77.00 26.79 -8.28
N SER B 19 -78.15 27.43 -8.06
CA SER B 19 -79.34 26.85 -7.38
C SER B 19 -79.84 25.59 -8.13
N ASP B 20 -79.64 25.52 -9.45
CA ASP B 20 -80.14 24.41 -10.30
C ASP B 20 -79.13 23.25 -10.35
N LEU B 21 -77.96 23.38 -9.74
CA LEU B 21 -76.93 22.29 -9.70
C LEU B 21 -77.20 21.40 -8.50
N VAL B 22 -77.82 20.24 -8.74
CA VAL B 22 -78.06 19.17 -7.73
C VAL B 22 -77.55 17.85 -8.33
N VAL B 23 -77.09 16.92 -7.48
CA VAL B 23 -76.48 15.62 -7.90
C VAL B 23 -77.37 14.48 -7.39
N ASN B 24 -78.42 14.16 -8.16
CA ASN B 24 -79.35 13.02 -7.90
C ASN B 24 -78.91 11.81 -8.74
N ARG B 25 -77.96 12.02 -9.64
CA ARG B 25 -77.36 11.00 -10.55
C ARG B 25 -76.11 11.62 -11.17
N LEU B 26 -75.42 10.90 -12.06
CA LEU B 26 -74.21 11.42 -12.76
C LEU B 26 -74.60 12.71 -13.49
N VAL B 27 -73.85 13.78 -13.27
CA VAL B 27 -74.01 15.09 -13.98
C VAL B 27 -72.78 15.30 -14.86
N LEU B 28 -72.98 15.39 -16.18
CA LEU B 28 -71.92 15.70 -17.17
C LEU B 28 -71.95 17.20 -17.47
N PHE B 29 -70.84 17.90 -17.19
CA PHE B 29 -70.66 19.35 -17.46
C PHE B 29 -70.11 19.51 -18.88
N VAL B 30 -70.82 20.32 -19.68
CA VAL B 30 -70.49 20.64 -21.10
C VAL B 30 -70.56 22.16 -21.27
N VAL B 31 -70.27 22.63 -22.48
CA VAL B 31 -70.50 24.05 -22.90
C VAL B 31 -71.45 24.03 -24.10
N LYS B 32 -71.88 25.20 -24.55
CA LYS B 32 -72.77 25.37 -25.74
C LYS B 32 -72.12 24.63 -26.92
N GLY B 33 -72.90 23.81 -27.65
CA GLY B 33 -72.43 22.98 -28.77
C GLY B 33 -71.96 23.83 -29.95
N THR B 34 -70.70 23.65 -30.36
CA THR B 34 -70.11 24.25 -31.59
C THR B 34 -69.13 23.26 -32.22
N ALA B 35 -68.64 23.57 -33.43
CA ALA B 35 -67.70 22.74 -34.21
C ALA B 35 -66.46 22.39 -33.39
N THR B 36 -66.03 23.29 -32.50
CA THR B 36 -64.72 23.23 -31.80
C THR B 36 -64.87 23.06 -30.27
N SER B 37 -66.08 22.83 -29.76
CA SER B 37 -66.36 22.81 -28.29
C SER B 37 -66.78 21.42 -27.80
N THR B 38 -66.84 20.40 -28.68
CA THR B 38 -67.55 19.12 -28.42
C THR B 38 -66.61 17.89 -28.49
N HIS B 39 -65.39 18.03 -28.98
CA HIS B 39 -64.51 16.88 -29.33
C HIS B 39 -63.99 16.15 -28.08
N ASN B 40 -64.03 16.79 -26.91
CA ASN B 40 -63.63 16.17 -25.62
C ASN B 40 -64.88 15.74 -24.83
N THR B 41 -65.91 16.59 -24.76
CA THR B 41 -67.16 16.33 -24.00
C THR B 41 -67.92 15.14 -24.60
N VAL B 42 -67.78 14.89 -25.91
CA VAL B 42 -68.47 13.77 -26.62
C VAL B 42 -67.94 12.42 -26.11
N LYS B 43 -66.71 12.37 -25.58
CA LYS B 43 -66.03 11.11 -25.18
C LYS B 43 -66.79 10.44 -24.04
N PRO B 44 -66.97 11.08 -22.85
CA PRO B 44 -67.78 10.47 -21.78
C PRO B 44 -69.24 10.21 -22.20
N LEU B 45 -69.81 11.10 -23.02
CA LEU B 45 -71.22 10.97 -23.49
C LEU B 45 -71.37 9.67 -24.30
N ILE B 46 -70.43 9.36 -25.19
CA ILE B 46 -70.43 8.09 -25.98
C ILE B 46 -70.52 6.90 -25.02
N LEU B 47 -69.71 6.88 -23.96
CA LEU B 47 -69.64 5.73 -23.01
C LEU B 47 -70.94 5.66 -22.19
N LEU B 48 -71.48 6.81 -21.78
CA LEU B 48 -72.78 6.90 -21.05
C LEU B 48 -73.90 6.29 -21.92
N GLU B 49 -73.88 6.59 -23.23
CA GLU B 49 -74.88 6.09 -24.21
C GLU B 49 -74.68 4.59 -24.45
N GLU B 50 -73.42 4.14 -24.58
CA GLU B 50 -73.07 2.70 -24.81
C GLU B 50 -73.59 1.84 -23.65
N LEU B 51 -73.39 2.28 -22.41
CA LEU B 51 -73.70 1.50 -21.18
C LEU B 51 -75.13 1.78 -20.71
N GLY B 52 -75.78 2.82 -21.24
CA GLY B 52 -77.13 3.25 -20.82
C GLY B 52 -77.13 3.74 -19.38
N VAL B 53 -76.14 4.55 -19.00
CA VAL B 53 -75.98 5.13 -17.64
C VAL B 53 -76.96 6.30 -17.49
N PRO B 54 -77.81 6.33 -16.45
CA PRO B 54 -78.65 7.49 -16.18
C PRO B 54 -77.77 8.70 -15.85
N HIS B 55 -78.03 9.85 -16.46
CA HIS B 55 -77.19 11.06 -16.30
C HIS B 55 -77.99 12.34 -16.62
N ASP B 56 -77.53 13.47 -16.06
CA ASP B 56 -78.03 14.83 -16.36
C ASP B 56 -76.94 15.58 -17.14
N ILE B 57 -77.33 16.63 -17.87
CA ILE B 57 -76.40 17.52 -18.63
C ILE B 57 -76.48 18.93 -18.02
N TYR B 58 -75.34 19.48 -17.60
CA TYR B 58 -75.21 20.88 -17.11
C TYR B 58 -74.34 21.68 -18.09
N VAL B 59 -74.96 22.67 -18.75
CA VAL B 59 -74.29 23.56 -19.74
C VAL B 59 -73.68 24.73 -18.98
N VAL B 60 -72.34 24.77 -18.92
CA VAL B 60 -71.57 25.81 -18.19
C VAL B 60 -71.43 27.04 -19.10
N GLU B 61 -71.93 28.20 -18.66
CA GLU B 61 -71.82 29.48 -19.41
C GLU B 61 -70.36 29.93 -19.41
N LYS B 62 -69.69 29.87 -18.26
CA LYS B 62 -68.30 30.36 -18.05
C LYS B 62 -67.51 29.34 -17.22
N VAL B 63 -66.55 28.66 -17.85
CA VAL B 63 -65.65 27.68 -17.18
C VAL B 63 -64.68 28.41 -16.24
N SER B 64 -64.61 29.75 -16.33
CA SER B 64 -63.76 30.63 -15.48
C SER B 64 -64.45 30.89 -14.13
N ALA B 65 -65.73 30.52 -13.98
CA ALA B 65 -66.54 30.74 -12.76
C ALA B 65 -65.89 30.03 -11.57
N PRO B 66 -65.66 30.73 -10.44
CA PRO B 66 -65.07 30.10 -9.24
C PRO B 66 -65.72 28.78 -8.83
N TRP B 67 -67.06 28.69 -8.86
CA TRP B 67 -67.81 27.47 -8.45
C TRP B 67 -67.36 26.28 -9.30
N PHE B 68 -67.06 26.50 -10.59
CA PHE B 68 -66.68 25.42 -11.53
C PHE B 68 -65.24 24.95 -11.27
N SER B 69 -64.33 25.84 -10.86
CA SER B 69 -62.91 25.50 -10.59
C SER B 69 -62.81 24.61 -9.34
N GLU B 70 -63.82 24.66 -8.46
CA GLU B 70 -63.94 23.75 -7.28
C GLU B 70 -64.22 22.31 -7.75
N ILE B 71 -64.89 22.16 -8.90
CA ILE B 71 -65.18 20.84 -9.54
C ILE B 71 -63.96 20.42 -10.37
N ASN B 72 -63.52 21.27 -11.31
CA ASN B 72 -62.33 21.00 -12.17
C ASN B 72 -61.32 22.13 -12.02
N PRO B 73 -60.17 21.91 -11.32
CA PRO B 73 -59.17 22.96 -11.14
C PRO B 73 -58.54 23.44 -12.46
N HIS B 74 -58.64 22.61 -13.51
CA HIS B 74 -58.09 22.90 -14.86
C HIS B 74 -59.08 23.76 -15.67
N LYS B 75 -60.28 23.99 -15.14
CA LYS B 75 -61.28 24.98 -15.63
C LYS B 75 -61.66 24.66 -17.09
N MET B 76 -61.99 23.41 -17.38
CA MET B 76 -62.41 22.96 -18.73
C MET B 76 -63.52 21.90 -18.63
N VAL B 77 -64.22 21.67 -19.74
CA VAL B 77 -65.18 20.55 -19.91
C VAL B 77 -64.51 19.50 -20.81
N PRO B 78 -64.82 18.20 -20.65
CA PRO B 78 -65.82 17.74 -19.69
C PRO B 78 -65.36 17.64 -18.22
N ALA B 79 -66.33 17.71 -17.31
CA ALA B 79 -66.20 17.36 -15.89
C ALA B 79 -67.46 16.59 -15.46
N ILE B 80 -67.36 15.81 -14.39
CA ILE B 80 -68.48 14.99 -13.84
C ILE B 80 -68.55 15.21 -12.34
N LEU B 81 -69.77 15.35 -11.80
CA LEU B 81 -70.11 15.11 -10.38
C LEU B 81 -71.05 13.90 -10.34
N ASP B 82 -70.83 13.00 -9.38
CA ASP B 82 -71.67 11.77 -9.21
C ASP B 82 -71.68 11.39 -7.72
N ARG B 83 -72.71 10.66 -7.31
CA ARG B 83 -72.81 10.04 -5.96
C ARG B 83 -71.87 8.83 -5.93
N SER B 84 -71.09 8.68 -4.87
CA SER B 84 -70.23 7.49 -4.64
C SER B 84 -71.14 6.27 -4.55
N PRO B 85 -70.65 5.05 -4.88
CA PRO B 85 -71.49 3.84 -4.84
C PRO B 85 -72.23 3.62 -3.51
N ASP B 86 -71.59 3.98 -2.39
CA ASP B 86 -72.15 3.83 -1.02
C ASP B 86 -72.93 5.10 -0.62
N GLY B 87 -72.90 6.14 -1.47
CA GLY B 87 -73.66 7.39 -1.28
C GLY B 87 -73.00 8.34 -0.28
N ARG B 88 -71.83 7.98 0.26
CA ARG B 88 -71.16 8.70 1.38
C ARG B 88 -70.52 10.01 0.88
N ASP B 89 -70.06 10.04 -0.37
CA ASP B 89 -69.32 11.19 -0.95
C ASP B 89 -69.91 11.61 -2.30
N THR B 90 -69.72 12.86 -2.68
CA THR B 90 -69.84 13.34 -4.08
C THR B 90 -68.47 13.19 -4.75
N LEU B 91 -68.38 12.31 -5.76
CA LEU B 91 -67.13 12.08 -6.54
C LEU B 91 -67.09 13.07 -7.70
N ARG B 92 -65.88 13.39 -8.18
CA ARG B 92 -65.66 14.24 -9.37
C ARG B 92 -64.69 13.53 -10.32
N ALA B 93 -64.89 13.70 -11.62
CA ALA B 93 -63.95 13.29 -12.68
C ALA B 93 -63.77 14.47 -13.64
N TRP B 94 -62.52 14.77 -14.00
CA TRP B 94 -62.17 15.85 -14.96
C TRP B 94 -60.89 15.46 -15.70
N GLU B 95 -60.70 16.03 -16.89
CA GLU B 95 -59.88 15.47 -18.00
C GLU B 95 -60.71 14.37 -18.67
N SER B 96 -60.91 14.46 -19.99
CA SER B 96 -61.79 13.56 -20.77
C SER B 96 -61.40 12.09 -20.53
N THR B 97 -60.10 11.78 -20.51
CA THR B 97 -59.60 10.39 -20.28
C THR B 97 -60.03 9.92 -18.90
N SER B 98 -59.92 10.77 -17.87
CA SER B 98 -60.32 10.47 -16.47
C SER B 98 -61.84 10.22 -16.38
N THR B 99 -62.65 10.96 -17.14
CA THR B 99 -64.13 10.78 -17.15
C THR B 99 -64.46 9.39 -17.69
N LEU B 100 -63.73 8.93 -18.72
CA LEU B 100 -63.91 7.57 -19.31
C LEU B 100 -63.52 6.49 -18.28
N MET B 101 -62.40 6.69 -17.58
N MET B 101 -62.42 6.69 -17.57
CA MET B 101 -61.90 5.78 -16.53
CA MET B 101 -61.92 5.74 -16.53
C MET B 101 -62.94 5.68 -15.41
C MET B 101 -62.92 5.67 -15.38
N TYR B 102 -63.51 6.81 -14.98
CA TYR B 102 -64.49 6.88 -13.87
C TYR B 102 -65.79 6.13 -14.25
N ILE B 103 -66.35 6.44 -15.42
CA ILE B 103 -67.63 5.83 -15.90
C ILE B 103 -67.42 4.30 -15.99
N ALA B 104 -66.30 3.86 -16.57
CA ALA B 104 -65.93 2.43 -16.72
C ALA B 104 -65.85 1.76 -15.34
N ASP B 105 -65.18 2.41 -14.39
CA ASP B 105 -64.98 1.89 -13.00
C ASP B 105 -66.34 1.72 -12.33
N ALA B 106 -67.20 2.76 -12.38
CA ALA B 106 -68.47 2.83 -11.61
C ALA B 106 -69.58 2.03 -12.31
N TYR B 107 -69.60 1.95 -13.64
CA TYR B 107 -70.79 1.52 -14.43
C TYR B 107 -70.49 0.35 -15.39
N ASP B 108 -69.24 0.14 -15.83
CA ASP B 108 -68.89 -0.96 -16.78
C ASP B 108 -68.54 -2.21 -15.97
N LYS B 109 -69.55 -2.86 -15.40
CA LYS B 109 -69.44 -4.00 -14.45
C LYS B 109 -68.69 -5.17 -15.13
N ASP B 110 -68.93 -5.40 -16.42
CA ASP B 110 -68.42 -6.57 -17.18
C ASP B 110 -67.11 -6.24 -17.90
N GLY B 111 -66.61 -5.01 -17.76
CA GLY B 111 -65.39 -4.52 -18.45
C GLY B 111 -65.51 -4.63 -19.96
N THR B 112 -66.71 -4.38 -20.51
CA THR B 112 -67.01 -4.42 -21.96
C THR B 112 -66.16 -3.36 -22.69
N PHE B 113 -65.97 -2.19 -22.06
CA PHE B 113 -65.19 -1.04 -22.62
C PHE B 113 -63.91 -0.82 -21.80
N GLY B 114 -63.86 -1.28 -20.55
CA GLY B 114 -62.73 -1.04 -19.63
C GLY B 114 -61.70 -2.17 -19.66
N GLY B 115 -62.08 -3.37 -20.09
CA GLY B 115 -61.23 -4.57 -20.12
C GLY B 115 -61.57 -5.53 -18.98
N ARG B 116 -61.62 -6.83 -19.27
CA ARG B 116 -62.10 -7.92 -18.37
C ARG B 116 -60.95 -8.54 -17.57
N ASN B 117 -59.71 -8.44 -18.08
CA ASN B 117 -58.53 -9.11 -17.48
C ASN B 117 -57.29 -8.24 -17.68
N VAL B 118 -56.19 -8.61 -17.02
CA VAL B 118 -54.90 -7.85 -17.00
C VAL B 118 -54.40 -7.67 -18.44
N GLN B 119 -54.50 -8.73 -19.26
CA GLN B 119 -54.00 -8.74 -20.67
C GLN B 119 -54.78 -7.71 -21.51
N GLU B 120 -56.11 -7.75 -21.45
CA GLU B 120 -56.99 -6.79 -22.17
C GLU B 120 -56.66 -5.36 -21.74
N ARG B 121 -56.59 -5.12 -20.43
CA ARG B 121 -56.38 -3.77 -19.83
C ARG B 121 -54.98 -3.24 -20.21
N SER B 122 -53.98 -4.12 -20.36
CA SER B 122 -52.60 -3.74 -20.74
C SER B 122 -52.63 -3.01 -22.09
N GLU B 123 -53.36 -3.55 -23.08
CA GLU B 123 -53.47 -2.95 -24.44
C GLU B 123 -54.40 -1.73 -24.39
N ILE B 124 -55.55 -1.82 -23.70
CA ILE B 124 -56.52 -0.70 -23.59
C ILE B 124 -55.79 0.53 -23.05
N ASN B 125 -55.00 0.35 -21.99
CA ASN B 125 -54.30 1.47 -21.29
C ASN B 125 -53.17 2.00 -22.18
N ASN B 126 -52.54 1.14 -23.00
CA ASN B 126 -51.48 1.56 -23.95
C ASN B 126 -52.07 2.58 -24.94
N TRP B 127 -53.15 2.22 -25.63
CA TRP B 127 -53.74 3.02 -26.74
C TRP B 127 -54.51 4.22 -26.18
N LEU B 128 -55.13 4.08 -25.01
CA LEU B 128 -55.79 5.20 -24.28
C LEU B 128 -54.73 6.24 -23.90
N THR B 129 -53.63 5.81 -23.29
CA THR B 129 -52.54 6.71 -22.80
C THR B 129 -51.84 7.36 -24.01
N LEU B 130 -51.68 6.62 -25.12
CA LEU B 130 -51.06 7.17 -26.36
C LEU B 130 -51.85 8.40 -26.79
N HIS B 131 -53.18 8.32 -26.80
CA HIS B 131 -54.07 9.46 -27.14
C HIS B 131 -53.92 10.56 -26.10
N THR B 132 -53.96 10.21 -24.81
CA THR B 132 -53.94 11.17 -23.67
C THR B 132 -52.65 12.00 -23.69
N ALA B 133 -51.52 11.41 -24.10
CA ALA B 133 -50.16 11.99 -23.99
C ALA B 133 -49.70 12.62 -25.32
N ALA B 134 -50.06 12.01 -26.46
CA ALA B 134 -49.52 12.37 -27.79
C ALA B 134 -50.57 13.13 -28.62
N LEU B 135 -51.49 12.44 -29.31
CA LEU B 135 -52.42 13.06 -30.29
C LEU B 135 -53.29 14.12 -29.61
N GLY B 136 -53.87 13.79 -28.45
CA GLY B 136 -54.73 14.70 -27.68
C GLY B 136 -54.07 16.05 -27.44
N PRO B 137 -52.97 16.12 -26.65
CA PRO B 137 -52.26 17.37 -26.40
C PRO B 137 -51.65 18.05 -27.63
N THR B 138 -51.18 17.28 -28.62
CA THR B 138 -50.60 17.79 -29.89
C THR B 138 -51.69 18.53 -30.67
N ALA B 139 -52.89 17.91 -30.78
CA ALA B 139 -54.09 18.48 -31.44
C ALA B 139 -54.50 19.77 -30.73
N LYS B 140 -54.50 19.77 -29.40
CA LYS B 140 -54.91 20.93 -28.57
C LYS B 140 -53.94 22.10 -28.78
N TYR B 141 -52.63 21.82 -28.81
CA TYR B 141 -51.57 22.84 -29.02
C TYR B 141 -51.64 23.36 -30.46
N TRP B 142 -51.91 22.48 -31.43
CA TRP B 142 -52.08 22.89 -32.85
C TRP B 142 -53.23 23.90 -32.94
N LEU B 143 -54.38 23.58 -32.35
CA LEU B 143 -55.60 24.43 -32.38
C LEU B 143 -55.30 25.75 -31.67
N TYR B 144 -54.61 25.71 -30.52
CA TYR B 144 -54.25 26.91 -29.71
C TYR B 144 -53.44 27.90 -30.56
N PHE B 145 -52.35 27.43 -31.17
CA PHE B 145 -51.38 28.27 -31.93
C PHE B 145 -52.01 28.71 -33.26
N TYR B 146 -52.85 27.87 -33.86
CA TYR B 146 -53.53 28.13 -35.16
C TYR B 146 -54.59 29.23 -34.98
N LYS B 147 -55.35 29.20 -33.89
CA LYS B 147 -56.59 30.02 -33.70
C LYS B 147 -56.44 31.03 -32.54
N LEU B 148 -55.94 30.60 -31.38
CA LEU B 148 -56.16 31.31 -30.08
C LEU B 148 -54.96 32.20 -29.71
N HIS B 149 -53.72 31.78 -29.98
CA HIS B 149 -52.51 32.56 -29.60
C HIS B 149 -52.54 33.91 -30.30
N PRO B 150 -52.27 35.04 -29.59
CA PRO B 150 -52.37 36.37 -30.18
C PRO B 150 -51.46 36.57 -31.40
N GLU B 151 -50.32 35.85 -31.42
CA GLU B 151 -49.32 35.89 -32.51
C GLU B 151 -49.38 34.57 -33.29
N LYS B 152 -49.20 34.64 -34.61
CA LYS B 152 -49.14 33.45 -35.50
C LYS B 152 -47.69 32.96 -35.56
N LEU B 153 -47.48 31.68 -35.22
CA LEU B 153 -46.15 31.02 -35.17
C LEU B 153 -46.16 29.83 -36.12
N PRO B 154 -46.07 30.06 -37.45
CA PRO B 154 -46.29 29.01 -38.44
C PRO B 154 -45.30 27.83 -38.37
N LYS B 155 -44.06 28.07 -37.93
CA LYS B 155 -43.03 27.01 -37.76
C LYS B 155 -43.47 26.04 -36.67
N THR B 156 -44.05 26.57 -35.58
CA THR B 156 -44.59 25.78 -34.44
C THR B 156 -45.82 25.00 -34.91
N ILE B 157 -46.73 25.66 -35.63
CA ILE B 157 -48.00 25.06 -36.15
C ILE B 157 -47.64 23.88 -37.07
N GLU B 158 -46.68 24.07 -37.98
CA GLU B 158 -46.26 23.05 -38.98
C GLU B 158 -45.67 21.82 -38.27
N LYS B 159 -44.86 22.02 -37.23
CA LYS B 159 -44.24 20.91 -36.47
C LYS B 159 -45.33 20.09 -35.78
N LEU B 160 -46.34 20.76 -35.18
CA LEU B 160 -47.48 20.09 -34.50
C LEU B 160 -48.33 19.33 -35.52
N ARG B 161 -48.57 19.90 -36.70
CA ARG B 161 -49.31 19.24 -37.81
C ARG B 161 -48.53 17.98 -38.24
N SER B 162 -47.21 18.09 -38.40
CA SER B 162 -46.31 16.96 -38.72
C SER B 162 -46.44 15.86 -37.67
N ASN B 163 -46.46 16.22 -36.39
CA ASN B 163 -46.58 15.27 -35.25
C ASN B 163 -47.95 14.55 -35.33
N ILE B 164 -49.01 15.24 -35.77
CA ILE B 164 -50.37 14.61 -35.92
C ILE B 164 -50.26 13.48 -36.95
N THR B 165 -49.57 13.70 -38.08
CA THR B 165 -49.43 12.70 -39.18
C THR B 165 -48.67 11.46 -38.65
N VAL B 166 -47.66 11.66 -37.80
CA VAL B 166 -46.89 10.57 -37.15
C VAL B 166 -47.84 9.71 -36.29
N GLN B 167 -48.75 10.36 -35.54
CA GLN B 167 -49.74 9.67 -34.67
C GLN B 167 -50.73 8.87 -35.53
N TYR B 168 -51.19 9.43 -36.65
CA TYR B 168 -52.07 8.75 -37.63
C TYR B 168 -51.33 7.53 -38.20
N ASP B 169 -50.04 7.69 -38.52
CA ASP B 169 -49.15 6.59 -39.02
C ASP B 169 -49.17 5.43 -38.03
N ILE B 170 -49.04 5.71 -36.73
CA ILE B 170 -49.01 4.67 -35.65
C ILE B 170 -50.36 3.94 -35.62
N LEU B 171 -51.47 4.69 -35.62
CA LEU B 171 -52.84 4.11 -35.55
C LEU B 171 -53.07 3.23 -36.80
N GLU B 172 -52.63 3.69 -37.98
CA GLU B 172 -52.75 2.98 -39.26
C GLU B 172 -51.99 1.65 -39.19
N ARG B 173 -50.73 1.68 -38.71
CA ARG B 173 -49.87 0.48 -38.54
C ARG B 173 -50.63 -0.57 -37.71
N ARG B 174 -51.22 -0.15 -36.59
CA ARG B 174 -51.96 -1.03 -35.64
C ARG B 174 -53.16 -1.67 -36.35
N LEU B 175 -53.95 -0.89 -37.08
CA LEU B 175 -55.20 -1.34 -37.73
C LEU B 175 -54.90 -2.14 -39.01
N ASN B 176 -53.63 -2.25 -39.40
CA ASN B 176 -53.17 -3.09 -40.54
C ASN B 176 -52.73 -4.48 -40.05
N GLU B 177 -52.66 -4.69 -38.73
CA GLU B 177 -52.31 -6.00 -38.11
C GLU B 177 -53.46 -6.98 -38.31
N PRO B 178 -53.18 -8.28 -38.58
CA PRO B 178 -54.22 -9.27 -38.86
C PRO B 178 -55.34 -9.32 -37.80
N GLY B 179 -56.58 -9.07 -38.23
CA GLY B 179 -57.79 -9.18 -37.39
C GLY B 179 -57.93 -8.06 -36.38
N GLN B 180 -57.11 -7.01 -36.47
CA GLN B 180 -57.14 -5.85 -35.53
C GLN B 180 -58.16 -4.83 -36.03
N GLN B 181 -59.44 -5.04 -35.70
CA GLN B 181 -60.60 -4.20 -36.14
C GLN B 181 -60.66 -2.92 -35.31
N TYR B 182 -60.24 -2.96 -34.05
CA TYR B 182 -60.21 -1.80 -33.11
C TYR B 182 -58.79 -1.64 -32.57
N LEU B 183 -58.51 -0.48 -31.95
CA LEU B 183 -57.13 -0.05 -31.58
C LEU B 183 -56.53 -0.99 -30.52
N ALA B 184 -57.26 -1.26 -29.44
CA ALA B 184 -56.77 -2.04 -28.28
C ALA B 184 -57.03 -3.52 -28.52
N LEU B 185 -58.31 -3.91 -28.60
CA LEU B 185 -58.75 -5.32 -28.75
C LEU B 185 -59.18 -5.57 -30.20
N LYS B 186 -59.02 -6.82 -30.67
CA LYS B 186 -59.40 -7.26 -32.04
C LYS B 186 -60.93 -7.27 -32.17
N ASP B 187 -61.65 -7.66 -31.12
CA ASP B 187 -63.06 -8.12 -31.17
C ASP B 187 -64.05 -6.95 -30.99
N ARG B 188 -63.72 -5.94 -30.19
CA ARG B 188 -64.71 -4.91 -29.76
C ARG B 188 -64.04 -3.58 -29.43
N PRO B 189 -64.77 -2.46 -29.52
CA PRO B 189 -64.23 -1.14 -29.15
C PRO B 189 -64.15 -1.00 -27.62
N THR B 190 -63.18 -0.20 -27.17
CA THR B 190 -62.89 0.06 -25.73
C THR B 190 -62.79 1.57 -25.53
N ILE B 191 -62.54 2.02 -24.29
CA ILE B 191 -62.40 3.47 -23.95
C ILE B 191 -61.24 4.06 -24.75
N ALA B 192 -60.26 3.25 -25.16
CA ALA B 192 -59.13 3.67 -26.03
C ALA B 192 -59.67 4.16 -27.38
N ASP B 193 -60.62 3.44 -27.96
CA ASP B 193 -61.28 3.77 -29.26
C ASP B 193 -62.11 5.05 -29.11
N ILE B 194 -62.88 5.16 -28.02
CA ILE B 194 -63.77 6.32 -27.74
C ILE B 194 -62.93 7.59 -27.59
N ALA B 195 -61.79 7.49 -26.88
CA ALA B 195 -60.87 8.62 -26.63
C ALA B 195 -60.24 9.11 -27.94
N THR B 196 -59.94 8.20 -28.87
CA THR B 196 -59.18 8.49 -30.12
C THR B 196 -60.11 9.05 -31.20
N LEU B 197 -61.37 8.61 -31.27
CA LEU B 197 -62.27 8.81 -32.43
C LEU B 197 -62.39 10.29 -32.80
N PRO B 198 -62.70 11.22 -31.86
CA PRO B 198 -62.96 12.62 -32.22
C PRO B 198 -61.78 13.35 -32.88
N PHE B 199 -60.55 12.86 -32.69
CA PHE B 199 -59.31 13.44 -33.24
C PHE B 199 -58.79 12.62 -34.43
N ALA B 200 -59.45 11.51 -34.75
CA ALA B 200 -59.09 10.57 -35.85
C ALA B 200 -60.34 10.26 -36.68
N MET B 201 -60.95 11.29 -37.27
CA MET B 201 -62.10 11.19 -38.20
C MET B 201 -61.92 12.24 -39.31
N LYS B 202 -62.63 12.08 -40.42
CA LYS B 202 -62.42 12.87 -41.67
C LYS B 202 -62.54 14.37 -41.39
N SER B 203 -63.58 14.79 -40.66
CA SER B 203 -63.88 16.22 -40.36
C SER B 203 -62.68 16.86 -39.66
N THR B 204 -62.15 16.22 -38.62
CA THR B 204 -61.00 16.73 -37.81
C THR B 204 -59.72 16.74 -38.66
N ALA B 205 -59.49 15.69 -39.45
CA ALA B 205 -58.33 15.58 -40.37
C ALA B 205 -58.35 16.77 -41.36
N GLU B 206 -59.53 17.09 -41.89
CA GLU B 206 -59.75 18.23 -42.82
C GLU B 206 -59.43 19.55 -42.12
N LEU B 207 -59.81 19.69 -40.84
CA LEU B 207 -59.49 20.89 -40.01
C LEU B 207 -57.96 21.05 -39.93
N PHE B 208 -57.23 19.94 -39.76
CA PHE B 208 -55.74 19.90 -39.66
C PHE B 208 -55.10 20.09 -41.05
N GLY B 209 -55.91 20.13 -42.11
CA GLY B 209 -55.45 20.29 -43.51
C GLY B 209 -54.84 19.01 -44.05
N LEU B 210 -55.33 17.85 -43.59
CA LEU B 210 -54.82 16.52 -43.99
C LEU B 210 -55.88 15.80 -44.83
N GLU B 211 -55.43 14.94 -45.76
CA GLU B 211 -56.28 14.06 -46.58
C GLU B 211 -56.44 12.72 -45.84
N PHE B 212 -57.59 12.49 -45.21
CA PHE B 212 -57.82 11.35 -44.29
C PHE B 212 -57.79 10.02 -45.04
N GLU B 213 -58.01 10.05 -46.37
CA GLU B 213 -57.97 8.85 -47.26
C GLU B 213 -56.56 8.24 -47.26
N LYS B 214 -55.53 9.02 -46.92
CA LYS B 214 -54.12 8.56 -46.89
C LYS B 214 -53.86 7.62 -45.70
N TRP B 215 -54.85 7.46 -44.81
CA TRP B 215 -54.85 6.43 -43.72
C TRP B 215 -56.11 5.57 -43.86
N PRO B 216 -56.16 4.66 -44.85
CA PRO B 216 -57.40 3.96 -45.21
C PRO B 216 -57.99 3.08 -44.10
N LYS B 217 -57.15 2.31 -43.39
CA LYS B 217 -57.59 1.42 -42.28
C LYS B 217 -58.09 2.29 -41.12
N LEU B 218 -57.45 3.44 -40.87
CA LEU B 218 -57.88 4.39 -39.81
C LEU B 218 -59.24 5.01 -40.20
N GLN B 219 -59.44 5.33 -41.48
CA GLN B 219 -60.73 5.89 -42.00
C GLN B 219 -61.83 4.83 -41.87
N GLU B 220 -61.57 3.59 -42.32
CA GLU B 220 -62.50 2.44 -42.20
C GLU B 220 -62.92 2.28 -40.73
N TRP B 221 -61.94 2.32 -39.82
CA TRP B 221 -62.15 2.22 -38.35
C TRP B 221 -63.06 3.35 -37.87
N SER B 222 -62.82 4.59 -38.31
CA SER B 222 -63.59 5.80 -37.92
C SER B 222 -65.05 5.66 -38.35
N VAL B 223 -65.29 5.08 -39.53
CA VAL B 223 -66.66 4.82 -40.08
C VAL B 223 -67.32 3.71 -39.25
N ARG B 224 -66.59 2.63 -38.97
CA ARG B 224 -67.07 1.49 -38.14
C ARG B 224 -67.56 2.01 -36.78
N MET B 225 -66.77 2.85 -36.12
CA MET B 225 -67.11 3.50 -34.82
C MET B 225 -68.32 4.42 -35.03
N GLY B 226 -68.31 5.23 -36.09
CA GLY B 226 -69.35 6.22 -36.41
C GLY B 226 -70.71 5.60 -36.65
N GLU B 227 -70.75 4.33 -37.09
CA GLU B 227 -72.01 3.61 -37.42
C GLU B 227 -72.70 3.10 -36.15
N ARG B 228 -71.98 3.03 -35.01
CA ARG B 228 -72.53 2.62 -33.69
C ARG B 228 -73.59 3.62 -33.25
N GLU B 229 -74.76 3.13 -32.80
CA GLU B 229 -75.94 3.96 -32.46
C GLU B 229 -75.61 4.92 -31.30
N ALA B 230 -74.86 4.44 -30.30
CA ALA B 230 -74.44 5.24 -29.12
C ALA B 230 -73.57 6.42 -29.56
N VAL B 231 -72.70 6.22 -30.56
CA VAL B 231 -71.79 7.27 -31.10
C VAL B 231 -72.63 8.30 -31.87
N LYS B 232 -73.57 7.83 -32.69
CA LYS B 232 -74.50 8.70 -33.46
C LYS B 232 -75.30 9.58 -32.49
N ARG B 233 -75.90 8.98 -31.46
CA ARG B 233 -76.71 9.69 -30.42
C ARG B 233 -75.83 10.74 -29.72
N ALA B 234 -74.62 10.36 -29.31
CA ALA B 234 -73.66 11.23 -28.59
C ALA B 234 -73.34 12.48 -29.42
N TRP B 235 -73.01 12.32 -30.71
CA TRP B 235 -72.66 13.44 -31.64
C TRP B 235 -73.86 14.38 -31.81
N GLN B 236 -75.07 13.82 -31.97
CA GLN B 236 -76.32 14.60 -32.13
C GLN B 236 -76.54 15.48 -30.89
N ARG B 237 -76.45 14.89 -29.70
CA ARG B 237 -76.80 15.53 -28.41
C ARG B 237 -75.77 16.61 -28.05
N VAL B 238 -74.49 16.37 -28.29
CA VAL B 238 -73.40 17.31 -27.90
C VAL B 238 -73.51 18.58 -28.75
N ALA B 239 -73.91 18.45 -30.02
CA ALA B 239 -74.12 19.57 -30.96
C ALA B 239 -75.27 20.47 -30.48
N GLY B 240 -76.32 19.88 -29.90
CA GLY B 240 -77.58 20.56 -29.56
C GLY B 240 -77.58 21.22 -28.19
N PHE B 241 -76.67 20.84 -27.28
CA PHE B 241 -76.64 21.35 -25.88
C PHE B 241 -76.49 22.87 -25.89
N GLY B 242 -77.41 23.57 -25.20
CA GLY B 242 -77.44 25.04 -25.08
C GLY B 242 -78.23 25.71 -26.19
N HIS B 243 -78.72 24.92 -27.16
CA HIS B 243 -79.51 25.41 -28.33
C HIS B 243 -80.98 24.98 -28.21
N GLY B 244 -81.35 24.30 -27.12
CA GLY B 244 -82.74 23.90 -26.81
C GLY B 244 -83.50 25.00 -26.11
N GLU B 245 -84.50 24.64 -25.30
CA GLU B 245 -85.35 25.61 -24.54
C GLU B 245 -84.48 26.35 -23.51
N LYS B 246 -83.50 25.66 -22.90
CA LYS B 246 -82.57 26.23 -21.88
C LYS B 246 -81.19 26.43 -22.53
N GLU B 247 -80.60 27.61 -22.34
CA GLU B 247 -79.31 28.02 -22.94
C GLU B 247 -78.15 27.57 -22.03
N TYR B 248 -78.26 27.83 -20.73
CA TYR B 248 -77.24 27.48 -19.71
C TYR B 248 -77.93 26.84 -18.49
N GLY B 249 -77.17 26.07 -17.71
CA GLY B 249 -77.65 25.43 -16.46
C GLY B 249 -78.05 23.99 -16.69
N MET B 250 -78.81 23.42 -15.75
CA MET B 250 -79.26 22.01 -15.77
C MET B 250 -80.34 21.84 -16.85
N LEU B 251 -80.07 21.02 -17.87
CA LEU B 251 -81.04 20.71 -18.97
C LEU B 251 -82.11 19.77 -18.43
N GLU B 252 -83.33 19.87 -18.97
CA GLU B 252 -84.51 19.04 -18.58
C GLU B 252 -84.66 17.90 -19.58
N MET C 14 -11.66 27.48 -8.73
CA MET C 14 -10.94 26.17 -8.62
C MET C 14 -9.96 26.17 -7.44
N SER C 15 -9.55 27.33 -6.93
CA SER C 15 -8.65 27.48 -5.76
C SER C 15 -9.47 27.54 -4.45
N GLU C 16 -10.73 27.96 -4.54
CA GLU C 16 -11.64 28.11 -3.36
C GLU C 16 -12.48 26.84 -3.21
N ARG C 17 -12.64 26.36 -1.98
CA ARG C 17 -13.49 25.18 -1.66
C ARG C 17 -14.92 25.49 -2.07
N PRO C 18 -15.58 24.63 -2.88
CA PRO C 18 -16.96 24.88 -3.30
C PRO C 18 -17.90 25.03 -2.09
N SER C 19 -18.90 25.92 -2.22
CA SER C 19 -19.85 26.30 -1.13
C SER C 19 -20.67 25.10 -0.66
N ASP C 20 -20.89 24.10 -1.54
CA ASP C 20 -21.75 22.92 -1.25
C ASP C 20 -20.96 21.82 -0.53
N LEU C 21 -19.63 21.97 -0.37
CA LEU C 21 -18.79 20.96 0.33
C LEU C 21 -18.83 21.23 1.83
N VAL C 22 -19.71 20.53 2.55
CA VAL C 22 -19.83 20.56 4.04
C VAL C 22 -19.71 19.11 4.54
N VAL C 23 -19.08 18.92 5.70
CA VAL C 23 -18.79 17.57 6.28
C VAL C 23 -19.66 17.40 7.54
N ASN C 24 -20.93 16.98 7.35
CA ASN C 24 -21.89 16.65 8.44
C ASN C 24 -21.81 15.14 8.74
N ARG C 25 -21.21 14.39 7.82
CA ARG C 25 -21.03 12.92 7.89
C ARG C 25 -19.90 12.56 6.93
N LEU C 26 -19.60 11.26 6.76
CA LEU C 26 -18.59 10.78 5.80
C LEU C 26 -18.95 11.28 4.40
N VAL C 27 -18.03 11.97 3.73
CA VAL C 27 -18.17 12.42 2.31
C VAL C 27 -17.18 11.59 1.47
N LEU C 28 -17.69 10.78 0.55
CA LEU C 28 -16.87 10.02 -0.43
C LEU C 28 -16.77 10.84 -1.73
N PHE C 29 -15.54 11.14 -2.15
CA PHE C 29 -15.23 11.90 -3.39
C PHE C 29 -15.06 10.90 -4.55
N VAL C 30 -15.82 11.11 -5.63
CA VAL C 30 -15.85 10.24 -6.84
C VAL C 30 -15.76 11.15 -8.07
N VAL C 31 -15.71 10.54 -9.26
CA VAL C 31 -15.82 11.25 -10.57
C VAL C 31 -17.04 10.67 -11.31
N LYS C 32 -17.43 11.30 -12.43
CA LYS C 32 -18.56 10.85 -13.27
C LYS C 32 -18.37 9.37 -13.61
N GLY C 33 -19.42 8.56 -13.45
CA GLY C 33 -19.38 7.09 -13.58
C GLY C 33 -19.20 6.65 -15.02
N THR C 34 -18.18 5.84 -15.29
CA THR C 34 -17.94 5.12 -16.57
C THR C 34 -17.40 3.73 -16.27
N ALA C 35 -17.26 2.89 -17.29
CA ALA C 35 -16.77 1.49 -17.17
C ALA C 35 -15.32 1.46 -16.64
N THR C 36 -14.58 2.58 -16.73
CA THR C 36 -13.12 2.65 -16.45
C THR C 36 -12.79 3.68 -15.36
N SER C 37 -13.78 4.30 -14.72
CA SER C 37 -13.57 5.38 -13.71
C SER C 37 -14.05 4.96 -12.31
N THR C 38 -14.47 3.71 -12.12
CA THR C 38 -15.21 3.25 -10.90
C THR C 38 -14.49 2.11 -10.16
N HIS C 39 -13.41 1.53 -10.71
CA HIS C 39 -12.77 0.30 -10.16
C HIS C 39 -12.09 0.58 -8.81
N ASN C 40 -11.75 1.83 -8.50
CA ASN C 40 -11.11 2.20 -7.21
C ASN C 40 -12.14 2.83 -6.26
N THR C 41 -13.04 3.68 -6.78
CA THR C 41 -14.06 4.39 -5.94
C THR C 41 -15.09 3.39 -5.41
N VAL C 42 -15.34 2.29 -6.12
CA VAL C 42 -16.36 1.27 -5.72
C VAL C 42 -15.89 0.55 -4.44
N LYS C 43 -14.58 0.52 -4.16
CA LYS C 43 -13.98 -0.23 -3.02
C LYS C 43 -14.53 0.32 -1.70
N PRO C 44 -14.31 1.59 -1.32
CA PRO C 44 -14.90 2.14 -0.09
C PRO C 44 -16.43 2.08 -0.09
N LEU C 45 -17.06 2.29 -1.25
CA LEU C 45 -18.54 2.30 -1.40
C LEU C 45 -19.11 0.93 -1.00
N ILE C 46 -18.45 -0.15 -1.39
CA ILE C 46 -18.84 -1.56 -1.03
C ILE C 46 -18.87 -1.67 0.50
N LEU C 47 -17.81 -1.22 1.18
CA LEU C 47 -17.66 -1.35 2.65
C LEU C 47 -18.71 -0.47 3.35
N LEU C 48 -18.93 0.76 2.86
CA LEU C 48 -19.98 1.68 3.37
C LEU C 48 -21.35 0.98 3.30
N GLU C 49 -21.64 0.32 2.16
CA GLU C 49 -22.92 -0.40 1.93
C GLU C 49 -23.00 -1.65 2.83
N GLU C 50 -21.88 -2.37 3.03
CA GLU C 50 -21.82 -3.59 3.87
C GLU C 50 -22.17 -3.23 5.32
N LEU C 51 -21.62 -2.13 5.83
CA LEU C 51 -21.74 -1.71 7.26
C LEU C 51 -22.95 -0.79 7.47
N GLY C 52 -23.56 -0.30 6.38
CA GLY C 52 -24.68 0.66 6.43
C GLY C 52 -24.26 1.98 7.05
N VAL C 53 -23.09 2.49 6.66
CA VAL C 53 -22.52 3.77 7.17
C VAL C 53 -23.27 4.92 6.50
N PRO C 54 -23.81 5.90 7.27
CA PRO C 54 -24.37 7.11 6.68
C PRO C 54 -23.27 7.92 5.97
N HIS C 55 -23.48 8.29 4.72
CA HIS C 55 -22.46 9.00 3.90
C HIS C 55 -23.11 9.86 2.80
N ASP C 56 -22.35 10.86 2.34
CA ASP C 56 -22.67 11.72 1.18
C ASP C 56 -21.70 11.37 0.05
N ILE C 57 -22.10 11.69 -1.19
CA ILE C 57 -21.28 11.49 -2.43
C ILE C 57 -20.99 12.88 -3.03
N TYR C 58 -19.72 13.19 -3.27
CA TYR C 58 -19.27 14.44 -3.92
C TYR C 58 -18.60 14.10 -5.24
N VAL C 59 -19.20 14.52 -6.36
CA VAL C 59 -18.68 14.27 -7.73
C VAL C 59 -17.72 15.40 -8.08
N VAL C 60 -16.43 15.08 -8.18
CA VAL C 60 -15.33 16.04 -8.48
C VAL C 60 -15.27 16.22 -10.01
N GLU C 61 -15.42 17.47 -10.48
CA GLU C 61 -15.38 17.81 -11.93
C GLU C 61 -13.94 17.68 -12.43
N LYS C 62 -12.99 18.27 -11.71
CA LYS C 62 -11.54 18.28 -12.06
C LYS C 62 -10.73 17.90 -10.82
N VAL C 63 -10.12 16.72 -10.83
CA VAL C 63 -9.22 16.22 -9.74
C VAL C 63 -7.94 17.08 -9.73
N SER C 64 -7.70 17.87 -10.78
CA SER C 64 -6.56 18.82 -10.91
C SER C 64 -6.84 20.13 -10.14
N ALA C 65 -8.08 20.35 -9.69
CA ALA C 65 -8.51 21.58 -8.97
C ALA C 65 -7.67 21.74 -7.70
N PRO C 66 -6.99 22.89 -7.49
CA PRO C 66 -6.22 23.12 -6.26
C PRO C 66 -6.99 22.86 -4.96
N TRP C 67 -8.30 23.15 -4.91
CA TRP C 67 -9.13 22.90 -3.71
C TRP C 67 -9.13 21.40 -3.38
N PHE C 68 -9.11 20.53 -4.41
CA PHE C 68 -9.17 19.06 -4.24
C PHE C 68 -7.82 18.51 -3.79
N SER C 69 -6.70 19.12 -4.20
CA SER C 69 -5.33 18.67 -3.84
C SER C 69 -5.05 18.96 -2.34
N GLU C 70 -5.81 19.86 -1.71
CA GLU C 70 -5.75 20.11 -0.24
C GLU C 70 -6.37 18.92 0.51
N ILE C 71 -7.25 18.17 -0.14
CA ILE C 71 -7.87 16.93 0.41
C ILE C 71 -6.96 15.74 0.10
N ASN C 72 -6.69 15.51 -1.20
CA ASN C 72 -5.80 14.42 -1.68
C ASN C 72 -4.65 15.02 -2.49
N PRO C 73 -3.41 15.04 -1.95
CA PRO C 73 -2.27 15.61 -2.67
C PRO C 73 -1.89 14.80 -3.91
N HIS C 74 -2.35 13.54 -4.00
CA HIS C 74 -2.15 12.63 -5.16
C HIS C 74 -3.18 12.93 -6.26
N LYS C 75 -4.18 13.77 -5.97
CA LYS C 75 -5.12 14.36 -6.96
C LYS C 75 -5.87 13.25 -7.69
N MET C 76 -6.43 12.29 -6.95
CA MET C 76 -7.22 11.16 -7.51
C MET C 76 -8.39 10.84 -6.57
N VAL C 77 -9.36 10.07 -7.09
CA VAL C 77 -10.49 9.49 -6.31
C VAL C 77 -10.25 8.00 -6.21
N PRO C 78 -10.71 7.31 -5.14
CA PRO C 78 -11.49 7.93 -4.07
C PRO C 78 -10.69 8.73 -3.03
N ALA C 79 -11.36 9.70 -2.41
CA ALA C 79 -10.91 10.42 -1.20
C ALA C 79 -12.11 10.54 -0.25
N ILE C 80 -11.84 10.69 1.06
CA ILE C 80 -12.88 10.83 2.12
C ILE C 80 -12.54 12.03 3.00
N LEU C 81 -13.54 12.86 3.30
CA LEU C 81 -13.57 13.76 4.48
C LEU C 81 -14.62 13.22 5.45
N ASP C 82 -14.34 13.26 6.75
CA ASP C 82 -15.28 12.79 7.80
C ASP C 82 -14.98 13.53 9.10
N ARG C 83 -15.97 13.60 9.99
CA ARG C 83 -15.80 14.16 11.36
C ARG C 83 -15.05 13.14 12.21
N SER C 84 -14.22 13.62 13.15
CA SER C 84 -13.53 12.79 14.17
C SER C 84 -14.56 12.06 15.01
N PRO C 85 -14.19 10.97 15.72
CA PRO C 85 -15.12 10.27 16.62
C PRO C 85 -15.90 11.17 17.58
N ASP C 86 -15.28 12.25 18.07
CA ASP C 86 -15.91 13.22 19.03
C ASP C 86 -16.66 14.32 18.26
N GLY C 87 -16.43 14.43 16.94
CA GLY C 87 -17.20 15.31 16.02
C GLY C 87 -16.68 16.74 15.98
N ARG C 88 -15.60 17.03 16.71
CA ARG C 88 -15.05 18.41 16.89
C ARG C 88 -14.05 18.74 15.78
N ASP C 89 -13.40 17.72 15.20
CA ASP C 89 -12.37 17.88 14.14
C ASP C 89 -12.81 17.14 12.88
N THR C 90 -12.20 17.46 11.74
CA THR C 90 -12.33 16.69 10.47
C THR C 90 -11.01 15.96 10.21
N LEU C 91 -11.10 14.82 9.51
CA LEU C 91 -9.93 14.03 9.06
C LEU C 91 -10.15 13.63 7.60
N ARG C 92 -9.13 13.08 6.96
CA ARG C 92 -9.15 12.70 5.53
C ARG C 92 -8.56 11.31 5.35
N ALA C 93 -9.07 10.57 4.37
CA ALA C 93 -8.50 9.31 3.87
C ALA C 93 -8.41 9.38 2.35
N TRP C 94 -7.28 8.98 1.77
CA TRP C 94 -7.06 8.93 0.31
C TRP C 94 -6.07 7.80 -0.02
N GLU C 95 -6.12 7.33 -1.28
CA GLU C 95 -5.73 5.97 -1.72
C GLU C 95 -6.86 5.01 -1.30
N SER C 96 -7.37 4.21 -2.25
CA SER C 96 -8.53 3.30 -2.05
C SER C 96 -8.28 2.37 -0.86
N THR C 97 -7.08 1.81 -0.73
CA THR C 97 -6.71 0.90 0.40
C THR C 97 -6.84 1.66 1.72
N SER C 98 -6.36 2.91 1.77
CA SER C 98 -6.42 3.78 2.97
C SER C 98 -7.88 4.08 3.33
N THR C 99 -8.76 4.29 2.34
CA THR C 99 -10.20 4.57 2.57
C THR C 99 -10.85 3.34 3.23
N LEU C 100 -10.45 2.12 2.82
CA LEU C 100 -10.94 0.85 3.42
C LEU C 100 -10.46 0.72 4.87
N MET C 101 -9.19 1.03 5.12
N MET C 101 -9.18 1.01 5.12
CA MET C 101 -8.56 0.98 6.47
CA MET C 101 -8.55 0.98 6.47
C MET C 101 -9.29 1.96 7.40
C MET C 101 -9.30 1.95 7.39
N TYR C 102 -9.56 3.18 6.93
CA TYR C 102 -10.24 4.24 7.72
C TYR C 102 -11.67 3.82 8.07
N ILE C 103 -12.46 3.40 7.08
CA ILE C 103 -13.90 3.04 7.27
C ILE C 103 -13.98 1.90 8.28
N ALA C 104 -13.09 0.89 8.16
CA ALA C 104 -12.99 -0.26 9.08
C ALA C 104 -12.70 0.24 10.50
N ASP C 105 -11.69 1.11 10.64
CA ASP C 105 -11.24 1.67 11.94
C ASP C 105 -12.42 2.40 12.63
N ALA C 106 -13.10 3.27 11.89
CA ALA C 106 -14.12 4.22 12.42
C ALA C 106 -15.48 3.54 12.60
N TYR C 107 -15.86 2.59 11.73
CA TYR C 107 -17.26 2.09 11.61
C TYR C 107 -17.39 0.56 11.75
N ASP C 108 -16.29 -0.20 11.74
CA ASP C 108 -16.33 -1.69 11.85
C ASP C 108 -15.80 -2.10 13.22
N LYS C 109 -16.58 -1.85 14.27
CA LYS C 109 -16.17 -2.02 15.69
C LYS C 109 -16.08 -3.51 16.05
N ASP C 110 -16.90 -4.36 15.41
CA ASP C 110 -16.91 -5.83 15.63
C ASP C 110 -15.78 -6.50 14.84
N GLY C 111 -15.10 -5.76 13.96
CA GLY C 111 -14.00 -6.27 13.13
C GLY C 111 -14.47 -7.32 12.13
N THR C 112 -15.71 -7.20 11.65
CA THR C 112 -16.35 -8.14 10.70
C THR C 112 -15.58 -8.14 9.37
N PHE C 113 -15.11 -6.97 8.91
CA PHE C 113 -14.38 -6.78 7.63
C PHE C 113 -12.91 -6.39 7.90
N GLY C 114 -12.60 -5.84 9.07
CA GLY C 114 -11.25 -5.35 9.42
C GLY C 114 -10.42 -6.40 10.14
N GLY C 115 -11.07 -7.34 10.84
CA GLY C 115 -10.42 -8.41 11.62
C GLY C 115 -10.67 -8.24 13.11
N ARG C 116 -10.99 -9.34 13.81
CA ARG C 116 -11.46 -9.34 15.21
C ARG C 116 -10.28 -9.51 16.19
N ASN C 117 -9.10 -9.91 15.70
CA ASN C 117 -7.91 -10.16 16.54
C ASN C 117 -6.64 -10.03 15.69
N VAL C 118 -5.47 -10.09 16.35
CA VAL C 118 -4.12 -9.92 15.72
C VAL C 118 -3.96 -10.95 14.59
N GLN C 119 -4.36 -12.20 14.83
CA GLN C 119 -4.19 -13.32 13.87
C GLN C 119 -4.99 -13.03 12.59
N GLU C 120 -6.29 -12.71 12.72
CA GLU C 120 -7.17 -12.38 11.56
C GLU C 120 -6.56 -11.21 10.78
N ARG C 121 -6.16 -10.14 11.48
CA ARG C 121 -5.63 -8.89 10.88
C ARG C 121 -4.31 -9.17 10.14
N SER C 122 -3.50 -10.10 10.64
CA SER C 122 -2.20 -10.48 10.01
C SER C 122 -2.46 -10.98 8.58
N GLU C 123 -3.42 -11.89 8.39
CA GLU C 123 -3.79 -12.45 7.06
C GLU C 123 -4.49 -11.37 6.23
N ILE C 124 -5.43 -10.63 6.80
CA ILE C 124 -6.19 -9.55 6.10
C ILE C 124 -5.17 -8.57 5.51
N ASN C 125 -4.18 -8.14 6.29
CA ASN C 125 -3.19 -7.11 5.89
C ASN C 125 -2.24 -7.68 4.83
N ASN C 126 -1.93 -8.97 4.88
CA ASN C 126 -1.08 -9.67 3.87
C ASN C 126 -1.74 -9.54 2.49
N TRP C 127 -2.99 -9.97 2.37
CA TRP C 127 -3.72 -10.05 1.07
C TRP C 127 -4.14 -8.65 0.60
N LEU C 128 -4.47 -7.75 1.53
CA LEU C 128 -4.80 -6.33 1.23
C LEU C 128 -3.56 -5.64 0.64
N THR C 129 -2.40 -5.78 1.30
CA THR C 129 -1.11 -5.15 0.90
C THR C 129 -0.65 -5.75 -0.44
N LEU C 130 -0.82 -7.06 -0.63
CA LEU C 130 -0.46 -7.75 -1.90
C LEU C 130 -1.17 -7.04 -3.07
N HIS C 131 -2.46 -6.74 -2.92
CA HIS C 131 -3.24 -6.02 -3.95
C HIS C 131 -2.71 -4.58 -4.10
N THR C 132 -2.47 -3.90 -2.97
CA THR C 132 -2.06 -2.48 -2.91
C THR C 132 -0.71 -2.29 -3.62
N ALA C 133 0.19 -3.28 -3.52
CA ALA C 133 1.59 -3.21 -4.02
C ALA C 133 1.73 -3.81 -5.42
N ALA C 134 1.00 -4.88 -5.74
CA ALA C 134 1.22 -5.69 -6.96
C ALA C 134 0.12 -5.45 -8.00
N LEU C 135 -1.02 -6.15 -7.90
CA LEU C 135 -2.08 -6.17 -8.95
C LEU C 135 -2.64 -4.76 -9.18
N GLY C 136 -2.88 -4.00 -8.10
CA GLY C 136 -3.43 -2.64 -8.16
C GLY C 136 -2.59 -1.70 -9.01
N PRO C 137 -1.32 -1.41 -8.62
CA PRO C 137 -0.43 -0.56 -9.40
C PRO C 137 -0.13 -1.08 -10.82
N THR C 138 0.04 -2.40 -10.97
CA THR C 138 0.31 -3.08 -12.27
C THR C 138 -0.88 -2.80 -13.22
N ALA C 139 -2.11 -2.99 -12.75
CA ALA C 139 -3.36 -2.76 -13.51
C ALA C 139 -3.47 -1.29 -13.91
N LYS C 140 -3.11 -0.37 -13.00
CA LYS C 140 -3.16 1.10 -13.25
C LYS C 140 -2.17 1.47 -14.36
N TYR C 141 -0.95 0.92 -14.30
CA TYR C 141 0.12 1.16 -15.30
C TYR C 141 -0.32 0.56 -16.65
N TRP C 142 -0.90 -0.63 -16.64
CA TRP C 142 -1.42 -1.30 -17.86
C TRP C 142 -2.42 -0.38 -18.57
N LEU C 143 -3.40 0.15 -17.83
CA LEU C 143 -4.49 1.00 -18.39
C LEU C 143 -3.90 2.30 -18.93
N TYR C 144 -2.91 2.87 -18.23
CA TYR C 144 -2.25 4.15 -18.61
C TYR C 144 -1.57 4.00 -19.99
N PHE C 145 -0.78 2.95 -20.16
CA PHE C 145 0.03 2.70 -21.40
C PHE C 145 -0.90 2.27 -22.55
N TYR C 146 -1.94 1.48 -22.25
CA TYR C 146 -2.95 0.99 -23.22
C TYR C 146 -3.74 2.17 -23.81
N LYS C 147 -4.16 3.12 -22.96
CA LYS C 147 -5.23 4.10 -23.24
C LYS C 147 -4.69 5.53 -23.27
N LEU C 148 -3.90 5.93 -22.28
CA LEU C 148 -3.67 7.36 -21.92
C LEU C 148 -2.33 7.90 -22.44
N HIS C 149 -1.26 7.08 -22.47
CA HIS C 149 0.09 7.52 -22.91
C HIS C 149 0.01 8.01 -24.36
N PRO C 150 0.66 9.16 -24.71
CA PRO C 150 0.52 9.75 -26.03
C PRO C 150 1.00 8.84 -27.17
N GLU C 151 1.96 7.95 -26.87
CA GLU C 151 2.53 6.95 -27.79
C GLU C 151 2.16 5.54 -27.28
N LYS C 152 1.87 4.61 -28.19
CA LYS C 152 1.57 3.19 -27.85
C LYS C 152 2.90 2.44 -27.69
N LEU C 153 3.04 1.69 -26.58
CA LEU C 153 4.25 0.90 -26.24
C LEU C 153 3.81 -0.54 -25.92
N PRO C 154 3.50 -1.35 -26.96
CA PRO C 154 2.94 -2.70 -26.75
C PRO C 154 3.82 -3.67 -25.95
N LYS C 155 5.15 -3.56 -26.05
CA LYS C 155 6.12 -4.43 -25.32
C LYS C 155 5.94 -4.22 -23.82
N THR C 156 5.79 -2.97 -23.40
CA THR C 156 5.52 -2.56 -21.99
C THR C 156 4.14 -3.07 -21.56
N ILE C 157 3.12 -2.90 -22.41
CA ILE C 157 1.71 -3.31 -22.17
C ILE C 157 1.67 -4.84 -21.98
N GLU C 158 2.38 -5.58 -22.84
CA GLU C 158 2.43 -7.07 -22.81
C GLU C 158 3.03 -7.54 -21.48
N LYS C 159 4.15 -6.92 -21.05
CA LYS C 159 4.87 -7.29 -19.81
C LYS C 159 3.98 -7.02 -18.59
N LEU C 160 3.20 -5.94 -18.61
CA LEU C 160 2.25 -5.59 -17.51
C LEU C 160 1.10 -6.59 -17.51
N ARG C 161 0.58 -6.96 -18.69
CA ARG C 161 -0.48 -7.99 -18.86
C ARG C 161 0.02 -9.32 -18.28
N SER C 162 1.27 -9.68 -18.56
CA SER C 162 1.94 -10.91 -18.07
C SER C 162 2.00 -10.91 -16.54
N ASN C 163 2.35 -9.77 -15.94
CA ASN C 163 2.45 -9.59 -14.46
C ASN C 163 1.08 -9.78 -13.81
N ILE C 164 0.00 -9.39 -14.50
CA ILE C 164 -1.40 -9.56 -14.00
C ILE C 164 -1.71 -11.05 -13.87
N THR C 165 -1.29 -11.88 -14.84
CA THR C 165 -1.53 -13.35 -14.87
C THR C 165 -0.82 -14.00 -13.68
N VAL C 166 0.37 -13.51 -13.31
CA VAL C 166 1.19 -14.00 -12.16
C VAL C 166 0.41 -13.74 -10.86
N GLN C 167 -0.21 -12.56 -10.73
CA GLN C 167 -1.00 -12.18 -9.53
C GLN C 167 -2.25 -13.06 -9.46
N TYR C 168 -2.94 -13.27 -10.59
CA TYR C 168 -4.10 -14.18 -10.72
C TYR C 168 -3.68 -15.59 -10.28
N ASP C 169 -2.46 -16.02 -10.63
CA ASP C 169 -1.90 -17.36 -10.27
C ASP C 169 -1.79 -17.47 -8.75
N ILE C 170 -1.33 -16.42 -8.07
CA ILE C 170 -1.15 -16.39 -6.58
C ILE C 170 -2.53 -16.47 -5.90
N LEU C 171 -3.50 -15.67 -6.37
CA LEU C 171 -4.88 -15.64 -5.81
C LEU C 171 -5.53 -17.01 -6.03
N GLU C 172 -5.33 -17.61 -7.20
CA GLU C 172 -5.86 -18.95 -7.58
C GLU C 172 -5.31 -20.02 -6.63
N ARG C 173 -4.00 -19.98 -6.34
CA ARG C 173 -3.32 -20.92 -5.41
C ARG C 173 -4.01 -20.85 -4.03
N ARG C 174 -4.19 -19.64 -3.51
CA ARG C 174 -4.80 -19.38 -2.18
C ARG C 174 -6.20 -20.00 -2.14
N LEU C 175 -7.02 -19.75 -3.17
CA LEU C 175 -8.45 -20.16 -3.22
C LEU C 175 -8.59 -21.64 -3.57
N ASN C 176 -7.47 -22.33 -3.86
CA ASN C 176 -7.42 -23.81 -4.07
C ASN C 176 -7.09 -24.52 -2.76
N GLU C 177 -6.70 -23.78 -1.71
CA GLU C 177 -6.39 -24.36 -0.37
C GLU C 177 -7.70 -24.83 0.26
N PRO C 178 -7.72 -25.99 0.96
CA PRO C 178 -8.95 -26.54 1.52
C PRO C 178 -9.75 -25.54 2.39
N GLY C 179 -11.01 -25.31 2.04
CA GLY C 179 -11.97 -24.50 2.82
C GLY C 179 -11.70 -23.00 2.75
N GLN C 180 -10.75 -22.57 1.90
CA GLN C 180 -10.35 -21.14 1.78
C GLN C 180 -11.31 -20.44 0.81
N GLN C 181 -12.50 -20.08 1.29
CA GLN C 181 -13.61 -19.52 0.47
C GLN C 181 -13.30 -18.06 0.08
N TYR C 182 -12.54 -17.34 0.91
CA TYR C 182 -12.14 -15.93 0.69
C TYR C 182 -10.61 -15.83 0.82
N LEU C 183 -10.03 -14.69 0.43
CA LEU C 183 -8.56 -14.53 0.26
C LEU C 183 -7.87 -14.57 1.63
N ALA C 184 -8.35 -13.79 2.61
CA ALA C 184 -7.74 -13.63 3.94
C ALA C 184 -8.26 -14.73 4.88
N LEU C 185 -9.57 -14.73 5.15
CA LEU C 185 -10.22 -15.64 6.12
C LEU C 185 -11.00 -16.73 5.36
N LYS C 186 -11.17 -17.89 5.99
CA LYS C 186 -11.90 -19.06 5.41
C LYS C 186 -13.39 -18.78 5.37
N ASP C 187 -13.92 -18.05 6.36
CA ASP C 187 -15.36 -18.04 6.74
C ASP C 187 -16.12 -16.85 6.13
N ARG C 188 -15.46 -15.71 5.91
CA ARG C 188 -16.17 -14.45 5.52
C ARG C 188 -15.24 -13.54 4.72
N PRO C 189 -15.81 -12.64 3.87
CA PRO C 189 -15.01 -11.67 3.14
C PRO C 189 -14.53 -10.54 4.06
N THR C 190 -13.40 -9.92 3.71
CA THR C 190 -12.76 -8.83 4.48
C THR C 190 -12.37 -7.70 3.51
N ILE C 191 -11.75 -6.63 4.02
CA ILE C 191 -11.32 -5.46 3.20
C ILE C 191 -10.29 -5.92 2.15
N ALA C 192 -9.57 -7.01 2.41
CA ALA C 192 -8.66 -7.67 1.43
C ALA C 192 -9.46 -8.09 0.19
N ASP C 193 -10.60 -8.74 0.37
CA ASP C 193 -11.48 -9.25 -0.72
C ASP C 193 -12.07 -8.07 -1.49
N ILE C 194 -12.52 -7.03 -0.77
CA ILE C 194 -13.17 -5.82 -1.35
C ILE C 194 -12.16 -5.08 -2.23
N ALA C 195 -10.91 -4.96 -1.76
CA ALA C 195 -9.80 -4.27 -2.48
C ALA C 195 -9.47 -5.02 -3.78
N THR C 196 -9.50 -6.35 -3.75
CA THR C 196 -9.06 -7.23 -4.87
C THR C 196 -10.14 -7.32 -5.95
N LEU C 197 -11.42 -7.40 -5.58
CA LEU C 197 -12.54 -7.82 -6.47
C LEU C 197 -12.54 -7.03 -7.77
N PRO C 198 -12.51 -5.68 -7.77
CA PRO C 198 -12.67 -4.91 -9.02
C PRO C 198 -11.62 -5.20 -10.11
N PHE C 199 -10.46 -5.73 -9.72
CA PHE C 199 -9.33 -6.07 -10.65
C PHE C 199 -9.24 -7.57 -10.87
N ALA C 200 -10.15 -8.34 -10.27
CA ALA C 200 -10.25 -9.82 -10.38
C ALA C 200 -11.72 -10.22 -10.61
N MET C 201 -12.33 -9.69 -11.68
CA MET C 201 -13.66 -10.08 -12.22
C MET C 201 -13.49 -10.43 -13.71
N LYS C 202 -14.49 -11.05 -14.32
CA LYS C 202 -14.47 -11.44 -15.76
C LYS C 202 -14.43 -10.19 -16.64
N SER C 203 -15.24 -9.17 -16.31
CA SER C 203 -15.36 -7.90 -17.10
C SER C 203 -14.00 -7.20 -17.17
N THR C 204 -13.26 -7.16 -16.05
CA THR C 204 -11.90 -6.54 -15.99
C THR C 204 -10.89 -7.45 -16.70
N ALA C 205 -10.93 -8.76 -16.44
CA ALA C 205 -10.08 -9.78 -17.11
C ALA C 205 -10.21 -9.65 -18.63
N GLU C 206 -11.43 -9.48 -19.12
CA GLU C 206 -11.75 -9.29 -20.57
C GLU C 206 -11.07 -8.01 -21.08
N LEU C 207 -11.17 -6.91 -20.33
CA LEU C 207 -10.52 -5.61 -20.66
C LEU C 207 -9.01 -5.82 -20.85
N PHE C 208 -8.38 -6.62 -19.96
CA PHE C 208 -6.93 -6.95 -20.00
C PHE C 208 -6.61 -7.91 -21.16
N GLY C 209 -7.65 -8.48 -21.79
CA GLY C 209 -7.51 -9.44 -22.90
C GLY C 209 -7.11 -10.82 -22.40
N LEU C 210 -7.61 -11.20 -21.21
CA LEU C 210 -7.34 -12.51 -20.55
C LEU C 210 -8.66 -13.29 -20.44
N GLU C 211 -8.56 -14.62 -20.47
CA GLU C 211 -9.71 -15.55 -20.29
C GLU C 211 -9.78 -15.96 -18.81
N PHE C 212 -10.78 -15.44 -18.08
CA PHE C 212 -10.88 -15.51 -16.60
C PHE C 212 -11.16 -16.96 -16.15
N GLU C 213 -11.68 -17.80 -17.05
CA GLU C 213 -12.03 -19.22 -16.79
C GLU C 213 -10.76 -20.03 -16.49
N LYS C 214 -9.59 -19.55 -16.92
CA LYS C 214 -8.26 -20.20 -16.69
C LYS C 214 -7.90 -20.15 -15.20
N TRP C 215 -8.59 -19.32 -14.41
CA TRP C 215 -8.48 -19.25 -12.93
C TRP C 215 -9.85 -19.57 -12.32
N PRO C 216 -10.25 -20.86 -12.30
CA PRO C 216 -11.63 -21.23 -11.93
C PRO C 216 -12.03 -20.86 -10.50
N LYS C 217 -11.16 -21.13 -9.52
CA LYS C 217 -11.42 -20.83 -8.08
C LYS C 217 -11.49 -19.31 -7.88
N LEU C 218 -10.65 -18.55 -8.57
CA LEU C 218 -10.67 -17.06 -8.54
C LEU C 218 -11.99 -16.56 -9.15
N GLN C 219 -12.42 -17.15 -10.27
CA GLN C 219 -13.69 -16.79 -10.95
C GLN C 219 -14.87 -17.10 -10.02
N GLU C 220 -14.91 -18.29 -9.43
CA GLU C 220 -15.99 -18.72 -8.49
C GLU C 220 -16.07 -17.74 -7.32
N TRP C 221 -14.91 -17.33 -6.79
CA TRP C 221 -14.79 -16.32 -5.70
C TRP C 221 -15.41 -14.99 -6.15
N SER C 222 -15.09 -14.53 -7.37
CA SER C 222 -15.57 -13.23 -7.93
C SER C 222 -17.10 -13.24 -8.04
N VAL C 223 -17.68 -14.38 -8.44
CA VAL C 223 -19.16 -14.59 -8.54
C VAL C 223 -19.78 -14.55 -7.14
N ARG C 224 -19.17 -15.26 -6.17
CA ARG C 224 -19.63 -15.31 -4.77
C ARG C 224 -19.66 -13.89 -4.19
N MET C 225 -18.57 -13.12 -4.36
CA MET C 225 -18.47 -11.71 -3.93
C MET C 225 -19.55 -10.87 -4.64
N GLY C 226 -19.76 -11.11 -5.93
CA GLY C 226 -20.70 -10.36 -6.78
C GLY C 226 -22.16 -10.56 -6.38
N GLU C 227 -22.48 -11.68 -5.71
CA GLU C 227 -23.85 -12.06 -5.30
C GLU C 227 -24.25 -11.34 -4.00
N ARG C 228 -23.29 -10.75 -3.28
CA ARG C 228 -23.53 -9.98 -2.03
C ARG C 228 -24.35 -8.73 -2.38
N GLU C 229 -25.40 -8.43 -1.61
CA GLU C 229 -26.34 -7.32 -1.86
C GLU C 229 -25.58 -5.98 -1.83
N ALA C 230 -24.69 -5.80 -0.86
CA ALA C 230 -23.87 -4.58 -0.67
C ALA C 230 -23.03 -4.31 -1.92
N VAL C 231 -22.45 -5.36 -2.50
CA VAL C 231 -21.59 -5.27 -3.72
C VAL C 231 -22.45 -4.84 -4.91
N LYS C 232 -23.64 -5.44 -5.06
CA LYS C 232 -24.61 -5.13 -6.15
C LYS C 232 -25.05 -3.66 -6.04
N ARG C 233 -25.41 -3.21 -4.84
CA ARG C 233 -25.81 -1.81 -4.55
C ARG C 233 -24.67 -0.85 -4.93
N ALA C 234 -23.43 -1.19 -4.56
CA ALA C 234 -22.22 -0.36 -4.80
C ALA C 234 -22.01 -0.15 -6.30
N TRP C 235 -22.03 -1.24 -7.09
CA TRP C 235 -21.86 -1.19 -8.57
C TRP C 235 -22.99 -0.37 -9.22
N GLN C 236 -24.24 -0.56 -8.77
CA GLN C 236 -25.43 0.15 -9.31
C GLN C 236 -25.28 1.66 -9.12
N ARG C 237 -24.84 2.09 -7.93
CA ARG C 237 -24.76 3.53 -7.54
C ARG C 237 -23.54 4.19 -8.20
N VAL C 238 -22.39 3.51 -8.23
CA VAL C 238 -21.09 4.11 -8.68
C VAL C 238 -21.17 4.44 -10.17
N ALA C 239 -21.91 3.64 -10.95
CA ALA C 239 -22.16 3.86 -12.40
C ALA C 239 -22.94 5.15 -12.63
N GLY C 240 -23.84 5.52 -11.70
CA GLY C 240 -24.82 6.62 -11.86
C GLY C 240 -24.30 7.98 -11.45
N PHE C 241 -23.28 8.05 -10.59
CA PHE C 241 -22.74 9.32 -10.02
C PHE C 241 -22.38 10.27 -11.17
N GLY C 242 -22.95 11.47 -11.16
CA GLY C 242 -22.71 12.53 -12.16
C GLY C 242 -23.64 12.45 -13.36
N HIS C 243 -24.48 11.42 -13.44
CA HIS C 243 -25.47 11.22 -14.54
C HIS C 243 -26.90 11.47 -14.04
N GLY C 244 -27.05 11.88 -12.79
CA GLY C 244 -28.35 12.20 -12.16
C GLY C 244 -28.71 13.67 -12.35
N GLU C 245 -29.52 14.21 -11.45
CA GLU C 245 -30.01 15.61 -11.49
C GLU C 245 -28.82 16.58 -11.38
N LYS C 246 -27.81 16.25 -10.58
CA LYS C 246 -26.59 17.08 -10.37
C LYS C 246 -25.40 16.39 -11.05
N GLU C 247 -24.70 17.12 -11.93
CA GLU C 247 -23.57 16.58 -12.74
C GLU C 247 -22.28 16.59 -11.90
N TYR C 248 -22.05 17.66 -11.14
CA TYR C 248 -20.86 17.85 -10.27
C TYR C 248 -21.29 18.45 -8.93
N GLY C 249 -20.51 18.18 -7.88
CA GLY C 249 -20.74 18.72 -6.52
C GLY C 249 -21.40 17.71 -5.61
N MET C 250 -21.94 18.17 -4.48
CA MET C 250 -22.59 17.33 -3.45
C MET C 250 -23.93 16.82 -3.99
N LEU C 251 -24.08 15.50 -4.13
CA LEU C 251 -25.33 14.84 -4.59
C LEU C 251 -26.36 14.91 -3.44
N GLU C 252 -27.64 15.02 -3.78
CA GLU C 252 -28.75 15.18 -2.80
C GLU C 252 -29.41 13.82 -2.54
N SER D 15 5.16 -29.16 2.27
CA SER D 15 6.64 -29.23 2.07
C SER D 15 7.36 -29.03 3.42
N GLU D 16 8.47 -29.76 3.63
CA GLU D 16 9.20 -29.81 4.92
C GLU D 16 10.07 -28.56 5.07
N ARG D 17 9.98 -27.89 6.23
CA ARG D 17 10.82 -26.72 6.60
C ARG D 17 12.22 -27.22 6.98
N PRO D 18 13.26 -26.38 6.86
CA PRO D 18 14.59 -26.73 7.38
C PRO D 18 14.54 -26.99 8.89
N SER D 19 15.38 -27.91 9.37
CA SER D 19 15.40 -28.40 10.78
C SER D 19 15.60 -27.25 11.77
N ASP D 20 16.33 -26.20 11.37
CA ASP D 20 16.69 -25.06 12.27
C ASP D 20 15.59 -24.00 12.29
N LEU D 21 14.55 -24.11 11.46
CA LEU D 21 13.42 -23.13 11.43
C LEU D 21 12.38 -23.51 12.48
N VAL D 22 12.43 -22.84 13.63
CA VAL D 22 11.43 -22.95 14.74
C VAL D 22 10.98 -21.53 15.11
N VAL D 23 9.79 -21.41 15.70
CA VAL D 23 9.16 -20.11 16.06
C VAL D 23 9.01 -20.03 17.58
N ASN D 24 10.05 -19.54 18.26
CA ASN D 24 10.08 -19.30 19.73
C ASN D 24 9.84 -17.81 20.02
N ARG D 25 9.76 -17.01 18.96
CA ARG D 25 9.56 -15.53 18.99
C ARG D 25 9.34 -15.07 17.54
N LEU D 26 9.28 -13.77 17.30
CA LEU D 26 9.17 -13.19 15.93
C LEU D 26 10.42 -13.59 15.13
N VAL D 27 10.23 -14.25 13.99
CA VAL D 27 11.31 -14.63 13.04
C VAL D 27 11.18 -13.75 11.80
N LEU D 28 12.16 -12.87 11.54
CA LEU D 28 12.23 -12.03 10.32
C LEU D 28 13.07 -12.76 9.28
N PHE D 29 12.49 -13.04 8.12
CA PHE D 29 13.16 -13.72 6.97
C PHE D 29 13.82 -12.65 6.08
N VAL D 30 15.13 -12.81 5.85
CA VAL D 30 15.97 -11.89 5.04
C VAL D 30 16.77 -12.74 4.05
N VAL D 31 17.55 -12.09 3.19
CA VAL D 31 18.57 -12.73 2.31
C VAL D 31 19.95 -12.15 2.68
N LYS D 32 21.02 -12.70 2.11
CA LYS D 32 22.39 -12.19 2.29
C LYS D 32 22.40 -10.68 2.03
N GLY D 33 22.96 -9.91 2.96
CA GLY D 33 23.12 -8.45 2.85
C GLY D 33 23.98 -8.08 1.66
N THR D 34 23.43 -7.31 0.72
CA THR D 34 24.15 -6.71 -0.44
C THR D 34 23.60 -5.30 -0.68
N ALA D 35 24.23 -4.55 -1.59
CA ALA D 35 23.86 -3.17 -1.95
C ALA D 35 22.40 -3.11 -2.43
N THR D 36 21.86 -4.22 -2.98
CA THR D 36 20.57 -4.25 -3.72
C THR D 36 19.54 -5.17 -3.05
N SER D 37 19.79 -5.71 -1.86
CA SER D 37 18.95 -6.78 -1.23
C SER D 37 18.28 -6.33 0.07
N THR D 38 18.49 -5.09 0.53
CA THR D 38 18.18 -4.66 1.92
C THR D 38 17.12 -3.55 2.00
N HIS D 39 16.75 -2.91 0.88
CA HIS D 39 15.90 -1.69 0.86
C HIS D 39 14.50 -1.97 1.40
N ASN D 40 14.03 -3.22 1.35
CA ASN D 40 12.68 -3.63 1.84
C ASN D 40 12.79 -4.31 3.22
N THR D 41 13.75 -5.24 3.39
CA THR D 41 13.93 -6.02 4.64
C THR D 41 14.28 -5.07 5.80
N VAL D 42 14.94 -3.95 5.53
CA VAL D 42 15.36 -2.95 6.57
C VAL D 42 14.11 -2.33 7.22
N LYS D 43 12.99 -2.24 6.51
CA LYS D 43 11.76 -1.54 6.96
C LYS D 43 11.26 -2.17 8.26
N PRO D 44 10.86 -3.47 8.30
CA PRO D 44 10.44 -4.10 9.55
C PRO D 44 11.54 -4.09 10.62
N LEU D 45 12.81 -4.27 10.22
CA LEU D 45 13.96 -4.33 11.15
C LEU D 45 14.08 -2.99 11.90
N ILE D 46 13.90 -1.86 11.20
CA ILE D 46 13.90 -0.50 11.83
C ILE D 46 12.88 -0.48 12.97
N LEU D 47 11.64 -0.93 12.71
CA LEU D 47 10.53 -0.86 13.69
C LEU D 47 10.82 -1.81 14.87
N LEU D 48 11.34 -3.02 14.59
CA LEU D 48 11.77 -4.00 15.62
C LEU D 48 12.82 -3.35 16.54
N GLU D 49 13.75 -2.57 15.96
CA GLU D 49 14.83 -1.87 16.71
C GLU D 49 14.24 -0.70 17.51
N GLU D 50 13.28 0.04 16.92
CA GLU D 50 12.62 1.21 17.57
C GLU D 50 11.88 0.75 18.83
N LEU D 51 11.14 -0.35 18.74
CA LEU D 51 10.24 -0.86 19.82
C LEU D 51 10.97 -1.82 20.75
N GLY D 52 12.17 -2.29 20.36
CA GLY D 52 12.97 -3.26 21.12
C GLY D 52 12.26 -4.61 21.22
N VAL D 53 11.69 -5.08 20.11
CA VAL D 53 10.94 -6.36 20.00
C VAL D 53 11.95 -7.51 20.00
N PRO D 54 11.80 -8.52 20.89
CA PRO D 54 12.62 -9.73 20.79
C PRO D 54 12.33 -10.45 19.47
N HIS D 55 13.36 -10.74 18.67
CA HIS D 55 13.21 -11.37 17.33
C HIS D 55 14.45 -12.20 16.96
N ASP D 56 14.24 -13.19 16.10
CA ASP D 56 15.30 -13.99 15.42
C ASP D 56 15.43 -13.49 13.98
N ILE D 57 16.57 -13.78 13.33
CA ILE D 57 16.83 -13.52 11.89
C ILE D 57 17.08 -14.86 11.20
N TYR D 58 16.30 -15.16 10.15
CA TYR D 58 16.48 -16.35 9.30
C TYR D 58 16.93 -15.91 7.90
N VAL D 59 18.15 -16.27 7.50
CA VAL D 59 18.73 -15.94 6.17
C VAL D 59 18.30 -17.02 5.18
N VAL D 60 17.40 -16.68 4.25
CA VAL D 60 16.86 -17.59 3.19
C VAL D 60 17.91 -17.67 2.08
N GLU D 61 18.34 -18.90 1.73
CA GLU D 61 19.31 -19.15 0.64
C GLU D 61 18.60 -18.95 -0.71
N LYS D 62 17.44 -19.57 -0.89
CA LYS D 62 16.62 -19.52 -2.13
C LYS D 62 15.17 -19.21 -1.78
N VAL D 63 14.68 -18.03 -2.15
CA VAL D 63 13.26 -17.59 -1.97
C VAL D 63 12.35 -18.43 -2.88
N SER D 64 12.93 -19.15 -3.85
CA SER D 64 12.24 -20.08 -4.78
C SER D 64 11.92 -21.41 -4.09
N ALA D 65 12.51 -21.68 -2.92
CA ALA D 65 12.34 -22.93 -2.13
C ALA D 65 10.85 -23.14 -1.84
N PRO D 66 10.27 -24.33 -2.15
CA PRO D 66 8.87 -24.61 -1.85
C PRO D 66 8.43 -24.31 -0.41
N TRP D 67 9.27 -24.63 0.58
CA TRP D 67 8.95 -24.41 2.02
C TRP D 67 8.74 -22.91 2.30
N PHE D 68 9.45 -22.02 1.58
CA PHE D 68 9.36 -20.55 1.79
C PHE D 68 8.07 -19.99 1.17
N SER D 69 7.62 -20.55 0.04
CA SER D 69 6.39 -20.10 -0.67
C SER D 69 5.15 -20.38 0.18
N GLU D 70 5.23 -21.35 1.10
CA GLU D 70 4.16 -21.67 2.10
C GLU D 70 4.09 -20.56 3.16
N ILE D 71 5.19 -19.81 3.37
CA ILE D 71 5.24 -18.63 4.28
C ILE D 71 4.78 -17.40 3.50
N ASN D 72 5.42 -17.10 2.36
CA ASN D 72 5.09 -15.96 1.47
C ASN D 72 4.84 -16.48 0.05
N PRO D 73 3.57 -16.53 -0.41
CA PRO D 73 3.25 -16.99 -1.77
C PRO D 73 3.89 -16.13 -2.87
N HIS D 74 4.27 -14.89 -2.53
CA HIS D 74 4.91 -13.91 -3.45
C HIS D 74 6.41 -14.20 -3.57
N LYS D 75 6.96 -15.07 -2.71
CA LYS D 75 8.34 -15.62 -2.81
C LYS D 75 9.38 -14.50 -2.73
N MET D 76 9.26 -13.62 -1.74
CA MET D 76 10.17 -12.46 -1.53
C MET D 76 10.40 -12.25 -0.03
N VAL D 77 11.48 -11.54 0.32
CA VAL D 77 11.74 -11.03 1.69
C VAL D 77 11.45 -9.52 1.68
N PRO D 78 11.03 -8.91 2.81
CA PRO D 78 10.87 -9.61 4.09
C PRO D 78 9.58 -10.44 4.23
N ALA D 79 9.64 -11.41 5.14
CA ALA D 79 8.49 -12.19 5.65
C ALA D 79 8.70 -12.42 7.15
N ILE D 80 7.62 -12.72 7.88
CA ILE D 80 7.64 -12.94 9.35
C ILE D 80 6.85 -14.22 9.67
N LEU D 81 7.37 -15.04 10.57
CA LEU D 81 6.59 -16.02 11.37
C LEU D 81 6.68 -15.60 12.83
N ASP D 82 5.57 -15.69 13.56
CA ASP D 82 5.49 -15.32 15.00
C ASP D 82 4.41 -16.16 15.67
N ARG D 83 4.49 -16.31 16.98
CA ARG D 83 3.45 -16.97 17.80
C ARG D 83 2.26 -16.00 17.94
N SER D 84 1.03 -16.53 17.92
CA SER D 84 -0.22 -15.78 18.20
C SER D 84 -0.12 -15.19 19.61
N PRO D 85 -0.86 -14.09 19.92
CA PRO D 85 -0.81 -13.48 21.25
C PRO D 85 -0.95 -14.48 22.41
N ASP D 86 -1.86 -15.45 22.29
CA ASP D 86 -2.12 -16.49 23.33
C ASP D 86 -1.00 -17.53 23.32
N GLY D 87 -0.21 -17.59 22.24
CA GLY D 87 1.00 -18.42 22.12
C GLY D 87 0.69 -19.86 21.73
N ARG D 88 -0.54 -20.13 21.26
CA ARG D 88 -1.03 -21.50 20.92
C ARG D 88 -0.83 -21.79 19.42
N ASP D 89 -0.88 -20.76 18.58
N ASP D 89 -0.90 -20.77 18.56
CA ASP D 89 -0.83 -20.87 17.09
CA ASP D 89 -0.81 -20.92 17.09
C ASP D 89 0.41 -20.13 16.56
C ASP D 89 0.36 -20.11 16.55
N THR D 90 0.71 -20.32 15.27
CA THR D 90 1.70 -19.53 14.50
C THR D 90 0.95 -18.70 13.46
N LEU D 91 1.36 -17.45 13.24
CA LEU D 91 0.82 -16.57 12.17
C LEU D 91 1.97 -16.07 11.30
N ARG D 92 1.65 -15.41 10.19
CA ARG D 92 2.64 -14.93 9.19
C ARG D 92 2.30 -13.50 8.74
N ALA D 93 3.32 -12.74 8.36
CA ALA D 93 3.20 -11.44 7.68
C ALA D 93 4.20 -11.41 6.50
N TRP D 94 3.77 -10.90 5.35
CA TRP D 94 4.61 -10.75 4.12
C TRP D 94 4.10 -9.57 3.30
N GLU D 95 4.98 -9.02 2.45
CA GLU D 95 4.96 -7.62 1.95
C GLU D 95 5.48 -6.71 3.08
N SER D 96 6.47 -5.87 2.80
CA SER D 96 7.17 -5.03 3.80
C SER D 96 6.16 -4.15 4.56
N THR D 97 5.18 -3.56 3.86
CA THR D 97 4.12 -2.71 4.46
C THR D 97 3.32 -3.54 5.46
N SER D 98 2.99 -4.80 5.12
CA SER D 98 2.21 -5.72 5.99
C SER D 98 3.03 -6.12 7.22
N THR D 99 4.35 -6.29 7.09
CA THR D 99 5.25 -6.62 8.23
C THR D 99 5.23 -5.44 9.22
N LEU D 100 5.21 -4.21 8.71
CA LEU D 100 5.15 -2.97 9.55
C LEU D 100 3.81 -2.92 10.29
N MET D 101 2.70 -3.21 9.59
N MET D 101 2.70 -3.21 9.58
CA MET D 101 1.33 -3.23 10.16
CA MET D 101 1.32 -3.24 10.15
C MET D 101 1.24 -4.29 11.27
C MET D 101 1.26 -4.29 11.27
N TYR D 102 1.79 -5.49 11.03
CA TYR D 102 1.74 -6.62 11.99
C TYR D 102 2.53 -6.29 13.27
N ILE D 103 3.77 -5.80 13.13
CA ILE D 103 4.67 -5.47 14.28
C ILE D 103 3.98 -4.39 15.14
N ALA D 104 3.40 -3.36 14.50
CA ALA D 104 2.66 -2.27 15.17
C ALA D 104 1.48 -2.86 15.96
N ASP D 105 0.70 -3.74 15.31
CA ASP D 105 -0.52 -4.35 15.88
C ASP D 105 -0.16 -5.18 17.12
N ALA D 106 0.90 -6.00 17.02
CA ALA D 106 1.28 -7.02 18.03
C ALA D 106 2.14 -6.40 19.15
N TYR D 107 2.98 -5.41 18.85
CA TYR D 107 4.08 -4.95 19.75
C TYR D 107 4.01 -3.45 20.08
N ASP D 108 3.37 -2.63 19.25
CA ASP D 108 3.27 -1.16 19.48
C ASP D 108 2.03 -0.88 20.35
N LYS D 109 2.15 -1.17 21.65
CA LYS D 109 1.04 -1.10 22.65
C LYS D 109 0.53 0.33 22.77
N ASP D 110 1.44 1.31 22.83
CA ASP D 110 1.14 2.75 23.08
C ASP D 110 0.79 3.46 21.76
N GLY D 111 0.84 2.76 20.62
CA GLY D 111 0.55 3.33 19.29
C GLY D 111 1.52 4.45 18.93
N THR D 112 2.78 4.33 19.33
CA THR D 112 3.85 5.34 19.14
C THR D 112 4.21 5.45 17.64
N PHE D 113 4.20 4.32 16.92
CA PHE D 113 4.51 4.25 15.46
C PHE D 113 3.28 3.87 14.65
N GLY D 114 2.27 3.25 15.26
CA GLY D 114 1.03 2.79 14.60
C GLY D 114 -0.06 3.84 14.60
N GLY D 115 -0.08 4.72 15.61
CA GLY D 115 -1.11 5.76 15.80
C GLY D 115 -1.95 5.48 17.03
N ARG D 116 -2.23 6.51 17.83
CA ARG D 116 -2.87 6.40 19.18
C ARG D 116 -4.38 6.49 19.07
N ASN D 117 -4.91 7.05 17.98
CA ASN D 117 -6.38 7.26 17.80
C ASN D 117 -6.74 7.24 16.30
N VAL D 118 -8.04 7.30 16.00
CA VAL D 118 -8.61 7.22 14.62
C VAL D 118 -8.00 8.35 13.77
N GLN D 119 -7.86 9.57 14.34
CA GLN D 119 -7.33 10.76 13.62
C GLN D 119 -5.88 10.51 13.19
N GLU D 120 -5.01 10.10 14.12
CA GLU D 120 -3.58 9.79 13.83
C GLU D 120 -3.48 8.68 12.79
N ARG D 121 -4.23 7.58 12.98
CA ARG D 121 -4.18 6.37 12.12
C ARG D 121 -4.63 6.73 10.69
N SER D 122 -5.58 7.66 10.54
CA SER D 122 -6.10 8.09 9.22
C SER D 122 -4.94 8.66 8.37
N GLU D 123 -4.12 9.54 8.95
CA GLU D 123 -2.99 10.20 8.24
C GLU D 123 -1.86 9.20 8.03
N ILE D 124 -1.53 8.38 9.04
CA ILE D 124 -0.47 7.34 8.95
C ILE D 124 -0.78 6.42 7.75
N ASN D 125 -2.02 5.94 7.65
CA ASN D 125 -2.44 4.97 6.59
C ASN D 125 -2.44 5.68 5.22
N ASN D 126 -2.72 6.97 5.17
CA ASN D 126 -2.68 7.78 3.92
C ASN D 126 -1.26 7.74 3.33
N TRP D 127 -0.26 8.10 4.13
CA TRP D 127 1.15 8.26 3.67
C TRP D 127 1.81 6.89 3.51
N LEU D 128 1.46 5.92 4.37
CA LEU D 128 1.94 4.51 4.26
C LEU D 128 1.43 3.90 2.94
N THR D 129 0.15 4.09 2.62
CA THR D 129 -0.49 3.52 1.41
C THR D 129 0.04 4.23 0.16
N LEU D 130 0.26 5.55 0.23
CA LEU D 130 0.85 6.33 -0.90
C LEU D 130 2.17 5.67 -1.33
N HIS D 131 3.01 5.29 -0.36
CA HIS D 131 4.29 4.59 -0.65
C HIS D 131 4.01 3.19 -1.22
N THR D 132 3.10 2.44 -0.60
CA THR D 132 2.78 1.03 -0.97
C THR D 132 2.26 0.98 -2.41
N ALA D 133 1.48 1.98 -2.84
CA ALA D 133 0.73 2.01 -4.11
C ALA D 133 1.49 2.78 -5.21
N ALA D 134 2.23 3.84 -4.86
CA ALA D 134 2.79 4.80 -5.82
C ALA D 134 4.32 4.67 -5.92
N LEU D 135 5.08 5.26 -4.99
CA LEU D 135 6.57 5.36 -5.09
C LEU D 135 7.17 3.95 -5.11
N GLY D 136 6.76 3.08 -4.18
CA GLY D 136 7.26 1.70 -4.05
C GLY D 136 7.19 0.93 -5.37
N PRO D 137 5.97 0.66 -5.90
CA PRO D 137 5.82 -0.05 -7.17
C PRO D 137 6.47 0.65 -8.37
N THR D 138 6.43 1.99 -8.42
CA THR D 138 7.05 2.82 -9.49
C THR D 138 8.57 2.63 -9.45
N ALA D 139 9.18 2.68 -8.26
CA ALA D 139 10.64 2.48 -8.03
C ALA D 139 11.02 1.06 -8.48
N LYS D 140 10.22 0.06 -8.09
CA LYS D 140 10.43 -1.38 -8.43
C LYS D 140 10.41 -1.56 -9.96
N TYR D 141 9.43 -0.97 -10.64
CA TYR D 141 9.22 -1.10 -12.11
C TYR D 141 10.34 -0.37 -12.86
N TRP D 142 10.78 0.79 -12.36
CA TRP D 142 11.93 1.54 -12.93
C TRP D 142 13.18 0.66 -12.91
N LEU D 143 13.49 0.06 -11.75
CA LEU D 143 14.68 -0.80 -11.53
C LEU D 143 14.62 -2.01 -12.46
N TYR D 144 13.43 -2.62 -12.61
CA TYR D 144 13.23 -3.84 -13.42
C TYR D 144 13.56 -3.55 -14.89
N PHE D 145 12.93 -2.53 -15.49
CA PHE D 145 13.08 -2.17 -16.92
C PHE D 145 14.49 -1.63 -17.20
N TYR D 146 15.11 -0.99 -16.20
CA TYR D 146 16.44 -0.33 -16.32
C TYR D 146 17.57 -1.37 -16.40
N LYS D 147 17.52 -2.43 -15.59
CA LYS D 147 18.68 -3.36 -15.44
C LYS D 147 18.27 -4.85 -15.52
N LEU D 148 16.99 -5.21 -15.40
CA LEU D 148 16.55 -6.63 -15.30
C LEU D 148 15.89 -7.12 -16.60
N HIS D 149 14.97 -6.34 -17.18
CA HIS D 149 14.20 -6.73 -18.39
C HIS D 149 15.17 -7.08 -19.52
N PRO D 150 14.92 -8.14 -20.32
CA PRO D 150 15.87 -8.57 -21.35
C PRO D 150 16.05 -7.51 -22.44
N GLU D 151 14.94 -6.91 -22.88
CA GLU D 151 14.90 -5.82 -23.90
C GLU D 151 14.98 -4.47 -23.19
N LYS D 152 15.48 -3.44 -23.88
CA LYS D 152 15.64 -2.07 -23.31
C LYS D 152 14.59 -1.15 -23.95
N LEU D 153 13.78 -0.51 -23.09
CA LEU D 153 12.63 0.35 -23.46
C LEU D 153 12.81 1.72 -22.79
N PRO D 154 13.72 2.57 -23.30
CA PRO D 154 14.07 3.83 -22.63
C PRO D 154 12.88 4.80 -22.45
N LYS D 155 11.88 4.71 -23.32
CA LYS D 155 10.65 5.54 -23.27
C LYS D 155 9.84 5.19 -22.02
N THR D 156 9.78 3.90 -21.66
CA THR D 156 9.13 3.38 -20.44
C THR D 156 9.93 3.82 -19.21
N ILE D 157 11.25 3.65 -19.24
CA ILE D 157 12.18 3.96 -18.11
C ILE D 157 12.10 5.46 -17.79
N GLU D 158 12.00 6.31 -18.82
CA GLU D 158 11.96 7.78 -18.70
C GLU D 158 10.64 8.21 -18.03
N LYS D 159 9.52 7.59 -18.42
CA LYS D 159 8.18 7.89 -17.86
C LYS D 159 8.15 7.52 -16.38
N LEU D 160 8.73 6.36 -16.01
CA LEU D 160 8.78 5.86 -14.62
C LEU D 160 9.65 6.79 -13.77
N ARG D 161 10.80 7.24 -14.31
CA ARG D 161 11.72 8.18 -13.63
C ARG D 161 10.98 9.50 -13.37
N SER D 162 10.22 9.99 -14.36
CA SER D 162 9.37 11.21 -14.27
C SER D 162 8.34 11.04 -13.14
N ASN D 163 7.72 9.86 -13.03
CA ASN D 163 6.69 9.55 -11.99
C ASN D 163 7.34 9.61 -10.60
N ILE D 164 8.60 9.19 -10.47
CA ILE D 164 9.35 9.24 -9.17
C ILE D 164 9.49 10.71 -8.72
N THR D 165 9.78 11.63 -9.65
CA THR D 165 9.95 13.08 -9.36
C THR D 165 8.62 13.68 -8.87
N VAL D 166 7.50 13.22 -9.45
CA VAL D 166 6.11 13.64 -9.05
C VAL D 166 5.86 13.19 -7.61
N GLN D 167 6.27 11.97 -7.24
CA GLN D 167 6.13 11.42 -5.87
C GLN D 167 6.98 12.22 -4.89
N TYR D 168 8.21 12.55 -5.28
CA TYR D 168 9.13 13.43 -4.49
C TYR D 168 8.47 14.80 -4.27
N ASP D 169 7.85 15.35 -5.31
CA ASP D 169 7.11 16.64 -5.29
C ASP D 169 6.01 16.60 -4.22
N ILE D 170 5.25 15.50 -4.14
CA ILE D 170 4.13 15.31 -3.17
C ILE D 170 4.71 15.31 -1.75
N LEU D 171 5.78 14.53 -1.51
CA LEU D 171 6.44 14.41 -0.19
C LEU D 171 7.01 15.78 0.22
N GLU D 172 7.61 16.51 -0.74
CA GLU D 172 8.21 17.86 -0.53
C GLU D 172 7.11 18.83 -0.10
N ARG D 173 5.97 18.85 -0.80
CA ARG D 173 4.81 19.73 -0.50
C ARG D 173 4.38 19.49 0.97
N ARG D 174 4.22 18.22 1.36
CA ARG D 174 3.78 17.82 2.73
C ARG D 174 4.76 18.36 3.77
N LEU D 175 6.07 18.19 3.55
CA LEU D 175 7.15 18.55 4.51
C LEU D 175 7.43 20.06 4.48
N ASN D 176 6.75 20.81 3.60
CA ASN D 176 6.82 22.30 3.53
C ASN D 176 5.63 22.91 4.30
N GLU D 177 4.71 22.08 4.81
CA GLU D 177 3.55 22.55 5.64
C GLU D 177 4.06 22.93 7.02
N PRO D 178 3.52 24.00 7.65
CA PRO D 178 4.01 24.47 8.95
C PRO D 178 4.07 23.37 10.02
N GLY D 179 5.26 23.13 10.58
CA GLY D 179 5.49 22.22 11.72
C GLY D 179 5.39 20.74 11.35
N GLN D 180 5.34 20.41 10.05
CA GLN D 180 5.18 19.02 9.55
C GLN D 180 6.57 18.40 9.41
N GLN D 181 7.14 17.95 10.53
CA GLN D 181 8.53 17.41 10.63
C GLN D 181 8.61 16.01 10.02
N TYR D 182 7.52 15.24 10.10
CA TYR D 182 7.41 13.86 9.57
C TYR D 182 6.18 13.78 8.66
N LEU D 183 6.09 12.74 7.83
CA LEU D 183 5.12 12.64 6.71
C LEU D 183 3.68 12.60 7.23
N ALA D 184 3.40 11.75 8.23
CA ALA D 184 2.04 11.50 8.77
C ALA D 184 1.74 12.49 9.90
N LEU D 185 2.54 12.46 10.97
CA LEU D 185 2.34 13.28 12.20
C LEU D 185 3.40 14.37 12.27
N LYS D 186 3.08 15.48 12.93
CA LYS D 186 3.98 16.66 13.09
C LYS D 186 5.08 16.35 14.11
N ASP D 187 4.77 15.54 15.13
CA ASP D 187 5.55 15.44 16.40
C ASP D 187 6.59 14.32 16.32
N ARG D 188 6.31 13.21 15.62
CA ARG D 188 7.13 11.97 15.69
C ARG D 188 7.01 11.16 14.40
N PRO D 189 8.03 10.32 14.10
CA PRO D 189 7.95 9.41 12.95
C PRO D 189 7.02 8.22 13.22
N THR D 190 6.41 7.68 12.16
CA THR D 190 5.46 6.54 12.20
C THR D 190 5.89 5.51 11.15
N ILE D 191 5.12 4.43 10.99
CA ILE D 191 5.42 3.34 10.01
C ILE D 191 5.37 3.90 8.59
N ALA D 192 4.66 5.02 8.36
CA ALA D 192 4.61 5.76 7.08
C ALA D 192 6.02 6.26 6.71
N ASP D 193 6.73 6.82 7.68
CA ASP D 193 8.10 7.38 7.51
C ASP D 193 9.08 6.24 7.25
N ILE D 194 8.95 5.15 8.00
CA ILE D 194 9.85 3.95 7.93
C ILE D 194 9.73 3.32 6.53
N ALA D 195 8.50 3.13 6.05
CA ALA D 195 8.19 2.53 4.72
C ALA D 195 8.79 3.39 3.60
N THR D 196 8.73 4.72 3.74
CA THR D 196 9.11 5.70 2.67
C THR D 196 10.64 5.87 2.61
N LEU D 197 11.33 5.88 3.76
CA LEU D 197 12.74 6.33 3.89
C LEU D 197 13.62 5.68 2.82
N PRO D 198 13.67 4.33 2.69
CA PRO D 198 14.65 3.69 1.80
C PRO D 198 14.59 4.13 0.33
N PHE D 199 13.44 4.66 -0.12
CA PHE D 199 13.19 5.07 -1.53
C PHE D 199 13.23 6.60 -1.65
N ALA D 200 13.43 7.32 -0.53
CA ALA D 200 13.55 8.79 -0.46
C ALA D 200 14.80 9.16 0.36
N MET D 201 15.97 8.67 -0.08
CA MET D 201 17.31 9.02 0.46
C MET D 201 18.18 9.52 -0.69
N LYS D 202 19.27 10.22 -0.37
CA LYS D 202 20.22 10.77 -1.38
C LYS D 202 20.77 9.62 -2.25
N SER D 203 21.15 8.50 -1.63
CA SER D 203 21.77 7.33 -2.31
C SER D 203 20.80 6.75 -3.34
N THR D 204 19.52 6.57 -2.97
CA THR D 204 18.45 6.05 -3.86
C THR D 204 18.17 7.08 -4.97
N ALA D 205 18.09 8.37 -4.61
CA ALA D 205 17.86 9.48 -5.56
C ALA D 205 18.96 9.49 -6.62
N GLU D 206 20.22 9.21 -6.23
CA GLU D 206 21.40 9.18 -7.13
C GLU D 206 21.30 7.97 -8.05
N LEU D 207 20.84 6.82 -7.53
CA LEU D 207 20.58 5.59 -8.34
C LEU D 207 19.60 5.92 -9.47
N PHE D 208 18.53 6.67 -9.17
CA PHE D 208 17.47 7.07 -10.13
C PHE D 208 18.00 8.14 -11.11
N GLY D 209 19.15 8.75 -10.79
CA GLY D 209 19.80 9.79 -11.62
C GLY D 209 19.21 11.16 -11.37
N LEU D 210 18.76 11.42 -10.14
CA LEU D 210 18.09 12.68 -9.70
C LEU D 210 19.00 13.44 -8.74
N GLU D 211 18.89 14.77 -8.72
CA GLU D 211 19.58 15.68 -7.76
C GLU D 211 18.67 15.90 -6.55
N PHE D 212 18.94 15.21 -5.44
CA PHE D 212 18.07 15.12 -4.25
C PHE D 212 17.95 16.50 -3.57
N GLU D 213 18.90 17.40 -3.82
CA GLU D 213 18.92 18.80 -3.28
C GLU D 213 17.69 19.58 -3.81
N LYS D 214 17.16 19.20 -4.97
CA LYS D 214 15.94 19.80 -5.59
C LYS D 214 14.75 19.72 -4.63
N TRP D 215 14.75 18.76 -3.71
CA TRP D 215 13.71 18.56 -2.67
C TRP D 215 14.33 18.78 -1.29
N PRO D 216 14.57 20.04 -0.87
CA PRO D 216 15.35 20.34 0.33
C PRO D 216 14.73 19.86 1.65
N LYS D 217 13.40 19.99 1.80
CA LYS D 217 12.67 19.55 3.03
C LYS D 217 12.64 18.02 3.11
N LEU D 218 12.46 17.36 1.97
CA LEU D 218 12.51 15.86 1.86
C LEU D 218 13.92 15.39 2.23
N GLN D 219 14.97 16.07 1.77
CA GLN D 219 16.38 15.73 2.07
C GLN D 219 16.62 15.88 3.58
N GLU D 220 16.21 17.01 4.16
CA GLU D 220 16.35 17.30 5.62
C GLU D 220 15.63 16.21 6.43
N TRP D 221 14.44 15.79 5.98
CA TRP D 221 13.64 14.71 6.62
C TRP D 221 14.42 13.39 6.62
N SER D 222 15.02 13.04 5.48
CA SER D 222 15.77 11.77 5.27
C SER D 222 16.98 11.73 6.21
N VAL D 223 17.66 12.86 6.39
CA VAL D 223 18.82 13.02 7.32
C VAL D 223 18.33 12.86 8.77
N ARG D 224 17.22 13.52 9.12
CA ARG D 224 16.60 13.45 10.48
C ARG D 224 16.27 11.98 10.82
N MET D 225 15.62 11.27 9.89
CA MET D 225 15.30 9.83 10.02
C MET D 225 16.60 9.01 10.15
N GLY D 226 17.60 9.33 9.31
CA GLY D 226 18.89 8.62 9.24
C GLY D 226 19.71 8.74 10.53
N GLU D 227 19.48 9.80 11.32
CA GLU D 227 20.22 10.09 12.58
C GLU D 227 19.65 9.28 13.75
N ARG D 228 18.44 8.72 13.61
CA ARG D 228 17.80 7.88 14.66
C ARG D 228 18.65 6.63 14.89
N GLU D 229 18.84 6.24 16.16
CA GLU D 229 19.72 5.12 16.59
C GLU D 229 19.20 3.80 16.01
N ALA D 230 17.89 3.56 16.09
CA ALA D 230 17.21 2.34 15.59
C ALA D 230 17.46 2.20 14.07
N VAL D 231 17.40 3.31 13.34
CA VAL D 231 17.62 3.34 11.86
C VAL D 231 19.08 3.00 11.57
N LYS D 232 20.02 3.59 12.31
CA LYS D 232 21.47 3.32 12.20
C LYS D 232 21.74 1.83 12.46
N ARG D 233 21.19 1.28 13.55
CA ARG D 233 21.35 -0.15 13.96
C ARG D 233 20.80 -1.05 12.84
N ALA D 234 19.62 -0.72 12.29
CA ALA D 234 18.92 -1.51 11.25
C ALA D 234 19.81 -1.65 10.01
N TRP D 235 20.33 -0.53 9.48
CA TRP D 235 21.18 -0.48 8.26
C TRP D 235 22.45 -1.32 8.46
N GLN D 236 23.09 -1.20 9.62
CA GLN D 236 24.32 -1.96 9.98
C GLN D 236 24.00 -3.47 9.93
N ARG D 237 22.96 -3.89 10.64
CA ARG D 237 22.61 -5.33 10.84
C ARG D 237 22.20 -5.96 9.50
N VAL D 238 21.40 -5.26 8.68
CA VAL D 238 20.85 -5.80 7.42
C VAL D 238 22.00 -6.07 6.43
N ALA D 239 23.05 -5.24 6.45
CA ALA D 239 24.26 -5.39 5.60
C ALA D 239 25.05 -6.63 5.99
N GLY D 240 25.04 -7.00 7.28
CA GLY D 240 25.88 -8.06 7.87
C GLY D 240 25.28 -9.45 7.75
N PHE D 241 23.95 -9.56 7.65
CA PHE D 241 23.20 -10.85 7.66
C PHE D 241 23.76 -11.77 6.55
N GLY D 242 24.15 -12.99 6.95
CA GLY D 242 24.68 -14.03 6.04
C GLY D 242 26.20 -13.95 5.88
N HIS D 243 26.84 -12.94 6.47
CA HIS D 243 28.31 -12.71 6.39
C HIS D 243 28.97 -12.93 7.76
N GLY D 244 28.19 -13.36 8.76
CA GLY D 244 28.69 -13.70 10.11
C GLY D 244 29.14 -15.15 10.19
N GLU D 245 28.93 -15.79 11.34
CA GLU D 245 29.33 -17.20 11.61
C GLU D 245 28.54 -18.15 10.70
N LYS D 246 27.24 -17.88 10.50
CA LYS D 246 26.33 -18.68 9.62
C LYS D 246 26.03 -17.91 8.34
N GLU D 247 26.07 -18.61 7.19
CA GLU D 247 25.81 -18.04 5.84
C GLU D 247 24.31 -18.04 5.56
N TYR D 248 23.63 -19.15 5.87
CA TYR D 248 22.17 -19.35 5.64
C TYR D 248 21.54 -19.99 6.88
N GLY D 249 20.24 -19.81 7.07
CA GLY D 249 19.46 -20.43 8.15
C GLY D 249 19.29 -19.51 9.35
N MET D 250 18.94 -20.07 10.50
CA MET D 250 18.66 -19.34 11.76
C MET D 250 19.98 -18.80 12.34
N LEU D 251 20.13 -17.48 12.40
CA LEU D 251 21.32 -16.81 13.01
C LEU D 251 21.23 -16.95 14.54
N GLU D 252 22.38 -16.98 15.23
CA GLU D 252 22.46 -17.10 16.71
C GLU D 252 23.52 -16.13 17.24
N SER E 15 49.88 1.17 -8.17
CA SER E 15 50.98 1.67 -7.28
C SER E 15 50.55 2.97 -6.56
N GLU E 16 49.80 3.84 -7.24
CA GLU E 16 49.29 5.13 -6.70
C GLU E 16 48.11 4.86 -5.75
N ARG E 17 47.98 5.68 -4.70
CA ARG E 17 46.80 5.70 -3.79
C ARG E 17 45.52 5.85 -4.60
N PRO E 18 44.43 5.13 -4.26
CA PRO E 18 43.11 5.44 -4.81
C PRO E 18 42.69 6.88 -4.48
N SER E 19 41.87 7.49 -5.34
CA SER E 19 41.49 8.92 -5.29
C SER E 19 40.57 9.22 -4.09
N ASP E 20 39.96 8.19 -3.49
CA ASP E 20 38.98 8.33 -2.37
C ASP E 20 39.68 8.13 -1.01
N LEU E 21 40.97 7.74 -1.01
CA LEU E 21 41.75 7.55 0.24
C LEU E 21 42.28 8.91 0.71
N VAL E 22 41.67 9.46 1.77
CA VAL E 22 42.09 10.73 2.44
C VAL E 22 42.08 10.50 3.95
N VAL E 23 43.02 11.10 4.67
CA VAL E 23 43.22 10.92 6.15
C VAL E 23 42.87 12.24 6.85
N ASN E 24 41.58 12.49 7.08
CA ASN E 24 41.04 13.63 7.86
C ASN E 24 40.83 13.19 9.32
N ARG E 25 40.94 11.89 9.58
CA ARG E 25 40.84 11.26 10.92
C ARG E 25 41.46 9.86 10.82
N LEU E 26 41.38 9.06 11.89
CA LEU E 26 41.86 7.65 11.89
C LEU E 26 41.11 6.88 10.80
N VAL E 27 41.84 6.23 9.88
CA VAL E 27 41.28 5.36 8.82
C VAL E 27 41.67 3.92 9.12
N LEU E 28 40.69 3.07 9.44
CA LEU E 28 40.89 1.61 9.70
C LEU E 28 40.68 0.86 8.38
N PHE E 29 41.71 0.16 7.90
CA PHE E 29 41.69 -0.65 6.66
C PHE E 29 41.19 -2.07 6.99
N VAL E 30 40.13 -2.50 6.31
CA VAL E 30 39.49 -3.84 6.47
C VAL E 30 39.33 -4.47 5.09
N VAL E 31 38.77 -5.69 5.04
CA VAL E 31 38.31 -6.35 3.78
C VAL E 31 36.81 -6.61 3.92
N LYS E 32 36.16 -7.02 2.82
CA LYS E 32 34.71 -7.37 2.80
C LYS E 32 34.43 -8.38 3.93
N GLY E 33 33.38 -8.13 4.71
CA GLY E 33 32.97 -8.97 5.86
C GLY E 33 32.56 -10.36 5.40
N THR E 34 33.23 -11.39 5.93
CA THR E 34 32.88 -12.83 5.76
C THR E 34 33.13 -13.55 7.08
N ALA E 35 32.74 -14.83 7.17
CA ALA E 35 32.87 -15.68 8.36
C ALA E 35 34.33 -15.77 8.81
N THR E 36 35.29 -15.59 7.89
CA THR E 36 36.74 -15.88 8.12
C THR E 36 37.61 -14.62 7.99
N SER E 37 37.03 -13.44 7.73
CA SER E 37 37.81 -12.22 7.35
C SER E 37 37.83 -11.15 8.45
N THR E 38 37.25 -11.41 9.63
CA THR E 38 36.93 -10.36 10.64
C THR E 38 37.61 -10.58 12.00
N HIS E 39 38.23 -11.73 12.25
CA HIS E 39 38.71 -12.14 13.60
C HIS E 39 39.88 -11.25 14.08
N ASN E 40 40.58 -10.55 13.18
CA ASN E 40 41.72 -9.65 13.52
C ASN E 40 41.29 -8.18 13.38
N THR E 41 40.53 -7.84 12.35
CA THR E 41 40.07 -6.45 12.06
C THR E 41 39.11 -5.96 13.14
N VAL E 42 38.40 -6.86 13.82
CA VAL E 42 37.42 -6.54 14.91
C VAL E 42 38.17 -5.98 16.14
N LYS E 43 39.43 -6.39 16.34
CA LYS E 43 40.23 -6.05 17.56
C LYS E 43 40.36 -4.53 17.70
N PRO E 44 40.96 -3.80 16.72
CA PRO E 44 41.04 -2.34 16.81
C PRO E 44 39.64 -1.69 16.84
N LEU E 45 38.69 -2.23 16.07
CA LEU E 45 37.30 -1.69 15.97
C LEU E 45 36.64 -1.71 17.36
N ILE E 46 36.83 -2.78 18.14
CA ILE E 46 36.33 -2.91 19.55
C ILE E 46 36.84 -1.72 20.36
N LEU E 47 38.16 -1.46 20.32
CA LEU E 47 38.81 -0.40 21.14
C LEU E 47 38.33 0.99 20.68
N LEU E 48 38.24 1.22 19.36
CA LEU E 48 37.70 2.47 18.77
C LEU E 48 36.29 2.72 19.31
N GLU E 49 35.48 1.67 19.39
CA GLU E 49 34.06 1.72 19.85
C GLU E 49 34.02 1.99 21.36
N GLU E 50 34.89 1.33 22.13
CA GLU E 50 34.99 1.47 23.61
C GLU E 50 35.32 2.92 23.98
N LEU E 51 36.30 3.52 23.30
CA LEU E 51 36.83 4.88 23.58
C LEU E 51 36.02 5.94 22.82
N GLY E 52 35.21 5.53 21.84
CA GLY E 52 34.37 6.42 21.01
C GLY E 52 35.23 7.31 20.11
N VAL E 53 36.31 6.76 19.57
CA VAL E 53 37.29 7.47 18.71
C VAL E 53 36.64 7.76 17.35
N PRO E 54 36.66 9.01 16.85
CA PRO E 54 36.21 9.30 15.48
C PRO E 54 37.12 8.56 14.48
N HIS E 55 36.53 7.87 13.49
CA HIS E 55 37.29 7.06 12.51
C HIS E 55 36.48 6.84 11.22
N ASP E 56 37.20 6.61 10.12
CA ASP E 56 36.65 6.16 8.81
C ASP E 56 36.98 4.68 8.62
N ILE E 57 36.23 4.00 7.76
CA ILE E 57 36.46 2.58 7.35
C ILE E 57 36.80 2.58 5.86
N TYR E 58 37.91 1.95 5.48
CA TYR E 58 38.34 1.74 4.08
C TYR E 58 38.39 0.24 3.78
N VAL E 59 37.50 -0.23 2.90
CA VAL E 59 37.42 -1.66 2.47
C VAL E 59 38.45 -1.86 1.35
N VAL E 60 39.49 -2.66 1.61
CA VAL E 60 40.57 -2.99 0.63
C VAL E 60 40.06 -4.15 -0.25
N GLU E 61 40.08 -3.96 -1.57
CA GLU E 61 39.67 -4.99 -2.57
C GLU E 61 40.74 -6.09 -2.61
N LYS E 62 42.00 -5.70 -2.82
CA LYS E 62 43.17 -6.62 -2.90
C LYS E 62 44.28 -6.10 -1.99
N VAL E 63 44.59 -6.86 -0.92
CA VAL E 63 45.71 -6.57 0.02
C VAL E 63 47.04 -6.75 -0.73
N SER E 64 47.02 -7.45 -1.88
CA SER E 64 48.19 -7.67 -2.77
C SER E 64 48.49 -6.43 -3.62
N ALA E 65 47.62 -5.42 -3.58
CA ALA E 65 47.79 -4.13 -4.31
C ALA E 65 49.07 -3.44 -3.83
N PRO E 66 49.97 -3.00 -4.74
CA PRO E 66 51.19 -2.29 -4.35
C PRO E 66 50.97 -1.06 -3.45
N TRP E 67 49.91 -0.28 -3.68
CA TRP E 67 49.59 0.94 -2.90
C TRP E 67 49.38 0.56 -1.43
N PHE E 68 48.74 -0.58 -1.16
CA PHE E 68 48.44 -1.06 0.22
C PHE E 68 49.71 -1.55 0.91
N SER E 69 50.66 -2.13 0.16
CA SER E 69 51.95 -2.65 0.69
C SER E 69 52.80 -1.50 1.25
N GLU E 70 52.59 -0.27 0.77
CA GLU E 70 53.28 0.96 1.25
C GLU E 70 52.72 1.36 2.62
N ILE E 71 51.49 0.96 2.94
CA ILE E 71 50.86 1.16 4.29
C ILE E 71 51.27 0.00 5.20
N ASN E 72 51.05 -1.24 4.76
CA ASN E 72 51.40 -2.48 5.51
C ASN E 72 52.26 -3.38 4.63
N PRO E 73 53.59 -3.48 4.87
CA PRO E 73 54.46 -4.32 4.06
C PRO E 73 54.16 -5.82 4.23
N HIS E 74 53.40 -6.19 5.26
CA HIS E 74 52.94 -7.58 5.53
C HIS E 74 51.69 -7.91 4.72
N LYS E 75 51.08 -6.90 4.07
CA LYS E 75 50.00 -7.04 3.05
C LYS E 75 48.79 -7.74 3.68
N MET E 76 48.35 -7.28 4.86
CA MET E 76 47.17 -7.83 5.59
C MET E 76 46.40 -6.69 6.26
N VAL E 77 45.14 -6.96 6.62
CA VAL E 77 44.29 -6.11 7.49
C VAL E 77 44.20 -6.77 8.87
N PRO E 78 44.05 -6.00 9.97
CA PRO E 78 43.85 -4.55 9.92
C PRO E 78 45.14 -3.73 9.73
N ALA E 79 44.98 -2.55 9.13
CA ALA E 79 45.99 -1.47 9.07
C ALA E 79 45.30 -0.13 9.40
N ILE E 80 46.07 0.85 9.87
CA ILE E 80 45.57 2.22 10.23
C ILE E 80 46.47 3.27 9.59
N LEU E 81 45.86 4.31 9.01
CA LEU E 81 46.50 5.62 8.73
C LEU E 81 45.78 6.68 9.57
N ASP E 82 46.54 7.56 10.24
CA ASP E 82 46.00 8.63 11.10
C ASP E 82 46.97 9.81 11.09
N ARG E 83 46.43 11.03 11.27
CA ARG E 83 47.23 12.28 11.41
C ARG E 83 48.01 12.23 12.73
N SER E 84 49.26 12.71 12.74
CA SER E 84 50.09 12.87 13.95
C SER E 84 49.41 13.84 14.91
N PRO E 85 49.73 13.81 16.22
CA PRO E 85 49.08 14.71 17.20
C PRO E 85 49.07 16.20 16.81
N ASP E 86 50.16 16.71 16.23
CA ASP E 86 50.26 18.12 15.75
C ASP E 86 49.53 18.26 14.41
N GLY E 87 49.30 17.15 13.70
CA GLY E 87 48.51 17.08 12.46
C GLY E 87 49.29 17.49 11.22
N ARG E 88 50.64 17.50 11.30
N ARG E 88 50.63 17.49 11.31
CA ARG E 88 51.55 17.92 10.21
CA ARG E 88 51.55 17.91 10.21
C ARG E 88 52.05 16.69 9.43
C ARG E 88 52.03 16.69 9.42
N ASP E 89 52.12 15.52 10.07
CA ASP E 89 52.57 14.25 9.43
C ASP E 89 51.41 13.24 9.44
N THR E 90 51.58 12.14 8.70
CA THR E 90 50.70 10.94 8.75
C THR E 90 51.54 9.75 9.20
N LEU E 91 51.02 8.98 10.15
CA LEU E 91 51.67 7.76 10.71
C LEU E 91 50.79 6.55 10.41
N ARG E 92 51.32 5.35 10.63
CA ARG E 92 50.64 4.06 10.29
C ARG E 92 50.77 3.09 11.46
N ALA E 93 49.77 2.21 11.62
CA ALA E 93 49.79 1.04 12.51
C ALA E 93 49.33 -0.19 11.72
N TRP E 94 50.07 -1.29 11.80
CA TRP E 94 49.74 -2.60 11.18
C TRP E 94 50.25 -3.73 12.06
N GLU E 95 49.61 -4.91 11.95
CA GLU E 95 49.54 -5.97 12.99
C GLU E 95 48.46 -5.57 13.99
N SER E 96 47.49 -6.44 14.24
CA SER E 96 46.28 -6.15 15.07
C SER E 96 46.72 -5.65 16.46
N THR E 97 47.73 -6.28 17.07
CA THR E 97 48.29 -5.90 18.39
C THR E 97 48.85 -4.47 18.30
N SER E 98 49.53 -4.13 17.21
CA SER E 98 50.14 -2.78 16.99
C SER E 98 49.04 -1.72 16.82
N THR E 99 47.92 -2.06 16.17
CA THR E 99 46.77 -1.13 16.00
C THR E 99 46.17 -0.82 17.38
N LEU E 100 46.09 -1.82 18.27
CA LEU E 100 45.60 -1.67 19.67
C LEU E 100 46.55 -0.75 20.45
N MET E 101 47.85 -1.00 20.36
N MET E 101 47.86 -1.01 20.36
CA MET E 101 48.92 -0.22 21.05
CA MET E 101 48.92 -0.23 21.03
C MET E 101 48.84 1.25 20.60
C MET E 101 48.82 1.25 20.61
N TYR E 102 48.68 1.51 19.30
CA TYR E 102 48.61 2.87 18.73
C TYR E 102 47.37 3.61 19.26
N ILE E 103 46.19 3.02 19.10
CA ILE E 103 44.89 3.63 19.52
C ILE E 103 44.99 3.99 21.01
N ALA E 104 45.53 3.09 21.84
CA ALA E 104 45.71 3.27 23.30
C ALA E 104 46.66 4.43 23.57
N ASP E 105 47.76 4.52 22.81
CA ASP E 105 48.80 5.58 22.94
C ASP E 105 48.19 6.94 22.59
N ALA E 106 47.43 7.01 21.50
CA ALA E 106 46.93 8.28 20.89
C ALA E 106 45.64 8.76 21.58
N TYR E 107 44.75 7.85 21.99
CA TYR E 107 43.36 8.18 22.40
C TYR E 107 43.03 7.69 23.82
N ASP E 108 43.88 6.86 24.45
CA ASP E 108 43.68 6.37 25.84
C ASP E 108 44.87 6.82 26.69
N LYS E 109 45.03 8.13 26.85
CA LYS E 109 46.18 8.78 27.54
C LYS E 109 46.15 8.42 29.03
N ASP E 110 44.94 8.21 29.58
CA ASP E 110 44.69 7.96 31.02
C ASP E 110 44.83 6.46 31.32
N GLY E 111 44.89 5.62 30.28
CA GLY E 111 45.20 4.19 30.39
C GLY E 111 44.04 3.38 30.93
N THR E 112 42.81 3.67 30.48
CA THR E 112 41.58 2.90 30.79
C THR E 112 41.74 1.46 30.29
N PHE E 113 42.21 1.30 29.05
CA PHE E 113 42.48 -0.01 28.39
C PHE E 113 43.99 -0.25 28.24
N GLY E 114 44.81 0.81 28.30
CA GLY E 114 46.27 0.76 28.07
C GLY E 114 47.05 0.48 29.35
N GLY E 115 46.53 0.88 30.51
CA GLY E 115 47.17 0.74 31.83
C GLY E 115 47.58 2.09 32.40
N ARG E 116 47.23 2.34 33.66
CA ARG E 116 47.38 3.67 34.34
C ARG E 116 48.84 3.88 34.78
N ASN E 117 49.48 2.84 35.33
CA ASN E 117 50.85 2.91 35.92
C ASN E 117 51.70 1.74 35.44
N VAL E 118 52.99 1.76 35.76
CA VAL E 118 54.01 0.75 35.34
C VAL E 118 53.54 -0.65 35.75
N GLN E 119 52.98 -0.78 36.96
CA GLN E 119 52.54 -2.08 37.55
C GLN E 119 51.38 -2.66 36.75
N GLU E 120 50.41 -1.82 36.33
CA GLU E 120 49.24 -2.24 35.51
C GLU E 120 49.71 -2.65 34.12
N ARG E 121 50.54 -1.82 33.48
CA ARG E 121 51.04 -2.02 32.09
C ARG E 121 51.91 -3.28 32.03
N SER E 122 52.61 -3.62 33.12
CA SER E 122 53.46 -4.84 33.22
C SER E 122 52.60 -6.09 32.99
N GLU E 123 51.42 -6.17 33.61
CA GLU E 123 50.48 -7.31 33.47
C GLU E 123 49.78 -7.25 32.11
N ILE E 124 49.33 -6.07 31.68
CA ILE E 124 48.62 -5.88 30.38
C ILE E 124 49.52 -6.36 29.24
N ASN E 125 50.80 -5.97 29.25
CA ASN E 125 51.78 -6.30 28.18
C ASN E 125 52.14 -7.79 28.25
N ASN E 126 52.10 -8.41 29.44
CA ASN E 126 52.34 -9.86 29.61
C ASN E 126 51.26 -10.66 28.85
N TRP E 127 49.98 -10.36 29.10
CA TRP E 127 48.83 -11.12 28.55
C TRP E 127 48.58 -10.75 27.09
N LEU E 128 48.83 -9.48 26.71
CA LEU E 128 48.74 -9.02 25.30
C LEU E 128 49.81 -9.75 24.46
N THR E 129 51.05 -9.78 24.94
CA THR E 129 52.21 -10.41 24.24
C THR E 129 52.00 -11.93 24.18
N LEU E 130 51.47 -12.54 25.26
CA LEU E 130 51.17 -14.00 25.29
C LEU E 130 50.27 -14.34 24.09
N HIS E 131 49.24 -13.55 23.82
CA HIS E 131 48.33 -13.75 22.66
C HIS E 131 49.11 -13.51 21.35
N THR E 132 49.88 -12.42 21.29
CA THR E 132 50.64 -11.98 20.08
C THR E 132 51.63 -13.07 19.66
N ALA E 133 52.23 -13.77 20.63
CA ALA E 133 53.36 -14.71 20.43
C ALA E 133 52.89 -16.17 20.39
N ALA E 134 51.86 -16.53 21.17
CA ALA E 134 51.46 -17.94 21.41
C ALA E 134 50.13 -18.27 20.74
N LEU E 135 48.98 -17.89 21.33
CA LEU E 135 47.64 -18.34 20.85
C LEU E 135 47.38 -17.80 19.43
N GLY E 136 47.69 -16.53 19.20
CA GLY E 136 47.48 -15.85 17.89
C GLY E 136 48.16 -16.60 16.74
N PRO E 137 49.52 -16.70 16.74
CA PRO E 137 50.24 -17.42 15.69
C PRO E 137 49.94 -18.92 15.61
N THR E 138 49.70 -19.58 16.75
CA THR E 138 49.33 -21.03 16.82
C THR E 138 47.98 -21.25 16.11
N ALA E 139 46.98 -20.43 16.44
CA ALA E 139 45.64 -20.44 15.80
C ALA E 139 45.79 -20.21 14.29
N LYS E 140 46.64 -19.25 13.90
CA LYS E 140 46.89 -18.87 12.48
C LYS E 140 47.50 -20.07 11.74
N TYR E 141 48.47 -20.76 12.33
CA TYR E 141 49.17 -21.94 11.73
C TYR E 141 48.20 -23.13 11.67
N TRP E 142 47.38 -23.34 12.71
CA TRP E 142 46.32 -24.38 12.73
C TRP E 142 45.39 -24.17 11.53
N LEU E 143 44.86 -22.95 11.38
CA LEU E 143 43.93 -22.55 10.29
C LEU E 143 44.61 -22.79 8.93
N TYR E 144 45.89 -22.43 8.80
CA TYR E 144 46.65 -22.54 7.52
C TYR E 144 46.76 -24.00 7.09
N PHE E 145 47.25 -24.87 7.97
CA PHE E 145 47.49 -26.31 7.68
C PHE E 145 46.15 -27.05 7.51
N TYR E 146 45.12 -26.65 8.26
CA TYR E 146 43.79 -27.31 8.27
C TYR E 146 43.05 -27.02 6.95
N LYS E 147 43.17 -25.80 6.40
CA LYS E 147 42.31 -25.31 5.29
C LYS E 147 43.13 -24.89 4.06
N LEU E 148 44.28 -24.23 4.25
CA LEU E 148 44.97 -23.47 3.16
C LEU E 148 46.12 -24.27 2.53
N HIS E 149 46.91 -25.01 3.32
CA HIS E 149 48.09 -25.76 2.82
C HIS E 149 47.62 -26.76 1.76
N PRO E 150 48.31 -26.87 0.59
CA PRO E 150 47.85 -27.74 -0.50
C PRO E 150 47.77 -29.22 -0.12
N GLU E 151 48.60 -29.65 0.82
CA GLU E 151 48.66 -31.03 1.36
C GLU E 151 48.18 -31.02 2.82
N LYS E 152 47.47 -32.07 3.23
N LYS E 152 47.47 -32.07 3.23
CA LYS E 152 46.96 -32.23 4.62
CA LYS E 152 46.95 -32.25 4.62
C LYS E 152 48.03 -32.92 5.48
C LYS E 152 48.05 -32.92 5.47
N LEU E 153 48.43 -32.28 6.58
CA LEU E 153 49.46 -32.78 7.53
C LEU E 153 48.82 -32.97 8.90
N PRO E 154 48.04 -34.05 9.11
CA PRO E 154 47.22 -34.21 10.31
C PRO E 154 48.01 -34.24 11.63
N LYS E 155 49.25 -34.75 11.61
CA LYS E 155 50.13 -34.83 12.80
C LYS E 155 50.51 -33.40 13.24
N THR E 156 50.80 -32.51 12.28
CA THR E 156 51.10 -31.07 12.52
C THR E 156 49.84 -30.36 13.05
N ILE E 157 48.69 -30.60 12.42
CA ILE E 157 47.37 -30.00 12.80
C ILE E 157 47.05 -30.41 14.25
N GLU E 158 47.24 -31.69 14.59
CA GLU E 158 46.94 -32.25 15.93
C GLU E 158 47.83 -31.58 16.98
N LYS E 159 49.12 -31.40 16.70
CA LYS E 159 50.09 -30.77 17.65
C LYS E 159 49.69 -29.31 17.88
N LEU E 160 49.29 -28.59 16.82
CA LEU E 160 48.85 -27.18 16.91
C LEU E 160 47.55 -27.09 17.72
N ARG E 161 46.61 -28.02 17.51
CA ARG E 161 45.34 -28.12 18.28
C ARG E 161 45.69 -28.34 19.77
N SER E 162 46.59 -29.28 20.06
CA SER E 162 47.10 -29.60 21.42
C SER E 162 47.66 -28.32 22.07
N ASN E 163 48.40 -27.51 21.31
CA ASN E 163 49.02 -26.25 21.79
C ASN E 163 47.93 -25.23 22.14
N ILE E 164 46.82 -25.21 21.41
CA ILE E 164 45.66 -24.29 21.67
C ILE E 164 45.07 -24.65 23.04
N THR E 165 44.95 -25.95 23.37
CA THR E 165 44.39 -26.43 24.66
C THR E 165 45.31 -26.01 25.81
N VAL E 166 46.63 -26.03 25.59
CA VAL E 166 47.64 -25.58 26.59
C VAL E 166 47.46 -24.08 26.85
N GLN E 167 47.24 -23.28 25.80
CA GLN E 167 47.01 -21.82 25.91
C GLN E 167 45.71 -21.55 26.66
N TYR E 168 44.64 -22.29 26.35
CA TYR E 168 43.34 -22.25 27.07
C TYR E 168 43.55 -22.61 28.55
N ASP E 169 44.39 -23.63 28.82
CA ASP E 169 44.74 -24.07 30.20
C ASP E 169 45.35 -22.90 30.98
N ILE E 170 46.25 -22.14 30.34
CA ILE E 170 46.96 -20.97 30.95
C ILE E 170 45.92 -19.88 31.29
N LEU E 171 45.07 -19.51 30.31
CA LEU E 171 44.02 -18.46 30.47
C LEU E 171 43.05 -18.89 31.58
N GLU E 172 42.65 -20.17 31.60
CA GLU E 172 41.74 -20.77 32.61
C GLU E 172 42.36 -20.64 34.01
N ARG E 173 43.63 -21.03 34.17
CA ARG E 173 44.38 -20.94 35.46
C ARG E 173 44.32 -19.51 35.98
N ARG E 174 44.57 -18.52 35.11
CA ARG E 174 44.57 -17.07 35.46
C ARG E 174 43.19 -16.66 35.98
N LEU E 175 42.13 -17.00 35.25
CA LEU E 175 40.72 -16.58 35.55
C LEU E 175 40.15 -17.39 36.72
N ASN E 176 40.91 -18.35 37.27
CA ASN E 176 40.55 -19.13 38.48
C ASN E 176 41.19 -18.50 39.73
N GLU E 177 42.09 -17.53 39.55
CA GLU E 177 42.75 -16.79 40.67
C GLU E 177 41.72 -15.88 41.32
N PRO E 178 41.70 -15.76 42.67
CA PRO E 178 40.66 -15.00 43.37
C PRO E 178 40.52 -13.55 42.90
N GLY E 179 39.32 -13.16 42.46
CA GLY E 179 38.96 -11.78 42.06
C GLY E 179 39.47 -11.41 40.68
N GLN E 180 40.02 -12.37 39.92
CA GLN E 180 40.62 -12.13 38.58
C GLN E 180 39.55 -12.30 37.51
N GLN E 181 38.72 -11.26 37.31
N GLN E 181 38.73 -11.26 37.29
CA GLN E 181 37.57 -11.23 36.38
CA GLN E 181 37.57 -11.28 36.36
C GLN E 181 38.07 -11.15 34.93
C GLN E 181 38.02 -11.08 34.92
N TYR E 182 39.18 -10.43 34.70
CA TYR E 182 39.78 -10.22 33.36
C TYR E 182 41.23 -10.72 33.37
N LEU E 183 41.84 -10.86 32.19
CA LEU E 183 43.14 -11.55 32.01
C LEU E 183 44.26 -10.77 32.71
N ALA E 184 44.39 -9.47 32.43
CA ALA E 184 45.47 -8.60 32.95
C ALA E 184 45.11 -8.08 34.35
N LEU E 185 44.05 -7.27 34.43
CA LEU E 185 43.63 -6.56 35.67
C LEU E 185 42.39 -7.25 36.26
N LYS E 186 42.23 -7.16 37.59
CA LYS E 186 41.09 -7.74 38.35
C LYS E 186 39.79 -6.97 38.04
N ASP E 187 39.88 -5.66 37.83
CA ASP E 187 38.73 -4.72 37.94
C ASP E 187 38.06 -4.48 36.57
N ARG E 188 38.82 -4.43 35.47
CA ARG E 188 38.30 -3.99 34.15
C ARG E 188 39.04 -4.69 33.01
N PRO E 189 38.43 -4.76 31.80
CA PRO E 189 39.11 -5.32 30.62
C PRO E 189 40.14 -4.34 30.05
N THR E 190 41.15 -4.86 29.36
CA THR E 190 42.26 -4.09 28.75
C THR E 190 42.48 -4.57 27.31
N ILE E 191 43.43 -3.98 26.59
CA ILE E 191 43.79 -4.34 25.18
C ILE E 191 44.22 -5.82 25.13
N ALA E 192 44.72 -6.36 26.25
CA ALA E 192 45.04 -7.80 26.43
C ALA E 192 43.78 -8.65 26.21
N ASP E 193 42.67 -8.24 26.85
CA ASP E 193 41.36 -8.95 26.78
C ASP E 193 40.78 -8.83 25.36
N ILE E 194 40.90 -7.64 24.75
CA ILE E 194 40.38 -7.34 23.38
C ILE E 194 41.11 -8.21 22.36
N ALA E 195 42.44 -8.29 22.46
CA ALA E 195 43.33 -9.06 21.55
C ALA E 195 43.00 -10.56 21.62
N THR E 196 42.67 -11.07 22.81
CA THR E 196 42.50 -12.52 23.09
C THR E 196 41.10 -13.00 22.66
N LEU E 197 40.06 -12.19 22.87
CA LEU E 197 38.63 -12.60 22.79
C LEU E 197 38.36 -13.40 21.50
N PRO E 198 38.69 -12.87 20.30
CA PRO E 198 38.28 -13.53 19.05
C PRO E 198 38.80 -14.97 18.87
N PHE E 199 39.86 -15.36 19.59
CA PHE E 199 40.49 -16.70 19.53
C PHE E 199 40.17 -17.51 20.79
N ALA E 200 39.41 -16.94 21.72
CA ALA E 200 38.94 -17.59 22.97
C ALA E 200 37.44 -17.30 23.16
N MET E 201 36.64 -17.67 22.15
CA MET E 201 35.14 -17.68 22.18
C MET E 201 34.68 -19.11 21.90
N LYS E 202 33.42 -19.43 22.23
CA LYS E 202 32.84 -20.77 21.96
C LYS E 202 32.86 -21.05 20.45
N SER E 203 32.52 -20.05 19.63
CA SER E 203 32.44 -20.19 18.14
C SER E 203 33.82 -20.56 17.57
N THR E 204 34.89 -19.97 18.09
CA THR E 204 36.29 -20.26 17.67
C THR E 204 36.71 -21.64 18.18
N ALA E 205 36.34 -22.00 19.42
CA ALA E 205 36.62 -23.31 20.05
C ALA E 205 35.97 -24.42 19.22
N GLU E 206 34.73 -24.21 18.75
CA GLU E 206 33.97 -25.16 17.90
C GLU E 206 34.72 -25.38 16.57
N LEU E 207 35.21 -24.29 15.97
CA LEU E 207 36.01 -24.32 14.72
C LEU E 207 37.26 -25.19 14.92
N PHE E 208 37.92 -25.09 16.08
CA PHE E 208 39.12 -25.88 16.46
C PHE E 208 38.72 -27.33 16.82
N GLY E 209 37.42 -27.58 16.98
CA GLY E 209 36.86 -28.89 17.36
C GLY E 209 37.03 -29.17 18.85
N LEU E 210 36.98 -28.11 19.66
CA LEU E 210 37.18 -28.18 21.15
C LEU E 210 35.85 -27.92 21.86
N GLU E 211 35.63 -28.59 22.99
CA GLU E 211 34.48 -28.39 23.91
C GLU E 211 34.84 -27.27 24.88
N PHE E 212 34.33 -26.06 24.64
CA PHE E 212 34.73 -24.81 25.34
C PHE E 212 34.31 -24.87 26.82
N GLU E 213 33.34 -25.74 27.15
CA GLU E 213 32.82 -25.94 28.53
C GLU E 213 33.91 -26.56 29.43
N LYS E 214 34.95 -27.17 28.84
CA LYS E 214 36.11 -27.75 29.57
C LYS E 214 36.90 -26.63 30.26
N TRP E 215 36.74 -25.38 29.82
CA TRP E 215 37.36 -24.17 30.41
C TRP E 215 36.28 -23.22 30.90
N PRO E 216 35.59 -23.53 32.03
CA PRO E 216 34.40 -22.79 32.45
C PRO E 216 34.63 -21.30 32.75
N LYS E 217 35.70 -20.96 33.46
CA LYS E 217 36.04 -19.55 33.84
C LYS E 217 36.40 -18.75 32.58
N LEU E 218 37.10 -19.37 31.62
CA LEU E 218 37.43 -18.77 30.31
C LEU E 218 36.15 -18.53 29.52
N GLN E 219 35.20 -19.48 29.55
CA GLN E 219 33.89 -19.37 28.86
C GLN E 219 33.10 -18.20 29.46
N GLU E 220 33.00 -18.16 30.79
CA GLU E 220 32.31 -17.07 31.54
C GLU E 220 32.92 -15.71 31.19
N TRP E 221 34.25 -15.65 31.06
CA TRP E 221 34.99 -14.42 30.68
C TRP E 221 34.58 -13.96 29.28
N SER E 222 34.55 -14.89 28.31
CA SER E 222 34.21 -14.62 26.88
C SER E 222 32.79 -14.05 26.80
N VAL E 223 31.86 -14.58 27.60
CA VAL E 223 30.43 -14.12 27.67
C VAL E 223 30.39 -12.72 28.27
N ARG E 224 31.18 -12.46 29.32
CA ARG E 224 31.26 -11.14 30.00
C ARG E 224 31.78 -10.09 29.01
N MET E 225 32.81 -10.44 28.23
CA MET E 225 33.37 -9.56 27.16
C MET E 225 32.32 -9.35 26.06
N GLY E 226 31.65 -10.43 25.64
CA GLY E 226 30.63 -10.44 24.58
C GLY E 226 29.44 -9.56 24.91
N GLU E 227 29.12 -9.38 26.19
CA GLU E 227 27.96 -8.60 26.68
C GLU E 227 28.25 -7.09 26.62
N ARG E 228 29.53 -6.69 26.51
CA ARG E 228 29.94 -5.26 26.39
C ARG E 228 29.37 -4.68 25.10
N GLU E 229 28.76 -3.49 25.18
CA GLU E 229 28.03 -2.83 24.06
C GLU E 229 28.99 -2.58 22.89
N ALA E 230 30.21 -2.11 23.18
CA ALA E 230 31.26 -1.77 22.18
C ALA E 230 31.66 -3.02 21.39
N VAL E 231 31.72 -4.18 22.04
CA VAL E 231 32.08 -5.49 21.42
C VAL E 231 30.95 -5.90 20.46
N LYS E 232 29.70 -5.81 20.90
CA LYS E 232 28.49 -6.13 20.10
C LYS E 232 28.45 -5.23 18.86
N ARG E 233 28.69 -3.92 19.03
CA ARG E 233 28.73 -2.91 17.93
C ARG E 233 29.82 -3.30 16.93
N ALA E 234 31.00 -3.69 17.40
CA ALA E 234 32.18 -4.03 16.57
C ALA E 234 31.87 -5.25 15.69
N TRP E 235 31.28 -6.31 16.27
CA TRP E 235 30.93 -7.57 15.56
C TRP E 235 29.87 -7.28 14.48
N GLN E 236 28.88 -6.43 14.79
CA GLN E 236 27.81 -6.03 13.84
C GLN E 236 28.43 -5.34 12.61
N ARG E 237 29.25 -4.32 12.85
CA ARG E 237 29.80 -3.43 11.80
C ARG E 237 30.78 -4.19 10.90
N VAL E 238 31.63 -5.04 11.49
CA VAL E 238 32.73 -5.75 10.76
C VAL E 238 32.12 -6.72 9.74
N ALA E 239 31.02 -7.39 10.10
CA ALA E 239 30.27 -8.32 9.23
C ALA E 239 29.71 -7.57 8.01
N GLY E 240 29.28 -6.30 8.21
CA GLY E 240 28.55 -5.50 7.22
C GLY E 240 29.45 -4.79 6.22
N PHE E 241 30.73 -4.56 6.55
CA PHE E 241 31.68 -3.77 5.73
C PHE E 241 31.77 -4.36 4.32
N GLY E 242 31.53 -3.54 3.30
CA GLY E 242 31.61 -3.91 1.87
C GLY E 242 30.30 -4.45 1.32
N HIS E 243 29.25 -4.53 2.14
CA HIS E 243 27.91 -5.07 1.76
C HIS E 243 26.85 -3.96 1.77
N GLY E 244 27.25 -2.72 2.04
CA GLY E 244 26.37 -1.53 2.00
C GLY E 244 26.37 -0.89 0.62
N GLU E 245 26.27 0.44 0.57
CA GLU E 245 26.31 1.27 -0.67
C GLU E 245 27.54 0.91 -1.50
N LYS E 246 28.73 0.94 -0.87
CA LYS E 246 30.04 0.75 -1.53
C LYS E 246 30.58 -0.66 -1.20
N GLU E 247 31.07 -1.36 -2.23
CA GLU E 247 31.70 -2.71 -2.11
C GLU E 247 33.15 -2.55 -1.66
N TYR E 248 33.88 -1.59 -2.25
CA TYR E 248 35.31 -1.29 -1.94
C TYR E 248 35.50 0.23 -1.81
N GLY E 249 36.59 0.64 -1.17
CA GLY E 249 36.99 2.05 -0.99
C GLY E 249 36.51 2.62 0.33
N MET E 250 36.48 3.95 0.43
CA MET E 250 36.10 4.71 1.66
C MET E 250 34.58 4.62 1.84
N LEU E 251 34.12 4.07 2.97
CA LEU E 251 32.67 3.94 3.32
C LEU E 251 32.16 5.30 3.83
N GLU E 252 30.83 5.44 3.91
CA GLU E 252 30.14 6.65 4.43
C GLU E 252 29.18 6.25 5.56
N GLU F 16 56.52 -21.97 47.23
CA GLU F 16 57.78 -22.77 47.44
C GLU F 16 58.97 -22.10 46.75
N ARG F 17 59.09 -20.77 46.87
CA ARG F 17 60.20 -19.98 46.28
C ARG F 17 61.52 -20.44 46.89
N PRO F 18 62.60 -20.57 46.09
CA PRO F 18 63.93 -20.84 46.64
C PRO F 18 64.37 -19.71 47.60
N SER F 19 65.11 -20.05 48.65
CA SER F 19 65.55 -19.14 49.74
C SER F 19 66.43 -18.01 49.18
N ASP F 20 67.13 -18.25 48.07
CA ASP F 20 68.11 -17.29 47.48
C ASP F 20 67.40 -16.33 46.51
N LEU F 21 66.10 -16.51 46.25
CA LEU F 21 65.30 -15.60 45.38
C LEU F 21 64.77 -14.45 46.23
N VAL F 22 65.38 -13.26 46.10
CA VAL F 22 64.94 -11.99 46.73
C VAL F 22 64.95 -10.90 45.65
N VAL F 23 64.05 -9.92 45.76
CA VAL F 23 63.86 -8.82 44.76
C VAL F 23 64.24 -7.48 45.42
N ASN F 24 65.54 -7.17 45.43
CA ASN F 24 66.10 -5.86 45.89
C ASN F 24 66.29 -4.94 44.70
N ARG F 25 66.25 -5.49 43.48
CA ARG F 25 66.35 -4.78 42.18
C ARG F 25 65.72 -5.68 41.10
N LEU F 26 65.80 -5.28 39.82
CA LEU F 26 65.32 -6.09 38.68
C LEU F 26 66.07 -7.44 38.69
N VAL F 27 65.32 -8.54 38.64
CA VAL F 27 65.86 -9.93 38.57
C VAL F 27 65.47 -10.53 37.22
N LEU F 28 66.44 -10.75 36.32
CA LEU F 28 66.24 -11.40 35.01
C LEU F 28 66.41 -12.91 35.19
N PHE F 29 65.37 -13.68 34.85
CA PHE F 29 65.38 -15.17 34.90
C PHE F 29 65.87 -15.72 33.56
N VAL F 30 66.86 -16.60 33.61
CA VAL F 30 67.52 -17.24 32.43
C VAL F 30 67.68 -18.74 32.74
N VAL F 31 68.22 -19.49 31.77
CA VAL F 31 68.65 -20.91 31.94
C VAL F 31 70.15 -20.99 31.63
N LYS F 32 70.76 -22.16 31.86
CA LYS F 32 72.19 -22.42 31.52
C LYS F 32 72.41 -22.00 30.05
N GLY F 33 73.46 -21.21 29.80
CA GLY F 33 73.85 -20.76 28.45
C GLY F 33 74.22 -21.94 27.56
N THR F 34 73.54 -22.10 26.44
CA THR F 34 73.87 -23.07 25.35
C THR F 34 73.63 -22.40 24.01
N ALA F 35 73.97 -23.09 22.92
CA ALA F 35 73.84 -22.59 21.53
C ALA F 35 72.38 -22.21 21.22
N THR F 36 71.40 -22.85 21.88
CA THR F 36 69.95 -22.79 21.52
C THR F 36 69.10 -22.18 22.64
N SER F 37 69.70 -21.73 23.75
CA SER F 37 68.96 -21.37 25.00
C SER F 37 68.97 -19.86 25.28
N THR F 38 69.59 -19.04 24.41
CA THR F 38 69.94 -17.63 24.73
C THR F 38 69.29 -16.62 23.76
N HIS F 39 68.64 -17.08 22.69
CA HIS F 39 68.14 -16.23 21.57
C HIS F 39 67.00 -15.31 22.04
N ASN F 40 66.32 -15.64 23.15
CA ASN F 40 65.21 -14.84 23.72
C ASN F 40 65.67 -14.09 24.97
N THR F 41 66.41 -14.74 25.87
CA THR F 41 66.90 -14.15 27.15
C THR F 41 67.87 -12.98 26.87
N VAL F 42 68.59 -13.01 25.74
CA VAL F 42 69.58 -11.96 25.35
C VAL F 42 68.85 -10.62 25.09
N LYS F 43 67.59 -10.67 24.66
CA LYS F 43 66.81 -9.48 24.22
C LYS F 43 66.68 -8.46 25.35
N PRO F 44 66.09 -8.81 26.53
CA PRO F 44 66.04 -7.88 27.66
C PRO F 44 67.43 -7.50 28.19
N LEU F 45 68.39 -8.44 28.15
CA LEU F 45 69.77 -8.24 28.65
C LEU F 45 70.47 -7.14 27.83
N ILE F 46 70.28 -7.15 26.50
CA ILE F 46 70.81 -6.08 25.59
C ILE F 46 70.31 -4.73 26.08
N LEU F 47 69.00 -4.59 26.31
CA LEU F 47 68.37 -3.29 26.71
C LEU F 47 68.87 -2.87 28.09
N LEU F 48 68.99 -3.81 29.03
CA LEU F 48 69.52 -3.56 30.40
C LEU F 48 70.93 -2.98 30.30
N GLU F 49 71.77 -3.55 29.42
CA GLU F 49 73.18 -3.11 29.19
C GLU F 49 73.19 -1.73 28.51
N GLU F 50 72.31 -1.52 27.52
CA GLU F 50 72.18 -0.25 26.76
C GLU F 50 71.87 0.91 27.73
N LEU F 51 70.92 0.71 28.64
CA LEU F 51 70.41 1.76 29.56
C LEU F 51 71.25 1.80 30.85
N GLY F 52 72.04 0.76 31.13
CA GLY F 52 72.84 0.61 32.35
C GLY F 52 71.97 0.42 33.58
N VAL F 53 70.94 -0.43 33.46
CA VAL F 53 69.95 -0.72 34.54
C VAL F 53 70.59 -1.65 35.56
N PRO F 54 70.58 -1.33 36.88
CA PRO F 54 71.00 -2.27 37.91
C PRO F 54 70.08 -3.50 37.93
N HIS F 55 70.64 -4.71 37.84
CA HIS F 55 69.87 -5.98 37.76
C HIS F 55 70.67 -7.15 38.33
N ASP F 56 69.95 -8.19 38.74
CA ASP F 56 70.50 -9.52 39.14
C ASP F 56 70.13 -10.55 38.06
N ILE F 57 70.88 -11.66 38.01
CA ILE F 57 70.61 -12.82 37.09
C ILE F 57 70.26 -14.03 37.97
N TYR F 58 69.12 -14.67 37.71
CA TYR F 58 68.68 -15.93 38.37
C TYR F 58 68.63 -17.04 37.32
N VAL F 59 69.50 -18.05 37.46
CA VAL F 59 69.58 -19.22 36.55
C VAL F 59 68.58 -20.28 37.05
N VAL F 60 67.51 -20.50 36.29
CA VAL F 60 66.42 -21.48 36.60
C VAL F 60 66.90 -22.87 36.19
N GLU F 61 66.87 -23.84 37.11
CA GLU F 61 67.27 -25.24 36.85
C GLU F 61 66.18 -25.93 36.02
N LYS F 62 64.91 -25.80 36.45
CA LYS F 62 63.73 -26.40 35.79
C LYS F 62 62.63 -25.35 35.67
N VAL F 63 62.31 -24.94 34.44
CA VAL F 63 61.20 -23.99 34.12
C VAL F 63 59.85 -24.67 34.44
N SER F 64 59.84 -26.00 34.60
CA SER F 64 58.65 -26.81 34.96
C SER F 64 58.35 -26.72 36.47
N ALA F 65 59.26 -26.15 37.26
CA ALA F 65 59.14 -26.00 38.73
C ALA F 65 57.91 -25.17 39.06
N PRO F 66 57.01 -25.66 39.96
CA PRO F 66 55.81 -24.91 40.35
C PRO F 66 56.06 -23.45 40.76
N TRP F 67 57.14 -23.18 41.51
CA TRP F 67 57.48 -21.82 42.01
C TRP F 67 57.68 -20.85 40.83
N PHE F 68 58.26 -21.33 39.72
CA PHE F 68 58.55 -20.50 38.51
C PHE F 68 57.26 -20.22 37.74
N SER F 69 56.32 -21.17 37.71
CA SER F 69 55.02 -21.05 37.00
C SER F 69 54.17 -19.94 37.65
N GLU F 70 54.42 -19.61 38.93
CA GLU F 70 53.76 -18.49 39.65
C GLU F 70 54.31 -17.15 39.14
N ILE F 71 55.53 -17.13 38.60
CA ILE F 71 56.15 -15.93 37.98
C ILE F 71 55.72 -15.84 36.51
N ASN F 72 56.00 -16.89 35.73
CA ASN F 72 55.60 -17.00 34.29
C ASN F 72 54.72 -18.24 34.13
N PRO F 73 53.39 -18.09 33.90
CA PRO F 73 52.50 -19.24 33.72
C PRO F 73 52.79 -20.01 32.41
N HIS F 74 53.52 -19.38 31.48
CA HIS F 74 53.94 -19.98 30.18
C HIS F 74 55.23 -20.81 30.38
N LYS F 75 55.83 -20.76 31.57
CA LYS F 75 56.92 -21.67 32.03
C LYS F 75 58.13 -21.59 31.09
N MET F 76 58.58 -20.38 30.77
CA MET F 76 59.75 -20.14 29.87
C MET F 76 60.54 -18.92 30.37
N VAL F 77 61.80 -18.83 29.91
CA VAL F 77 62.68 -17.63 30.07
C VAL F 77 62.73 -16.92 28.73
N PRO F 78 62.89 -15.58 28.68
CA PRO F 78 63.08 -14.76 29.88
C PRO F 78 61.79 -14.45 30.67
N ALA F 79 61.96 -14.19 31.97
CA ALA F 79 60.96 -13.59 32.88
C ALA F 79 61.69 -12.60 33.80
N ILE F 80 60.95 -11.64 34.35
CA ILE F 80 61.50 -10.58 35.25
C ILE F 80 60.62 -10.50 36.51
N LEU F 81 61.25 -10.44 37.68
CA LEU F 81 60.66 -9.90 38.94
C LEU F 81 61.38 -8.58 39.25
N ASP F 82 60.63 -7.51 39.51
CA ASP F 82 61.20 -6.18 39.84
C ASP F 82 60.32 -5.52 40.90
N ARG F 83 60.91 -4.59 41.66
CA ARG F 83 60.19 -3.71 42.62
C ARG F 83 59.40 -2.67 41.81
N SER F 84 58.22 -2.27 42.31
CA SER F 84 57.40 -1.17 41.76
C SER F 84 58.16 0.14 41.88
N PRO F 85 57.83 1.19 41.09
CA PRO F 85 58.53 2.48 41.17
C PRO F 85 58.70 3.06 42.58
N ASP F 86 57.72 2.84 43.48
CA ASP F 86 57.76 3.34 44.89
C ASP F 86 58.49 2.32 45.77
N GLY F 87 58.79 1.13 45.25
CA GLY F 87 59.61 0.09 45.90
C GLY F 87 58.90 -0.59 47.05
N ARG F 88 57.56 -0.53 47.07
CA ARG F 88 56.70 -1.11 48.14
C ARG F 88 56.17 -2.49 47.70
N ASP F 89 55.88 -2.66 46.40
CA ASP F 89 55.27 -3.88 45.83
C ASP F 89 56.28 -4.54 44.88
N THR F 90 55.98 -5.78 44.44
CA THR F 90 56.71 -6.50 43.36
C THR F 90 55.77 -6.63 42.16
N LEU F 91 56.33 -6.56 40.95
CA LEU F 91 55.61 -6.83 39.68
C LEU F 91 56.42 -7.85 38.86
N ARG F 92 55.87 -8.31 37.74
CA ARG F 92 56.49 -9.35 36.88
C ARG F 92 56.34 -8.97 35.40
N ALA F 93 57.30 -9.39 34.57
CA ALA F 93 57.24 -9.34 33.10
C ALA F 93 57.69 -10.70 32.55
N TRP F 94 56.95 -11.25 31.58
CA TRP F 94 57.30 -12.52 30.88
C TRP F 94 56.81 -12.45 29.43
N GLU F 95 57.43 -13.25 28.56
CA GLU F 95 57.49 -13.07 27.08
C GLU F 95 58.55 -12.00 26.77
N SER F 96 59.55 -12.35 25.95
CA SER F 96 60.74 -11.51 25.64
C SER F 96 60.30 -10.10 25.22
N THR F 97 59.29 -9.99 24.35
CA THR F 97 58.76 -8.68 23.86
C THR F 97 58.21 -7.87 25.03
N SER F 98 57.51 -8.53 25.98
CA SER F 98 56.93 -7.90 27.20
C SER F 98 58.05 -7.41 28.12
N THR F 99 59.15 -8.17 28.25
CA THR F 99 60.32 -7.79 29.10
C THR F 99 60.96 -6.53 28.53
N LEU F 100 61.02 -6.40 27.19
CA LEU F 100 61.55 -5.19 26.50
C LEU F 100 60.62 -3.99 26.77
N MET F 101 59.30 -4.20 26.66
N MET F 101 59.30 -4.20 26.66
CA MET F 101 58.28 -3.15 26.89
CA MET F 101 58.27 -3.15 26.88
C MET F 101 58.35 -2.63 28.33
C MET F 101 58.37 -2.63 28.32
N TYR F 102 58.50 -3.54 29.30
CA TYR F 102 58.57 -3.19 30.75
C TYR F 102 59.83 -2.37 31.05
N ILE F 103 61.00 -2.88 30.66
CA ILE F 103 62.33 -2.24 30.91
C ILE F 103 62.30 -0.82 30.34
N ALA F 104 61.75 -0.65 29.13
CA ALA F 104 61.59 0.64 28.44
C ALA F 104 60.65 1.55 29.25
N ASP F 105 59.50 1.02 29.67
CA ASP F 105 58.47 1.76 30.44
C ASP F 105 59.06 2.26 31.77
N ALA F 106 59.77 1.39 32.49
CA ALA F 106 60.25 1.61 33.87
C ALA F 106 61.56 2.42 33.89
N TYR F 107 62.48 2.16 32.95
CA TYR F 107 63.89 2.64 33.01
C TYR F 107 64.24 3.58 31.84
N ASP F 108 63.61 3.46 30.67
CA ASP F 108 63.92 4.31 29.49
C ASP F 108 63.19 5.65 29.63
N LYS F 109 63.67 6.49 30.55
CA LYS F 109 63.13 7.82 30.91
C LYS F 109 62.94 8.69 29.66
N ASP F 110 63.97 8.80 28.81
CA ASP F 110 64.02 9.74 27.66
C ASP F 110 63.46 9.09 26.39
N GLY F 111 63.00 7.84 26.47
CA GLY F 111 62.42 7.08 25.33
C GLY F 111 63.42 6.93 24.19
N THR F 112 64.69 6.65 24.53
CA THR F 112 65.82 6.48 23.59
C THR F 112 65.61 5.19 22.76
N PHE F 113 65.09 4.14 23.40
CA PHE F 113 64.84 2.81 22.78
C PHE F 113 63.33 2.52 22.67
N GLY F 114 62.51 3.16 23.51
CA GLY F 114 61.05 2.95 23.58
C GLY F 114 60.28 3.86 22.63
N GLY F 115 60.84 5.03 22.32
CA GLY F 115 60.23 6.07 21.46
C GLY F 115 59.83 7.30 22.27
N ARG F 116 60.09 8.49 21.72
CA ARG F 116 59.96 9.79 22.43
C ARG F 116 58.56 10.39 22.22
N ASN F 117 57.88 10.03 21.13
CA ASN F 117 56.55 10.60 20.75
C ASN F 117 55.68 9.52 20.09
N VAL F 118 54.40 9.85 19.85
CA VAL F 118 53.36 8.94 19.27
C VAL F 118 53.85 8.42 17.91
N GLN F 119 54.42 9.32 17.09
CA GLN F 119 54.91 9.01 15.71
C GLN F 119 56.02 7.95 15.75
N GLU F 120 57.02 8.14 16.62
CA GLU F 120 58.15 7.19 16.81
C GLU F 120 57.60 5.85 17.33
N ARG F 121 56.78 5.89 18.37
CA ARG F 121 56.24 4.70 19.08
C ARG F 121 55.36 3.87 18.13
N SER F 122 54.71 4.51 17.15
CA SER F 122 53.85 3.84 16.14
C SER F 122 54.70 2.89 15.29
N GLU F 123 55.84 3.37 14.78
CA GLU F 123 56.77 2.56 13.93
C GLU F 123 57.48 1.50 14.79
N ILE F 124 57.94 1.86 15.99
CA ILE F 124 58.62 0.92 16.93
C ILE F 124 57.69 -0.27 17.20
N ASN F 125 56.42 0.00 17.53
CA ASN F 125 55.40 -1.04 17.88
C ASN F 125 55.07 -1.88 16.64
N ASN F 126 55.06 -1.29 15.45
CA ASN F 126 54.79 -2.00 14.16
C ASN F 126 55.85 -3.09 13.95
N TRP F 127 57.12 -2.73 14.00
CA TRP F 127 58.25 -3.64 13.68
C TRP F 127 58.51 -4.60 14.86
N LEU F 128 58.29 -4.16 16.10
CA LEU F 128 58.35 -5.03 17.31
C LEU F 128 57.26 -6.10 17.21
N THR F 129 56.01 -5.70 16.98
CA THR F 129 54.84 -6.62 16.89
C THR F 129 55.03 -7.60 15.72
N LEU F 130 55.56 -7.12 14.59
CA LEU F 130 55.81 -7.96 13.38
C LEU F 130 56.72 -9.13 13.78
N HIS F 131 57.77 -8.88 14.57
CA HIS F 131 58.69 -9.95 15.06
C HIS F 131 57.94 -10.86 16.04
N THR F 132 57.18 -10.26 16.96
CA THR F 132 56.44 -10.96 18.05
C THR F 132 55.44 -11.95 17.45
N ALA F 133 54.84 -11.62 16.31
CA ALA F 133 53.71 -12.36 15.69
C ALA F 133 54.19 -13.31 14.59
N ALA F 134 55.21 -12.93 13.80
CA ALA F 134 55.62 -13.63 12.56
C ALA F 134 56.95 -14.37 12.77
N LEU F 135 58.09 -13.70 12.65
CA LEU F 135 59.44 -14.34 12.62
C LEU F 135 59.68 -15.09 13.94
N GLY F 136 59.41 -14.45 15.08
CA GLY F 136 59.61 -15.03 16.42
C GLY F 136 58.95 -16.40 16.57
N PRO F 137 57.59 -16.46 16.53
CA PRO F 137 56.89 -17.75 16.64
C PRO F 137 57.22 -18.76 15.54
N THR F 138 57.49 -18.29 14.31
CA THR F 138 57.84 -19.15 13.15
C THR F 138 59.20 -19.79 13.41
N ALA F 139 60.19 -19.01 13.88
CA ALA F 139 61.53 -19.47 14.28
C ALA F 139 61.39 -20.49 15.43
N LYS F 140 60.55 -20.18 16.42
CA LYS F 140 60.33 -21.05 17.61
C LYS F 140 59.73 -22.38 17.18
N TYR F 141 58.77 -22.37 16.26
CA TYR F 141 58.11 -23.61 15.75
C TYR F 141 59.11 -24.41 14.92
N TRP F 142 59.91 -23.74 14.08
CA TRP F 142 60.99 -24.40 13.28
C TRP F 142 61.92 -25.17 14.21
N LEU F 143 62.47 -24.50 15.23
CA LEU F 143 63.40 -25.09 16.23
C LEU F 143 62.71 -26.29 16.89
N TYR F 144 61.43 -26.14 17.27
CA TYR F 144 60.66 -27.20 17.98
C TYR F 144 60.57 -28.47 17.12
N PHE F 145 60.13 -28.34 15.87
CA PHE F 145 59.90 -29.50 14.96
C PHE F 145 61.24 -30.07 14.50
N TYR F 146 62.26 -29.22 14.32
CA TYR F 146 63.62 -29.62 13.86
C TYR F 146 64.32 -30.45 14.94
N LYS F 147 64.21 -30.06 16.21
CA LYS F 147 65.07 -30.54 17.32
C LYS F 147 64.25 -31.26 18.41
N LEU F 148 63.10 -30.72 18.82
CA LEU F 148 62.44 -31.08 20.10
C LEU F 148 61.33 -32.13 19.90
N HIS F 149 60.49 -31.99 18.86
CA HIS F 149 59.31 -32.87 18.62
C HIS F 149 59.80 -34.32 18.47
N PRO F 150 59.16 -35.31 19.13
CA PRO F 150 59.63 -36.70 19.07
C PRO F 150 59.75 -37.25 17.64
N GLU F 151 58.79 -36.89 16.77
CA GLU F 151 58.73 -37.30 15.35
C GLU F 151 59.26 -36.18 14.46
N LYS F 152 60.09 -36.51 13.47
CA LYS F 152 60.62 -35.55 12.46
C LYS F 152 59.57 -35.41 11.35
N LEU F 153 59.11 -34.18 11.10
CA LEU F 153 58.06 -33.83 10.11
C LEU F 153 58.66 -32.89 9.07
N PRO F 154 59.39 -33.42 8.06
CA PRO F 154 60.19 -32.58 7.16
C PRO F 154 59.40 -31.57 6.31
N LYS F 155 58.17 -31.91 5.92
CA LYS F 155 57.27 -31.00 5.14
C LYS F 155 56.93 -29.77 5.99
N THR F 156 56.62 -29.98 7.28
CA THR F 156 56.32 -28.90 8.26
C THR F 156 57.57 -28.02 8.43
N ILE F 157 58.74 -28.63 8.59
CA ILE F 157 60.04 -27.93 8.81
C ILE F 157 60.35 -27.06 7.58
N GLU F 158 60.15 -27.58 6.37
CA GLU F 158 60.44 -26.87 5.10
C GLU F 158 59.54 -25.64 4.96
N LYS F 159 58.22 -25.81 5.21
CA LYS F 159 57.25 -24.69 5.11
C LYS F 159 57.63 -23.57 6.08
N LEU F 160 58.00 -23.93 7.31
CA LEU F 160 58.42 -22.96 8.37
C LEU F 160 59.70 -22.24 7.92
N ARG F 161 60.65 -22.96 7.32
CA ARG F 161 61.91 -22.38 6.78
C ARG F 161 61.56 -21.37 5.68
N SER F 162 60.64 -21.74 4.77
CA SER F 162 60.12 -20.88 3.68
C SER F 162 59.52 -19.59 4.27
N ASN F 163 58.75 -19.71 5.35
CA ASN F 163 58.08 -18.57 6.04
C ASN F 163 59.14 -17.62 6.62
N ILE F 164 60.26 -18.15 7.12
CA ILE F 164 61.38 -17.32 7.65
C ILE F 164 61.92 -16.43 6.52
N THR F 165 62.09 -16.98 5.33
CA THR F 165 62.65 -16.26 4.14
C THR F 165 61.72 -15.11 3.75
N VAL F 166 60.40 -15.29 3.89
CA VAL F 166 59.37 -14.26 3.60
C VAL F 166 59.55 -13.09 4.58
N GLN F 167 59.83 -13.38 5.85
CA GLN F 167 60.05 -12.35 6.91
C GLN F 167 61.37 -11.60 6.63
N TYR F 168 62.42 -12.33 6.24
CA TYR F 168 63.72 -11.75 5.83
C TYR F 168 63.49 -10.78 4.65
N ASP F 169 62.66 -11.17 3.68
CA ASP F 169 62.27 -10.35 2.50
C ASP F 169 61.65 -9.02 2.96
N ILE F 170 60.77 -9.06 3.96
CA ILE F 170 60.07 -7.84 4.50
C ILE F 170 61.10 -6.92 5.17
N LEU F 171 61.97 -7.48 6.02
CA LEU F 171 63.02 -6.71 6.75
C LEU F 171 63.99 -6.10 5.73
N GLU F 172 64.35 -6.85 4.68
CA GLU F 172 65.27 -6.42 3.60
C GLU F 172 64.67 -5.22 2.86
N ARG F 173 63.39 -5.30 2.48
CA ARG F 173 62.65 -4.21 1.78
C ARG F 173 62.74 -2.92 2.61
N ARG F 174 62.46 -3.01 3.92
CA ARG F 174 62.46 -1.85 4.86
C ARG F 174 63.85 -1.20 4.88
N LEU F 175 64.90 -1.99 5.06
CA LEU F 175 66.30 -1.50 5.21
C LEU F 175 66.86 -1.03 3.86
N ASN F 176 66.13 -1.24 2.76
CA ASN F 176 66.49 -0.77 1.40
C ASN F 176 65.85 0.61 1.14
N GLU F 177 64.94 1.06 2.02
CA GLU F 177 64.33 2.42 1.96
C GLU F 177 65.41 3.46 2.25
N PRO F 178 65.41 4.62 1.54
CA PRO F 178 66.45 5.63 1.72
C PRO F 178 66.62 6.10 3.17
N GLY F 179 67.84 6.00 3.70
CA GLY F 179 68.24 6.50 5.03
C GLY F 179 67.68 5.68 6.17
N GLN F 180 67.07 4.53 5.89
CA GLN F 180 66.44 3.64 6.91
C GLN F 180 67.53 2.72 7.48
N GLN F 181 68.34 3.24 8.41
CA GLN F 181 69.51 2.55 9.02
C GLN F 181 69.03 1.41 9.92
N TYR F 182 67.92 1.61 10.64
CA TYR F 182 67.32 0.64 11.60
C TYR F 182 65.88 0.37 11.19
N LEU F 183 65.26 -0.67 11.77
CA LEU F 183 63.94 -1.20 11.35
C LEU F 183 62.85 -0.15 11.55
N ALA F 184 62.72 0.39 12.77
CA ALA F 184 61.65 1.34 13.18
C ALA F 184 62.03 2.75 12.77
N LEU F 185 63.12 3.30 13.36
CA LEU F 185 63.56 4.70 13.17
C LEU F 185 64.78 4.75 12.24
N LYS F 186 64.99 5.88 11.58
CA LYS F 186 66.12 6.11 10.63
C LYS F 186 67.42 6.40 11.39
N ASP F 187 67.32 7.02 12.57
CA ASP F 187 68.46 7.65 13.29
C ASP F 187 69.14 6.63 14.22
N ARG F 188 68.37 5.88 15.02
CA ARG F 188 68.90 5.07 16.15
C ARG F 188 68.16 3.74 16.27
N PRO F 189 68.76 2.72 16.92
CA PRO F 189 68.09 1.45 17.17
C PRO F 189 67.08 1.55 18.33
N THR F 190 66.04 0.73 18.30
CA THR F 190 64.93 0.70 19.29
C THR F 190 64.70 -0.74 19.76
N ILE F 191 63.76 -0.95 20.67
CA ILE F 191 63.38 -2.29 21.21
C ILE F 191 62.94 -3.20 20.05
N ALA F 192 62.47 -2.61 18.94
CA ALA F 192 62.11 -3.32 17.70
C ALA F 192 63.33 -4.02 17.11
N ASP F 193 64.45 -3.30 17.02
CA ASP F 193 65.75 -3.81 16.48
C ASP F 193 66.30 -4.89 17.41
N ILE F 194 66.22 -4.66 18.73
CA ILE F 194 66.73 -5.58 19.79
C ILE F 194 65.97 -6.91 19.71
N ALA F 195 64.65 -6.87 19.53
CA ALA F 195 63.75 -8.05 19.47
C ALA F 195 64.07 -8.89 18.22
N THR F 196 64.41 -8.24 17.11
CA THR F 196 64.58 -8.88 15.78
C THR F 196 65.98 -9.51 15.65
N LEU F 197 67.00 -8.86 16.21
CA LEU F 197 68.44 -9.17 15.96
C LEU F 197 68.71 -10.67 16.11
N PRO F 198 68.36 -11.33 17.23
CA PRO F 198 68.76 -12.72 17.46
C PRO F 198 68.29 -13.72 16.40
N PHE F 199 67.20 -13.41 15.70
CA PHE F 199 66.59 -14.30 14.66
C PHE F 199 66.93 -13.79 13.26
N ALA F 200 67.68 -12.69 13.16
CA ALA F 200 68.13 -12.08 11.89
C ALA F 200 69.63 -11.76 11.98
N MET F 201 70.44 -12.77 12.29
CA MET F 201 71.93 -12.75 12.25
C MET F 201 72.40 -13.86 11.29
N LYS F 202 73.70 -13.85 10.95
CA LYS F 202 74.34 -14.86 10.08
C LYS F 202 74.29 -16.23 10.76
N SER F 203 74.65 -16.28 12.06
CA SER F 203 74.73 -17.54 12.85
C SER F 203 73.37 -18.25 12.87
N THR F 204 72.29 -17.51 13.12
CA THR F 204 70.90 -18.04 13.17
C THR F 204 70.45 -18.44 11.76
N ALA F 205 70.75 -17.60 10.76
CA ALA F 205 70.43 -17.85 9.33
C ALA F 205 71.06 -19.16 8.88
N GLU F 206 72.30 -19.43 9.31
CA GLU F 206 73.05 -20.69 9.02
C GLU F 206 72.33 -21.87 9.70
N LEU F 207 71.90 -21.69 10.96
CA LEU F 207 71.16 -22.73 11.73
C LEU F 207 69.89 -23.11 10.96
N PHE F 208 69.18 -22.13 10.40
CA PHE F 208 67.95 -22.32 9.58
C PHE F 208 68.31 -22.96 8.23
N GLY F 209 69.59 -22.95 7.85
CA GLY F 209 70.09 -23.50 6.58
C GLY F 209 69.91 -22.53 5.44
N LEU F 210 70.03 -21.22 5.73
CA LEU F 210 69.84 -20.11 4.75
C LEU F 210 71.17 -19.39 4.52
N GLU F 211 71.39 -18.89 3.31
CA GLU F 211 72.54 -18.05 2.93
C GLU F 211 72.18 -16.58 3.19
N PHE F 212 72.64 -16.02 4.31
CA PHE F 212 72.24 -14.70 4.85
C PHE F 212 72.69 -13.57 3.91
N GLU F 213 73.64 -13.86 3.00
CA GLU F 213 74.18 -12.89 2.00
C GLU F 213 73.08 -12.52 0.99
N LYS F 214 72.07 -13.37 0.81
CA LYS F 214 70.90 -13.13 -0.08
C LYS F 214 70.13 -11.88 0.36
N TRP F 215 70.23 -11.50 1.64
CA TRP F 215 69.59 -10.29 2.23
C TRP F 215 70.68 -9.32 2.67
N PRO F 216 71.38 -8.64 1.73
CA PRO F 216 72.57 -7.86 2.03
C PRO F 216 72.36 -6.70 3.02
N LYS F 217 71.27 -5.94 2.89
CA LYS F 217 70.95 -4.78 3.76
C LYS F 217 70.58 -5.27 5.16
N LEU F 218 69.91 -6.43 5.27
CA LEU F 218 69.57 -7.08 6.56
C LEU F 218 70.87 -7.55 7.24
N GLN F 219 71.83 -8.08 6.47
CA GLN F 219 73.14 -8.54 6.99
C GLN F 219 73.95 -7.34 7.50
N GLU F 220 73.98 -6.24 6.74
CA GLU F 220 74.68 -4.98 7.14
C GLU F 220 74.10 -4.49 8.46
N TRP F 221 72.77 -4.46 8.58
CA TRP F 221 72.03 -4.03 9.79
C TRP F 221 72.45 -4.90 10.98
N SER F 222 72.52 -6.23 10.78
CA SER F 222 72.86 -7.21 11.84
C SER F 222 74.29 -6.97 12.35
N VAL F 223 75.21 -6.60 11.45
CA VAL F 223 76.64 -6.29 11.79
C VAL F 223 76.68 -4.96 12.56
N ARG F 224 75.94 -3.95 12.11
CA ARG F 224 75.86 -2.61 12.77
C ARG F 224 75.38 -2.79 14.21
N MET F 225 74.30 -3.55 14.42
CA MET F 225 73.73 -3.88 15.75
C MET F 225 74.78 -4.63 16.58
N GLY F 226 75.46 -5.61 15.96
CA GLY F 226 76.48 -6.46 16.61
C GLY F 226 77.70 -5.67 17.10
N GLU F 227 77.99 -4.52 16.45
CA GLU F 227 79.16 -3.66 16.77
C GLU F 227 78.88 -2.79 18.01
N ARG F 228 77.61 -2.66 18.42
CA ARG F 228 77.22 -1.91 19.65
C ARG F 228 77.80 -2.63 20.86
N GLU F 229 78.37 -1.88 21.81
CA GLU F 229 79.09 -2.41 23.01
C GLU F 229 78.12 -3.20 23.89
N ALA F 230 76.92 -2.66 24.13
CA ALA F 230 75.87 -3.27 24.99
C ALA F 230 75.47 -4.64 24.43
N VAL F 231 75.39 -4.77 23.10
CA VAL F 231 75.02 -6.03 22.39
C VAL F 231 76.15 -7.05 22.59
N LYS F 232 77.41 -6.63 22.42
CA LYS F 232 78.61 -7.48 22.64
C LYS F 232 78.62 -7.99 24.09
N ARG F 233 78.39 -7.10 25.06
CA ARG F 233 78.35 -7.44 26.51
C ARG F 233 77.23 -8.47 26.76
N ALA F 234 76.06 -8.28 26.15
CA ALA F 234 74.88 -9.14 26.31
C ALA F 234 75.20 -10.58 25.88
N TRP F 235 75.69 -10.76 24.64
CA TRP F 235 76.04 -12.07 24.04
C TRP F 235 77.13 -12.75 24.88
N GLN F 236 78.13 -11.99 25.32
CA GLN F 236 79.25 -12.46 26.17
C GLN F 236 78.71 -13.05 27.46
N ARG F 237 77.81 -12.33 28.15
CA ARG F 237 77.29 -12.71 29.49
C ARG F 237 76.31 -13.87 29.38
N VAL F 238 75.36 -13.82 28.43
CA VAL F 238 74.24 -14.80 28.31
C VAL F 238 74.80 -16.21 28.11
N ALA F 239 75.93 -16.34 27.38
CA ALA F 239 76.61 -17.63 27.10
C ALA F 239 77.18 -18.24 28.38
N GLY F 240 77.57 -17.40 29.35
CA GLY F 240 78.32 -17.81 30.55
C GLY F 240 77.42 -18.20 31.72
N PHE F 241 76.16 -17.73 31.74
CA PHE F 241 75.21 -17.95 32.86
C PHE F 241 75.06 -19.45 33.13
N GLY F 242 75.31 -19.86 34.38
CA GLY F 242 75.21 -21.25 34.85
C GLY F 242 76.53 -22.00 34.77
N HIS F 243 77.54 -21.40 34.13
CA HIS F 243 78.90 -22.00 33.92
C HIS F 243 79.94 -21.27 34.76
N GLY F 244 79.52 -20.32 35.59
CA GLY F 244 80.38 -19.57 36.53
C GLY F 244 80.48 -20.29 37.87
N GLU F 245 80.61 -19.52 38.95
CA GLU F 245 80.77 -20.02 40.35
C GLU F 245 79.54 -20.84 40.75
N LYS F 246 78.35 -20.41 40.31
CA LYS F 246 77.04 -20.99 40.69
C LYS F 246 76.37 -21.59 39.45
N GLU F 247 75.95 -22.85 39.53
CA GLU F 247 75.30 -23.61 38.42
C GLU F 247 73.86 -23.13 38.26
N TYR F 248 73.12 -23.01 39.37
CA TYR F 248 71.69 -22.59 39.40
C TYR F 248 71.49 -21.60 40.56
N GLY F 249 70.42 -20.79 40.47
CA GLY F 249 70.02 -19.83 41.52
C GLY F 249 70.50 -18.42 41.23
N MET F 250 70.50 -17.56 42.25
CA MET F 250 70.89 -16.13 42.18
C MET F 250 72.41 -16.02 42.02
N LEU F 251 72.88 -15.47 40.89
CA LEU F 251 74.33 -15.29 40.57
C LEU F 251 74.87 -14.11 41.39
N GLU F 252 76.20 -14.08 41.57
CA GLU F 252 76.92 -13.00 42.32
C GLU F 252 77.90 -12.30 41.36
N1 GSH G . -45.06 10.28 -23.42
CA1 GSH G . -43.89 9.39 -23.14
C1 GSH G . -44.01 8.82 -21.72
O11 GSH G . -44.53 9.55 -20.85
O12 GSH G . -43.58 7.67 -21.54
CB1 GSH G . -42.58 10.15 -23.31
CG1 GSH G . -41.34 9.30 -23.06
CD1 GSH G . -40.08 9.94 -23.60
OE1 GSH G . -40.00 11.15 -23.77
N2 GSH G . -39.06 9.11 -23.87
CA2 GSH G . -37.76 9.55 -24.34
C2 GSH G . -37.09 8.56 -25.30
O2 GSH G . -37.55 7.42 -25.39
CB2 GSH G . -36.84 9.85 -23.16
SG2 GSH G . -35.07 9.74 -23.52
N3 GSH G . -36.04 8.99 -25.99
CA3 GSH G . -35.20 8.06 -26.72
C3 GSH G . -33.84 8.65 -27.09
O31 GSH G . -33.82 9.60 -27.89
O32 GSH G . -32.82 8.13 -26.56
C1 EDO H . -46.58 -1.84 -33.18
O1 EDO H . -46.09 -2.28 -31.94
C2 EDO H . -47.97 -2.29 -33.45
O2 EDO H . -48.78 -2.41 -32.31
C1 EDO I . -47.53 -12.18 -12.29
O1 EDO I . -46.75 -12.78 -13.31
C2 EDO I . -48.16 -10.90 -12.71
O2 EDO I . -49.23 -11.08 -13.61
N1 GSH J . -57.36 18.05 -21.62
CA1 GSH J . -58.82 18.34 -21.61
C1 GSH J . -59.60 17.06 -21.89
O11 GSH J . -60.68 16.91 -21.29
O12 GSH J . -59.11 16.24 -22.69
CB1 GSH J . -59.17 19.41 -22.66
CG1 GSH J . -60.62 19.83 -22.65
CD1 GSH J . -60.87 21.10 -23.44
OE1 GSH J . -60.01 21.57 -24.18
N2 GSH J . -62.07 21.67 -23.27
CA2 GSH J . -62.45 22.94 -23.87
C2 GSH J . -62.80 24.02 -22.85
O2 GSH J . -63.26 23.70 -21.75
CB2 GSH J . -63.63 22.77 -24.81
SG2 GSH J . -64.36 24.30 -25.42
N3 GSH J . -62.56 25.28 -23.20
CA3 GSH J . -63.31 26.39 -22.66
C3 GSH J . -62.46 27.65 -22.46
O31 GSH J . -62.87 28.70 -22.98
O32 GSH J . -61.41 27.52 -21.78
C1 EDO K . -59.55 22.07 -7.39
O1 EDO K . -60.87 22.00 -6.93
C2 EDO K . -58.54 21.65 -6.40
O2 EDO K . -58.79 20.37 -5.85
N1 GSH L . -3.77 4.28 -6.17
CA1 GSH L . -5.09 4.96 -6.29
C1 GSH L . -6.15 4.17 -5.52
O11 GSH L . -7.09 4.82 -5.01
O12 GSH L . -6.02 2.93 -5.47
CB1 GSH L . -5.50 5.11 -7.75
CG1 GSH L . -6.90 5.69 -7.94
CD1 GSH L . -7.21 6.11 -9.35
OE1 GSH L . -6.50 5.77 -10.31
N2 GSH L . -8.31 6.85 -9.51
CA2 GSH L . -8.74 7.39 -10.79
C2 GSH L . -8.49 8.89 -10.92
O2 GSH L . -8.80 9.65 -10.00
CB2 GSH L . -10.21 7.11 -11.03
SG2 GSH L . -10.84 7.73 -12.61
N3 GSH L . -7.92 9.30 -12.06
CA3 GSH L . -7.25 10.57 -12.17
C3 GSH L . -5.78 10.42 -12.55
O31 GSH L . -5.14 11.47 -12.79
O32 GSH L . -5.31 9.27 -12.58
C1 EDO M . -18.32 7.92 13.55
O1 EDO M . -18.82 8.93 14.40
C2 EDO M . -16.94 8.21 13.07
O2 EDO M . -15.94 8.10 14.07
N1 GSH N . 6.80 -5.44 -2.51
CA1 GSH N . 7.77 -6.23 -1.70
C1 GSH N . 7.97 -5.56 -0.33
O11 GSH N . 7.82 -4.32 -0.29
O12 GSH N . 8.26 -6.30 0.63
CB1 GSH N . 9.11 -6.35 -2.43
CG1 GSH N . 10.13 -7.20 -1.69
CD1 GSH N . 11.38 -7.47 -2.52
OE1 GSH N . 11.55 -6.93 -3.62
N2 GSH N . 12.26 -8.32 -1.99
CA2 GSH N . 13.43 -8.81 -2.69
C2 GSH N . 13.38 -10.33 -2.95
O2 GSH N . 13.15 -11.09 -2.00
CB2 GSH N . 14.70 -8.45 -1.95
SG2 GSH N . 16.23 -9.14 -2.64
N3 GSH N . 13.56 -10.74 -4.20
CA3 GSH N . 13.14 -12.05 -4.65
C3 GSH N . 13.89 -12.54 -5.88
O31 GSH N . 13.20 -12.86 -6.87
O32 GSH N . 15.13 -12.60 -5.80
C1 EDO O . -1.38 18.40 0.79
O1 EDO O . -2.68 17.85 0.60
C2 EDO O . -0.50 17.52 1.60
O2 EDO O . -0.93 17.39 2.94
C1 EDO P . 0.75 -19.56 0.00
O1 EDO P . 1.29 -19.78 1.29
C2 EDO P . -0.69 -19.20 -0.01
O2 EDO P . -1.27 -19.13 1.28
C1 EDO Q . 2.97 -11.68 20.07
O1 EDO Q . 1.68 -11.20 20.40
C2 EDO Q . 3.92 -11.62 21.21
O2 EDO Q . 3.59 -12.49 22.28
N1 GSH R . 49.15 -11.09 12.42
CA1 GSH R . 48.10 -10.32 11.69
C1 GSH R . 47.26 -9.51 12.69
O11 GSH R . 46.95 -8.36 12.35
O12 GSH R . 46.95 -10.07 13.76
CB1 GSH R . 47.20 -11.26 10.89
CG1 GSH R . 46.11 -10.53 10.11
CD1 GSH R . 45.42 -11.40 9.07
OE1 GSH R . 45.62 -12.61 9.00
N2 GSH R . 44.58 -10.75 8.26
CA2 GSH R . 43.91 -11.37 7.14
C2 GSH R . 44.46 -10.92 5.78
O2 GSH R . 44.53 -9.72 5.53
CB2 GSH R . 42.41 -11.12 7.19
SG2 GSH R . 41.51 -11.41 5.65
N3 GSH R . 44.85 -11.88 4.93
CA3 GSH R . 45.64 -11.57 3.75
C3 GSH R . 45.64 -12.71 2.74
O31 GSH R . 44.79 -13.61 2.88
O32 GSH R . 46.49 -12.64 1.81
N1 GSH S . 57.65 -16.49 23.16
CA1 GSH S . 58.74 -16.57 24.17
C1 GSH S . 59.58 -15.30 24.16
O11 GSH S . 59.70 -14.71 23.07
O12 GSH S . 60.06 -14.93 25.25
CB1 GSH S . 59.62 -17.80 23.90
CG1 GSH S . 60.84 -17.89 24.80
CD1 GSH S . 61.56 -19.21 24.73
OE1 GSH S . 61.42 -19.96 23.76
N2 GSH S . 62.35 -19.51 25.75
CA2 GSH S . 63.06 -20.77 25.88
C2 GSH S . 62.50 -21.67 27.00
O2 GSH S . 62.48 -21.26 28.15
CB2 GSH S . 64.54 -20.56 26.11
SG2 GSH S . 65.49 -22.08 26.36
N3 GSH S . 62.06 -22.88 26.64
CA3 GSH S . 61.51 -23.82 27.60
C3 GSH S . 62.57 -24.74 28.20
O31 GSH S . 62.33 -25.96 28.19
O32 GSH S . 63.60 -24.20 28.66
C1 EDO T . 80.29 -15.73 34.76
O1 EDO T . 80.95 -16.28 35.88
C2 EDO T . 79.10 -16.52 34.35
O2 EDO T . 77.89 -16.09 34.94
#